data_7A2G
#
_entry.id   7A2G
#
_cell.length_a   1.00
_cell.length_b   1.00
_cell.length_c   1.00
_cell.angle_alpha   90.00
_cell.angle_beta   90.00
_cell.angle_gamma   90.00
#
_symmetry.space_group_name_H-M   'P 1'
#
loop_
_entity.id
_entity.type
_entity.pdbx_description
1 polymer 'Tyrosine 3-monooxygenase'
2 non-polymer 'FE (III) ION'
3 water water
#
_entity_poly.entity_id   1
_entity_poly.type   'polypeptide(L)'
_entity_poly.pdbx_seq_one_letter_code
;GKAMLNLLFSPRATKPSALSRAVKVFETFEAKIHHLETRPAQRPRAGGPHLEYFVRLEVRRGDLAALLSGVRQVSEDVRS
PAGPKVPWFPRKVSELDKCHHLVTKFDPDLDLDHPGFSDQVYRQRRKLIAEIAFQYRHGDPIPRVEYTAEEIATWKEVYT
TLKGLYATHACGEHLEAFALLERFSGYREDNIPQLEDVSRFLKERTGFQLRPVAGLLSARDFLASLAFRVFQCTQYIRHA
SSPMHSPEPDCCHELLGHVPMLADRTFAQFSQDIGLASLGASDEEIEKLSTLYWFTVEFGLCKQNGEVKAYGAGLLSSYG
ELLHCLSEEPEIRAFDPEAAAVQPYQDQTYQSVYFVSESFSDAKDKLRSYASRIQRPFSVKFDPYTLAIDVLDSPQAVRR
SLEGVQDELDTLAHALSAIG
;
_entity_poly.pdbx_strand_id   A,B,C,D
#
# COMPACT_ATOMS: atom_id res chain seq x y z
N GLY A 1 39.59 3.74 -18.20
CA GLY A 1 40.66 4.42 -18.90
C GLY A 1 41.79 4.85 -17.98
N LYS A 2 41.55 5.90 -17.20
CA LYS A 2 42.54 6.39 -16.26
C LYS A 2 42.51 5.58 -14.97
N ALA A 3 43.24 6.01 -13.96
CA ALA A 3 43.31 5.28 -12.70
C ALA A 3 42.62 6.12 -11.62
N MET A 4 41.49 5.62 -11.14
CA MET A 4 40.69 6.30 -10.13
C MET A 4 41.07 5.85 -8.73
N LEU A 5 40.86 6.74 -7.77
CA LEU A 5 41.16 6.43 -6.38
C LEU A 5 39.88 6.48 -5.56
N ASN A 6 39.98 6.37 -4.24
CA ASN A 6 38.83 6.53 -3.38
C ASN A 6 39.19 7.50 -2.26
N LEU A 7 38.18 8.06 -1.62
CA LEU A 7 38.41 9.10 -0.63
C LEU A 7 39.00 8.50 0.65
N LEU A 8 40.32 8.63 0.79
CA LEU A 8 40.99 8.36 2.07
C LEU A 8 42.04 9.46 2.21
N PHE A 9 41.65 10.57 2.83
CA PHE A 9 42.54 11.72 3.02
C PHE A 9 42.22 12.36 4.36
N SER A 10 43.14 12.21 5.31
CA SER A 10 43.06 12.87 6.62
C SER A 10 44.42 13.47 6.93
N PRO A 11 44.62 14.74 6.59
CA PRO A 11 45.90 15.39 6.89
C PRO A 11 46.09 15.58 8.39
N ARG A 12 47.17 16.25 8.78
CA ARG A 12 47.41 16.50 10.20
C ARG A 12 47.20 17.96 10.59
N ALA A 13 47.78 18.88 9.84
CA ALA A 13 47.57 20.31 10.09
C ALA A 13 46.16 20.70 9.62
N THR A 14 45.69 21.85 10.10
CA THR A 14 44.33 22.31 9.84
C THR A 14 44.24 23.21 8.62
N LYS A 15 45.37 23.70 8.11
CA LYS A 15 45.42 24.57 6.93
C LYS A 15 44.77 23.95 5.69
N PRO A 16 44.90 22.64 5.44
CA PRO A 16 44.22 22.07 4.26
C PRO A 16 42.70 22.09 4.38
N SER A 17 42.10 23.23 4.09
CA SER A 17 40.66 23.36 4.01
C SER A 17 40.20 23.58 2.57
N ALA A 18 40.68 24.64 1.92
CA ALA A 18 40.63 24.73 0.47
C ALA A 18 41.84 24.09 -0.17
N LEU A 19 42.69 23.48 0.66
CA LEU A 19 43.98 22.86 0.33
C LEU A 19 45.02 23.93 0.02
N SER A 20 44.55 25.15 -0.25
CA SER A 20 45.31 26.39 -0.26
C SER A 20 46.46 26.38 -1.26
N ARG A 21 46.88 25.20 -1.73
CA ARG A 21 47.82 25.10 -2.83
C ARG A 21 47.59 23.90 -3.73
N ALA A 22 46.97 22.84 -3.19
CA ALA A 22 47.04 21.52 -3.81
C ALA A 22 46.00 21.33 -4.92
N VAL A 23 45.00 22.21 -5.00
CA VAL A 23 44.10 22.17 -6.15
C VAL A 23 44.90 22.34 -7.44
N LYS A 24 45.99 23.11 -7.38
CA LYS A 24 46.80 23.33 -8.56
C LYS A 24 47.57 22.07 -8.95
N VAL A 25 48.13 21.36 -7.96
CA VAL A 25 48.82 20.12 -8.30
C VAL A 25 47.82 19.07 -8.74
N PHE A 26 46.56 19.19 -8.31
CA PHE A 26 45.52 18.32 -8.85
C PHE A 26 45.28 18.61 -10.33
N GLU A 27 45.08 19.88 -10.66
CA GLU A 27 44.67 20.22 -12.03
C GLU A 27 45.81 20.11 -13.03
N THR A 28 47.05 20.40 -12.62
CA THR A 28 48.18 20.27 -13.55
C THR A 28 48.35 18.83 -14.01
N PHE A 29 47.76 17.88 -13.28
CA PHE A 29 47.71 16.48 -13.67
C PHE A 29 46.28 16.07 -13.97
N GLU A 30 45.56 16.91 -14.71
CA GLU A 30 44.23 16.61 -15.20
C GLU A 30 43.26 16.30 -14.06
N ALA A 31 43.00 17.29 -13.20
CA ALA A 31 41.90 17.17 -12.27
C ALA A 31 40.59 17.54 -12.97
N LYS A 32 39.55 17.76 -12.18
CA LYS A 32 38.19 17.95 -12.66
C LYS A 32 37.55 19.09 -11.87
N ILE A 33 36.55 19.77 -12.46
CA ILE A 33 35.95 20.96 -11.85
C ILE A 33 34.44 20.83 -11.80
N HIS A 34 33.93 20.27 -10.70
CA HIS A 34 32.49 20.13 -10.51
C HIS A 34 31.98 21.29 -9.66
N HIS A 35 30.73 21.21 -9.21
CA HIS A 35 30.21 22.20 -8.27
C HIS A 35 30.85 22.01 -6.90
N LEU A 36 31.52 23.06 -6.46
CA LEU A 36 32.23 23.02 -5.19
C LEU A 36 31.52 23.90 -4.15
N GLU A 37 31.41 23.40 -2.93
CA GLU A 37 30.90 24.16 -1.79
C GLU A 37 31.43 23.58 -0.48
N THR A 38 32.52 24.17 0.04
CA THR A 38 33.01 23.91 1.39
C THR A 38 34.07 24.97 1.71
N ARG A 39 33.91 25.63 2.85
CA ARG A 39 34.81 26.67 3.31
C ARG A 39 35.20 26.37 4.74
N PRO A 40 36.07 27.17 5.36
CA PRO A 40 36.28 27.07 6.80
C PRO A 40 34.95 27.00 7.55
N ALA A 41 34.87 26.05 8.49
CA ALA A 41 33.61 25.68 9.12
C ALA A 41 33.84 25.24 10.57
N GLN A 42 32.88 24.51 11.12
CA GLN A 42 32.90 24.04 12.52
C GLN A 42 32.74 25.22 13.48
N ARG A 43 31.78 26.07 13.16
CA ARG A 43 31.45 27.21 14.01
C ARG A 43 30.62 26.77 15.22
N PRO A 44 29.47 26.06 15.04
CA PRO A 44 28.73 25.61 16.23
C PRO A 44 29.40 24.41 16.87
N ARG A 45 30.00 23.56 16.04
CA ARG A 45 30.79 22.42 16.48
C ARG A 45 32.27 22.78 16.53
N ALA A 46 32.62 23.68 17.45
CA ALA A 46 33.95 24.25 17.50
C ALA A 46 34.97 23.21 17.96
N GLY A 47 36.22 23.65 18.06
CA GLY A 47 37.31 22.75 18.39
C GLY A 47 37.64 21.76 17.30
N GLY A 48 37.60 22.18 16.04
CA GLY A 48 37.69 21.27 14.92
C GLY A 48 39.04 21.20 14.26
N PRO A 49 39.43 20.01 13.85
CA PRO A 49 40.66 19.83 13.06
C PRO A 49 40.46 20.21 11.61
N HIS A 50 41.42 19.87 10.77
CA HIS A 50 41.34 20.12 9.33
C HIS A 50 40.05 19.54 8.76
N LEU A 51 39.69 19.98 7.56
CA LEU A 51 38.44 19.61 6.92
C LEU A 51 38.69 18.49 5.91
N GLU A 52 37.72 17.59 5.81
CA GLU A 52 37.82 16.40 4.99
C GLU A 52 37.25 16.72 3.60
N TYR A 53 38.11 17.12 2.69
CA TYR A 53 37.74 17.39 1.31
C TYR A 53 37.93 16.14 0.47
N PHE A 54 37.07 15.99 -0.54
CA PHE A 54 37.12 14.85 -1.44
C PHE A 54 37.46 15.38 -2.83
N VAL A 55 38.76 15.60 -3.05
CA VAL A 55 39.26 16.02 -4.36
C VAL A 55 39.68 14.77 -5.10
N ARG A 56 38.75 14.14 -5.82
CA ARG A 56 39.09 12.91 -6.51
C ARG A 56 40.04 13.20 -7.67
N LEU A 57 40.64 12.13 -8.19
CA LEU A 57 41.73 12.25 -9.15
C LEU A 57 41.82 10.94 -9.92
N GLU A 58 41.53 10.98 -11.23
CA GLU A 58 41.58 9.79 -12.08
C GLU A 58 42.45 10.11 -13.30
N VAL A 59 43.75 9.92 -13.14
CA VAL A 59 44.70 9.98 -14.23
C VAL A 59 45.61 8.77 -14.01
N ARG A 60 46.61 8.57 -14.87
CA ARG A 60 47.53 7.46 -14.72
C ARG A 60 48.21 7.49 -13.34
N ARG A 61 48.72 6.34 -12.94
CA ARG A 61 49.27 6.20 -11.59
C ARG A 61 50.37 7.22 -11.33
N GLY A 62 51.18 7.52 -12.34
CA GLY A 62 52.25 8.48 -12.16
C GLY A 62 51.73 9.86 -11.77
N ASP A 63 50.74 10.37 -12.51
CA ASP A 63 50.22 11.70 -12.22
C ASP A 63 49.54 11.75 -10.86
N LEU A 64 48.66 10.79 -10.57
CA LEU A 64 47.96 10.82 -9.29
C LEU A 64 48.94 10.70 -8.14
N ALA A 65 49.95 9.83 -8.27
CA ALA A 65 50.92 9.66 -7.20
C ALA A 65 51.76 10.91 -7.02
N ALA A 66 52.21 11.51 -8.13
CA ALA A 66 53.05 12.70 -8.02
C ALA A 66 52.29 13.87 -7.43
N LEU A 67 51.01 14.02 -7.80
CA LEU A 67 50.24 15.14 -7.25
C LEU A 67 49.91 14.88 -5.78
N LEU A 68 49.62 13.64 -5.41
CA LEU A 68 49.42 13.31 -4.01
C LEU A 68 50.68 13.57 -3.21
N SER A 69 51.84 13.32 -3.81
CA SER A 69 53.11 13.66 -3.16
C SER A 69 53.24 15.16 -2.99
N GLY A 70 52.87 15.92 -4.02
CA GLY A 70 52.85 17.37 -3.87
C GLY A 70 51.95 17.84 -2.77
N VAL A 71 50.80 17.19 -2.59
CA VAL A 71 49.89 17.53 -1.50
C VAL A 71 50.53 17.21 -0.16
N ARG A 72 51.03 15.98 0.00
CA ARG A 72 51.70 15.58 1.23
C ARG A 72 52.91 16.45 1.54
N GLN A 73 53.48 17.11 0.52
CA GLN A 73 54.53 18.08 0.78
C GLN A 73 53.99 19.29 1.56
N VAL A 74 52.77 19.73 1.26
CA VAL A 74 52.16 20.83 1.97
C VAL A 74 51.09 20.35 2.96
N SER A 75 50.19 19.48 2.55
CA SER A 75 49.27 18.82 3.47
C SER A 75 50.03 17.67 4.14
N GLU A 76 49.29 16.81 4.83
CA GLU A 76 49.89 15.71 5.56
C GLU A 76 49.18 14.40 5.26
N ASP A 77 48.81 14.18 4.00
CA ASP A 77 48.06 13.00 3.61
C ASP A 77 48.13 12.81 2.11
N VAL A 78 47.76 11.61 1.67
CA VAL A 78 47.63 11.29 0.25
C VAL A 78 46.33 10.51 0.06
N ARG A 79 45.65 10.76 -1.05
CA ARG A 79 44.36 10.14 -1.28
C ARG A 79 44.54 8.66 -1.54
N SER A 80 44.40 7.85 -0.49
CA SER A 80 44.64 6.42 -0.63
C SER A 80 43.55 5.78 -1.49
N PRO A 81 43.93 4.99 -2.48
CA PRO A 81 42.94 4.43 -3.41
C PRO A 81 42.30 3.16 -2.91
N ALA A 82 41.58 2.49 -3.82
CA ALA A 82 41.04 1.15 -3.60
C ALA A 82 40.10 1.08 -2.40
N GLY A 83 38.99 1.81 -2.48
CA GLY A 83 37.96 1.73 -1.46
C GLY A 83 37.16 0.45 -1.59
N PRO A 84 37.27 -0.43 -0.58
CA PRO A 84 36.51 -1.69 -0.66
C PRO A 84 35.01 -1.48 -0.59
N LYS A 85 34.54 -0.65 0.34
CA LYS A 85 33.16 -0.16 0.34
C LYS A 85 32.16 -1.31 0.40
N VAL A 86 32.10 -1.93 1.57
CA VAL A 86 31.25 -3.09 1.88
C VAL A 86 31.63 -4.19 0.89
N PRO A 87 32.76 -4.85 1.14
CA PRO A 87 33.59 -5.39 0.04
C PRO A 87 32.81 -6.03 -1.10
N TRP A 88 31.81 -6.84 -0.80
CA TRP A 88 31.17 -7.60 -1.86
C TRP A 88 29.93 -8.29 -1.31
N PHE A 89 28.98 -8.53 -2.20
CA PHE A 89 27.96 -9.54 -1.97
C PHE A 89 27.37 -9.98 -3.30
N PRO A 90 26.85 -11.19 -3.39
CA PRO A 90 26.19 -11.62 -4.62
C PRO A 90 24.87 -10.91 -4.81
N ARG A 91 24.19 -11.27 -5.90
CA ARG A 91 22.88 -10.71 -6.22
C ARG A 91 21.84 -11.75 -6.58
N LYS A 92 22.24 -12.88 -7.13
CA LYS A 92 21.31 -13.86 -7.66
C LYS A 92 21.56 -15.23 -7.04
N VAL A 93 20.51 -16.05 -7.10
CA VAL A 93 20.58 -17.40 -6.56
C VAL A 93 21.75 -18.19 -7.10
N SER A 94 22.16 -17.95 -8.34
CA SER A 94 23.25 -18.72 -8.91
C SER A 94 24.59 -18.31 -8.31
N GLU A 95 24.92 -17.03 -8.42
CA GLU A 95 26.20 -16.50 -7.98
C GLU A 95 26.51 -16.83 -6.53
N LEU A 96 25.53 -17.31 -5.78
CA LEU A 96 25.76 -17.74 -4.42
C LEU A 96 26.82 -18.83 -4.34
N ASP A 97 27.29 -19.35 -5.46
CA ASP A 97 28.23 -20.45 -5.46
C ASP A 97 29.68 -19.99 -5.57
N LYS A 98 30.03 -19.31 -6.66
CA LYS A 98 31.44 -19.19 -7.02
C LYS A 98 32.17 -18.26 -6.06
N CYS A 99 31.63 -17.07 -5.81
CA CYS A 99 32.27 -16.16 -4.88
C CYS A 99 32.23 -16.68 -3.45
N HIS A 100 31.52 -17.78 -3.22
CA HIS A 100 31.37 -18.34 -1.89
C HIS A 100 32.03 -19.69 -1.74
N HIS A 101 32.15 -20.45 -2.81
CA HIS A 101 33.02 -21.61 -2.82
C HIS A 101 34.48 -21.24 -2.95
N LEU A 102 34.79 -20.22 -3.74
CA LEU A 102 36.16 -19.73 -3.85
C LEU A 102 36.66 -19.20 -2.51
N VAL A 103 35.75 -18.97 -1.57
CA VAL A 103 36.12 -18.47 -0.26
C VAL A 103 35.85 -19.48 0.86
N THR A 104 34.99 -20.46 0.63
CA THR A 104 34.63 -21.42 1.67
C THR A 104 34.80 -22.88 1.25
N LYS A 105 35.22 -23.17 0.02
CA LYS A 105 35.32 -24.54 -0.46
C LYS A 105 36.75 -24.87 -0.87
N PHE A 106 36.91 -26.10 -1.38
CA PHE A 106 38.19 -26.71 -1.74
C PHE A 106 39.27 -26.40 -0.71
N ASP A 107 38.89 -26.42 0.56
CA ASP A 107 39.82 -26.27 1.67
C ASP A 107 39.86 -27.59 2.43
N PRO A 108 41.01 -28.25 2.54
CA PRO A 108 41.04 -29.54 3.23
C PRO A 108 40.85 -29.37 4.72
N ASP A 109 39.66 -29.69 5.21
CA ASP A 109 39.33 -29.60 6.62
C ASP A 109 39.86 -30.84 7.33
N LEU A 110 40.56 -30.62 8.44
CA LEU A 110 41.01 -31.76 9.22
C LEU A 110 39.82 -32.46 9.86
N ASP A 111 40.12 -33.51 10.61
CA ASP A 111 39.06 -34.34 11.17
C ASP A 111 38.10 -33.54 12.03
N LEU A 112 38.59 -32.95 13.13
CA LEU A 112 37.74 -32.09 13.96
C LEU A 112 38.52 -30.86 14.38
N ASP A 113 37.78 -29.83 14.79
CA ASP A 113 38.39 -28.65 15.38
C ASP A 113 39.34 -29.00 16.51
N HIS A 114 38.96 -29.95 17.36
CA HIS A 114 39.92 -30.56 18.24
C HIS A 114 40.94 -31.30 17.40
N PRO A 115 42.21 -30.92 17.46
CA PRO A 115 43.20 -31.52 16.55
C PRO A 115 43.39 -33.00 16.79
N GLY A 116 43.00 -33.80 15.80
CA GLY A 116 43.20 -35.23 15.90
C GLY A 116 42.00 -35.97 16.44
N PHE A 117 41.35 -36.76 15.59
CA PHE A 117 40.33 -37.71 15.97
C PHE A 117 40.63 -39.04 15.31
N SER A 118 40.57 -40.11 16.11
CA SER A 118 40.83 -41.45 15.59
C SER A 118 39.62 -42.00 14.85
N ASP A 119 39.16 -41.23 13.87
CA ASP A 119 37.93 -41.50 13.15
C ASP A 119 38.20 -41.49 11.65
N GLN A 120 39.21 -42.26 11.24
CA GLN A 120 39.56 -42.33 9.84
C GLN A 120 38.34 -42.60 8.96
N VAL A 121 37.40 -43.41 9.45
CA VAL A 121 36.17 -43.60 8.71
C VAL A 121 35.37 -42.31 8.66
N TYR A 122 35.33 -41.54 9.74
CA TYR A 122 34.71 -40.23 9.67
C TYR A 122 35.46 -39.35 8.70
N ARG A 123 36.79 -39.48 8.63
CA ARG A 123 37.55 -38.70 7.67
C ARG A 123 37.12 -39.04 6.25
N GLN A 124 36.95 -40.32 5.96
CA GLN A 124 36.45 -40.72 4.66
C GLN A 124 35.09 -40.11 4.39
N ARG A 125 34.20 -40.21 5.38
CA ARG A 125 32.85 -39.66 5.23
C ARG A 125 32.89 -38.17 4.92
N ARG A 126 33.66 -37.43 5.69
CA ARG A 126 33.73 -35.98 5.49
C ARG A 126 34.32 -35.66 4.12
N LYS A 127 35.38 -36.37 3.74
CA LYS A 127 36.00 -36.12 2.45
C LYS A 127 35.02 -36.37 1.32
N LEU A 128 34.31 -37.50 1.36
CA LEU A 128 33.37 -37.80 0.29
C LEU A 128 32.23 -36.80 0.28
N ILE A 129 31.69 -36.45 1.45
CA ILE A 129 30.60 -35.49 1.49
C ILE A 129 31.06 -34.16 0.89
N ALA A 130 32.26 -33.72 1.26
CA ALA A 130 32.79 -32.49 0.69
C ALA A 130 32.87 -32.58 -0.82
N GLU A 131 33.52 -33.63 -1.33
CA GLU A 131 33.60 -33.82 -2.76
C GLU A 131 32.25 -34.15 -3.38
N ILE A 132 31.19 -34.13 -2.58
CA ILE A 132 29.85 -33.98 -3.16
C ILE A 132 29.41 -32.53 -3.11
N ALA A 133 29.45 -31.93 -1.93
CA ALA A 133 28.96 -30.58 -1.75
C ALA A 133 29.80 -29.55 -2.49
N PHE A 134 31.12 -29.73 -2.53
CA PHE A 134 32.00 -28.71 -3.07
C PHE A 134 31.61 -28.35 -4.50
N GLN A 135 31.45 -29.35 -5.34
CA GLN A 135 31.16 -29.13 -6.75
C GLN A 135 29.68 -28.99 -7.03
N TYR A 136 28.87 -28.76 -6.01
CA TYR A 136 27.45 -28.55 -6.24
C TYR A 136 27.24 -27.29 -7.06
N ARG A 137 26.41 -27.39 -8.09
CA ARG A 137 25.98 -26.24 -8.86
C ARG A 137 24.54 -25.91 -8.52
N HIS A 138 24.28 -24.63 -8.29
CA HIS A 138 22.97 -24.19 -7.81
C HIS A 138 21.86 -24.64 -8.74
N GLY A 139 20.69 -24.88 -8.15
CA GLY A 139 19.52 -25.31 -8.87
C GLY A 139 19.48 -26.79 -9.16
N ASP A 140 20.63 -27.43 -9.24
CA ASP A 140 20.62 -28.86 -9.48
C ASP A 140 20.17 -29.59 -8.22
N PRO A 141 19.39 -30.66 -8.36
CA PRO A 141 19.00 -31.46 -7.21
C PRO A 141 20.20 -32.04 -6.49
N ILE A 142 19.92 -32.70 -5.37
CA ILE A 142 21.00 -33.19 -4.53
C ILE A 142 21.10 -34.71 -4.69
N PRO A 143 22.28 -35.23 -5.00
CA PRO A 143 22.47 -36.68 -5.00
C PRO A 143 22.17 -37.26 -3.63
N ARG A 144 21.68 -38.49 -3.62
CA ARG A 144 21.34 -39.15 -2.37
C ARG A 144 22.58 -39.34 -1.51
N VAL A 145 22.37 -39.37 -0.20
CA VAL A 145 23.45 -39.55 0.76
C VAL A 145 23.13 -40.78 1.61
N GLU A 146 23.98 -41.78 1.53
CA GLU A 146 23.82 -42.96 2.36
C GLU A 146 24.31 -42.69 3.77
N TYR A 147 23.94 -43.57 4.69
CA TYR A 147 24.41 -43.52 6.07
C TYR A 147 24.52 -44.94 6.60
N THR A 148 25.64 -45.23 7.24
CA THR A 148 25.87 -46.54 7.82
C THR A 148 24.95 -46.73 9.04
N ALA A 149 25.00 -47.92 9.63
CA ALA A 149 24.03 -48.26 10.66
C ALA A 149 24.32 -47.55 11.97
N GLU A 150 25.53 -47.02 12.14
CA GLU A 150 25.90 -46.46 13.42
C GLU A 150 25.33 -45.05 13.61
N GLU A 151 25.59 -44.16 12.66
CA GLU A 151 24.94 -42.85 12.71
C GLU A 151 23.43 -43.02 12.66
N ILE A 152 22.95 -44.06 12.00
CA ILE A 152 21.54 -44.37 12.02
C ILE A 152 21.08 -44.66 13.44
N ALA A 153 21.78 -45.57 14.12
CA ALA A 153 21.36 -45.97 15.46
C ALA A 153 21.43 -44.79 16.42
N THR A 154 22.45 -43.97 16.28
CA THR A 154 22.57 -42.80 17.14
C THR A 154 21.53 -41.75 16.81
N TRP A 155 21.26 -41.56 15.52
CA TRP A 155 20.11 -40.77 15.11
C TRP A 155 18.85 -41.25 15.82
N LYS A 156 18.64 -42.55 15.84
CA LYS A 156 17.48 -43.11 16.53
C LYS A 156 17.54 -42.79 18.01
N GLU A 157 18.72 -42.93 18.60
CA GLU A 157 18.90 -42.66 20.01
C GLU A 157 18.48 -41.23 20.34
N VAL A 158 19.02 -40.27 19.60
CA VAL A 158 18.69 -38.88 19.87
C VAL A 158 17.25 -38.59 19.52
N TYR A 159 16.73 -39.19 18.45
CA TYR A 159 15.33 -39.06 18.13
C TYR A 159 14.48 -39.42 19.32
N THR A 160 14.68 -40.62 19.87
CA THR A 160 14.01 -41.02 21.08
C THR A 160 14.18 -40.01 22.21
N THR A 161 15.42 -39.76 22.61
CA THR A 161 15.68 -38.85 23.72
C THR A 161 14.95 -37.53 23.54
N LEU A 162 15.28 -36.83 22.46
CA LEU A 162 14.68 -35.53 22.19
C LEU A 162 13.18 -35.60 22.10
N LYS A 163 12.65 -36.40 21.17
CA LYS A 163 11.22 -36.64 21.11
C LYS A 163 10.65 -36.88 22.49
N GLY A 164 11.33 -37.69 23.30
CA GLY A 164 10.96 -37.80 24.70
C GLY A 164 10.95 -36.47 25.41
N LEU A 165 12.01 -35.69 25.27
CA LEU A 165 12.05 -34.38 25.90
C LEU A 165 11.51 -33.28 25.01
N TYR A 166 11.07 -33.60 23.80
CA TYR A 166 10.48 -32.58 22.97
C TYR A 166 9.31 -31.89 23.63
N ALA A 167 8.30 -32.65 24.04
CA ALA A 167 7.19 -32.05 24.77
C ALA A 167 7.69 -31.18 25.91
N THR A 168 8.84 -31.50 26.47
CA THR A 168 9.38 -30.76 27.60
C THR A 168 9.94 -29.44 27.07
N HIS A 169 9.29 -28.34 27.43
CA HIS A 169 9.85 -27.00 27.41
C HIS A 169 10.07 -26.44 26.02
N ALA A 170 9.81 -27.23 24.97
CA ALA A 170 10.07 -26.79 23.62
C ALA A 170 8.98 -25.84 23.14
N CYS A 171 9.25 -25.19 22.01
CA CYS A 171 8.26 -24.35 21.37
C CYS A 171 7.16 -25.21 20.76
N GLY A 172 5.93 -25.00 21.23
CA GLY A 172 4.80 -25.75 20.72
C GLY A 172 4.64 -25.61 19.21
N GLU A 173 4.89 -24.43 18.68
CA GLU A 173 4.86 -24.25 17.23
C GLU A 173 5.95 -25.10 16.59
N HIS A 174 7.17 -25.01 17.09
CA HIS A 174 8.20 -25.96 16.68
C HIS A 174 7.76 -27.39 16.83
N LEU A 175 7.04 -27.71 17.90
CA LEU A 175 6.70 -29.10 18.18
C LEU A 175 5.71 -29.63 17.15
N GLU A 176 4.67 -28.86 16.85
CA GLU A 176 3.76 -29.28 15.80
C GLU A 176 4.45 -29.29 14.45
N ALA A 177 5.43 -28.41 14.25
CA ALA A 177 6.27 -28.52 13.06
C ALA A 177 6.93 -29.89 13.01
N PHE A 178 7.53 -30.31 14.12
CA PHE A 178 8.14 -31.64 14.18
C PHE A 178 7.12 -32.73 13.85
N ALA A 179 5.90 -32.60 14.37
CA ALA A 179 4.88 -33.57 14.05
C ALA A 179 4.59 -33.59 12.55
N LEU A 180 4.47 -32.41 11.96
CA LEU A 180 4.26 -32.30 10.52
C LEU A 180 5.38 -33.00 9.78
N LEU A 181 6.60 -32.87 10.27
CA LEU A 181 7.71 -33.58 9.67
C LEU A 181 7.55 -35.08 9.82
N GLU A 182 7.42 -35.54 11.06
CA GLU A 182 7.31 -36.95 11.36
C GLU A 182 6.21 -37.60 10.54
N ARG A 183 5.19 -36.84 10.14
CA ARG A 183 4.13 -37.42 9.33
C ARG A 183 4.34 -37.20 7.85
N PHE A 184 5.14 -36.21 7.46
CA PHE A 184 5.31 -35.88 6.04
C PHE A 184 6.76 -35.98 5.60
N SER A 185 7.67 -35.39 6.38
CA SER A 185 9.08 -35.38 6.01
C SER A 185 9.65 -36.79 5.88
N GLY A 186 9.52 -37.60 6.92
CA GLY A 186 10.23 -38.84 7.02
C GLY A 186 11.04 -38.86 8.30
N TYR A 187 10.81 -37.87 9.15
CA TYR A 187 11.46 -37.83 10.45
C TYR A 187 11.00 -39.01 11.28
N ARG A 188 11.88 -39.97 11.49
CA ARG A 188 11.53 -41.10 12.33
C ARG A 188 12.76 -41.58 13.07
N GLU A 189 12.54 -42.36 14.12
CA GLU A 189 13.62 -42.87 14.94
C GLU A 189 14.55 -43.73 14.12
N ASP A 190 14.04 -44.86 13.62
CA ASP A 190 14.85 -45.80 12.86
C ASP A 190 15.58 -45.13 11.70
N ASN A 191 14.86 -44.49 10.79
CA ASN A 191 15.46 -43.93 9.59
C ASN A 191 15.57 -42.42 9.73
N ILE A 192 16.68 -41.87 9.25
CA ILE A 192 16.94 -40.43 9.36
C ILE A 192 16.39 -39.73 8.13
N PRO A 193 15.61 -38.67 8.30
CA PRO A 193 15.12 -37.91 7.13
C PRO A 193 16.27 -37.42 6.27
N GLN A 194 16.15 -37.67 4.97
CA GLN A 194 17.07 -37.11 4.01
C GLN A 194 16.91 -35.60 3.96
N LEU A 195 17.67 -34.99 3.04
CA LEU A 195 17.61 -33.54 2.92
C LEU A 195 16.67 -33.11 1.79
N GLU A 196 16.63 -33.87 0.69
CA GLU A 196 15.85 -33.44 -0.46
C GLU A 196 14.37 -33.41 -0.14
N ASP A 197 13.87 -34.48 0.47
CA ASP A 197 12.49 -34.54 0.92
C ASP A 197 12.11 -33.32 1.74
N VAL A 198 12.86 -33.07 2.82
CA VAL A 198 12.47 -32.01 3.73
C VAL A 198 12.63 -30.66 3.05
N SER A 199 13.63 -30.50 2.20
CA SER A 199 13.80 -29.25 1.50
C SER A 199 12.60 -28.99 0.59
N ARG A 200 12.11 -30.03 -0.08
CA ARG A 200 10.88 -29.87 -0.83
C ARG A 200 9.73 -29.48 0.09
N PHE A 201 9.64 -30.14 1.24
CA PHE A 201 8.60 -29.78 2.19
C PHE A 201 8.69 -28.32 2.59
N LEU A 202 9.90 -27.79 2.63
CA LEU A 202 10.08 -26.40 3.03
C LEU A 202 9.74 -25.44 1.90
N LYS A 203 10.17 -25.76 0.68
CA LYS A 203 9.70 -24.98 -0.46
C LYS A 203 8.19 -24.94 -0.49
N GLU A 204 7.53 -26.03 -0.10
CA GLU A 204 6.09 -25.94 0.12
C GLU A 204 5.77 -24.98 1.24
N ARG A 205 6.36 -25.19 2.41
CA ARG A 205 6.06 -24.38 3.57
C ARG A 205 6.44 -22.93 3.35
N THR A 206 7.70 -22.68 3.01
CA THR A 206 8.22 -21.33 2.99
C THR A 206 9.02 -20.98 1.77
N GLY A 207 9.45 -21.95 0.98
CA GLY A 207 10.41 -21.65 -0.04
C GLY A 207 11.84 -21.69 0.43
N PHE A 208 12.08 -21.70 1.74
CA PHE A 208 13.42 -21.98 2.20
C PHE A 208 13.89 -23.31 1.66
N GLN A 209 15.18 -23.40 1.43
CA GLN A 209 15.80 -24.64 0.99
C GLN A 209 17.20 -24.72 1.57
N LEU A 210 17.61 -25.93 1.87
CA LEU A 210 18.90 -26.15 2.47
C LEU A 210 19.98 -26.09 1.41
N ARG A 211 21.23 -26.22 1.85
CA ARG A 211 22.36 -26.31 0.93
C ARG A 211 23.49 -27.04 1.64
N PRO A 212 24.20 -27.94 0.97
CA PRO A 212 25.25 -28.70 1.64
C PRO A 212 26.49 -27.84 1.83
N VAL A 213 27.13 -27.99 2.99
CA VAL A 213 28.32 -27.21 3.29
C VAL A 213 29.20 -28.04 4.22
N ALA A 214 30.52 -27.88 4.04
CA ALA A 214 31.47 -28.50 4.95
C ALA A 214 31.90 -27.52 6.03
N GLY A 215 32.48 -26.40 5.63
CA GLY A 215 32.91 -25.38 6.56
C GLY A 215 32.10 -24.10 6.40
N LEU A 216 31.78 -23.48 7.53
CA LEU A 216 31.02 -22.25 7.57
C LEU A 216 31.86 -21.04 7.23
N LEU A 217 32.99 -21.27 6.55
CA LEU A 217 34.17 -20.42 6.66
C LEU A 217 33.85 -18.94 6.81
N SER A 218 32.86 -18.45 6.07
CA SER A 218 32.43 -17.06 6.19
C SER A 218 31.01 -17.02 6.73
N ALA A 219 30.89 -16.88 8.05
CA ALA A 219 29.60 -16.50 8.61
C ALA A 219 29.01 -15.33 7.86
N ARG A 220 29.84 -14.37 7.47
CA ARG A 220 29.42 -13.33 6.54
C ARG A 220 28.71 -13.93 5.33
N ASP A 221 29.43 -14.74 4.56
CA ASP A 221 28.81 -15.33 3.38
C ASP A 221 27.77 -16.36 3.77
N PHE A 222 27.94 -17.00 4.91
CA PHE A 222 26.87 -17.84 5.43
C PHE A 222 25.57 -17.06 5.59
N LEU A 223 25.63 -15.96 6.34
CA LEU A 223 24.43 -15.17 6.53
C LEU A 223 23.93 -14.61 5.21
N ALA A 224 24.84 -14.33 4.29
CA ALA A 224 24.43 -13.92 2.96
C ALA A 224 23.59 -15.00 2.29
N SER A 225 24.11 -16.22 2.23
CA SER A 225 23.35 -17.34 1.69
C SER A 225 21.97 -17.39 2.33
N LEU A 226 21.90 -17.22 3.64
CA LEU A 226 20.60 -17.26 4.30
C LEU A 226 19.71 -16.11 3.86
N ALA A 227 20.29 -14.95 3.55
CA ALA A 227 19.48 -13.85 3.04
C ALA A 227 18.64 -14.31 1.86
N PHE A 228 19.17 -15.23 1.06
CA PHE A 228 18.40 -15.82 -0.02
C PHE A 228 17.39 -16.83 0.45
N ARG A 229 17.11 -16.91 1.75
CA ARG A 229 16.20 -17.91 2.30
C ARG A 229 16.76 -19.32 2.12
N VAL A 230 18.07 -19.41 1.92
CA VAL A 230 18.71 -20.68 1.66
C VAL A 230 19.66 -20.96 2.81
N PHE A 231 19.55 -22.13 3.41
CA PHE A 231 20.34 -22.47 4.59
C PHE A 231 21.43 -23.47 4.22
N GLN A 232 22.67 -23.12 4.50
CA GLN A 232 23.76 -24.06 4.29
C GLN A 232 23.75 -25.09 5.40
N CYS A 233 23.88 -26.37 5.03
CA CYS A 233 23.79 -27.43 6.01
C CYS A 233 24.90 -28.44 5.80
N THR A 234 25.28 -29.11 6.89
CA THR A 234 26.42 -30.02 6.91
C THR A 234 25.90 -31.45 7.01
N GLN A 235 26.02 -32.19 5.92
CA GLN A 235 25.33 -33.46 5.79
C GLN A 235 26.09 -34.60 6.44
N TYR A 236 26.98 -34.28 7.37
CA TYR A 236 27.71 -35.27 8.12
C TYR A 236 27.32 -35.20 9.60
N ILE A 237 27.80 -36.16 10.36
CA ILE A 237 27.30 -36.43 11.69
C ILE A 237 28.40 -36.13 12.70
N ARG A 238 27.97 -35.77 13.91
CA ARG A 238 28.88 -35.74 15.04
C ARG A 238 29.48 -37.12 15.25
N HIS A 239 30.49 -37.19 16.12
CA HIS A 239 30.99 -38.48 16.52
C HIS A 239 29.91 -39.25 17.26
N ALA A 240 29.79 -40.53 16.91
CA ALA A 240 28.94 -41.42 17.68
C ALA A 240 29.21 -41.32 19.17
N SER A 241 30.49 -41.36 19.55
CA SER A 241 30.84 -41.22 20.95
C SER A 241 30.50 -39.84 21.49
N SER A 242 30.11 -38.90 20.64
CA SER A 242 29.76 -37.55 21.04
C SER A 242 28.30 -37.28 20.67
N PRO A 243 27.37 -38.10 21.13
CA PRO A 243 26.00 -37.94 20.66
C PRO A 243 25.34 -36.70 21.26
N MET A 244 25.47 -36.53 22.57
CA MET A 244 24.80 -35.44 23.26
C MET A 244 25.48 -34.11 23.00
N HIS A 245 26.74 -33.96 23.42
CA HIS A 245 27.51 -32.78 23.10
C HIS A 245 28.07 -32.92 21.70
N SER A 246 27.87 -31.89 20.88
CA SER A 246 28.52 -31.84 19.60
C SER A 246 29.53 -30.70 19.61
N PRO A 247 30.81 -30.99 19.37
CA PRO A 247 31.79 -29.91 19.21
C PRO A 247 31.55 -29.05 17.98
N GLU A 248 30.53 -29.37 17.19
CA GLU A 248 30.32 -28.69 15.92
C GLU A 248 28.93 -29.03 15.40
N PRO A 249 28.28 -28.07 14.74
CA PRO A 249 26.93 -28.33 14.19
C PRO A 249 26.97 -29.43 13.14
N ASP A 250 26.07 -30.40 13.29
CA ASP A 250 25.94 -31.52 12.36
C ASP A 250 24.47 -31.69 11.95
N CYS A 251 24.20 -32.77 11.22
CA CYS A 251 22.81 -33.11 10.94
C CYS A 251 22.01 -33.26 12.22
N CYS A 252 22.55 -33.97 13.21
CA CYS A 252 21.88 -34.04 14.49
C CYS A 252 21.67 -32.65 15.07
N HIS A 253 22.52 -31.69 14.68
CA HIS A 253 22.26 -30.31 15.07
C HIS A 253 21.21 -29.68 14.18
N GLU A 254 21.47 -29.66 12.87
CA GLU A 254 20.66 -28.83 12.00
C GLU A 254 19.27 -29.42 11.81
N LEU A 255 19.17 -30.69 11.41
CA LEU A 255 17.87 -31.34 11.27
C LEU A 255 17.02 -31.20 12.52
N LEU A 256 17.64 -31.04 13.67
CA LEU A 256 16.91 -31.08 14.93
C LEU A 256 16.53 -29.70 15.43
N GLY A 257 17.38 -28.71 15.20
CA GLY A 257 16.97 -27.37 15.55
C GLY A 257 16.43 -26.60 14.36
N HIS A 258 17.25 -26.45 13.34
CA HIS A 258 17.02 -25.44 12.31
C HIS A 258 15.74 -25.72 11.52
N VAL A 259 15.72 -26.80 10.77
CA VAL A 259 14.60 -27.07 9.88
C VAL A 259 13.29 -27.19 10.67
N PRO A 260 13.22 -27.88 11.80
CA PRO A 260 11.93 -27.92 12.51
C PRO A 260 11.57 -26.58 13.12
N MET A 261 12.39 -25.55 12.91
CA MET A 261 11.97 -24.19 13.23
C MET A 261 11.54 -23.43 11.98
N LEU A 262 12.31 -23.53 10.90
CA LEU A 262 12.07 -22.69 9.73
C LEU A 262 10.66 -22.80 9.18
N ALA A 263 9.91 -23.81 9.59
CA ALA A 263 8.59 -24.05 9.04
C ALA A 263 7.66 -22.85 9.15
N ASP A 264 7.91 -21.92 10.06
CA ASP A 264 7.03 -20.79 10.20
C ASP A 264 7.23 -19.79 9.08
N ARG A 265 6.13 -19.22 8.61
CA ARG A 265 6.20 -18.17 7.60
C ARG A 265 7.01 -16.98 8.09
N THR A 266 6.50 -16.29 9.11
CA THR A 266 7.09 -15.02 9.48
C THR A 266 8.45 -15.21 10.14
N PHE A 267 8.66 -16.33 10.84
CA PHE A 267 9.97 -16.59 11.38
C PHE A 267 10.98 -16.84 10.28
N ALA A 268 10.56 -17.53 9.22
CA ALA A 268 11.41 -17.65 8.05
C ALA A 268 11.75 -16.29 7.48
N GLN A 269 10.74 -15.43 7.31
CA GLN A 269 10.99 -14.10 6.79
C GLN A 269 11.98 -13.34 7.67
N PHE A 270 11.84 -13.46 8.97
CA PHE A 270 12.73 -12.81 9.91
C PHE A 270 14.15 -13.30 9.75
N SER A 271 14.32 -14.63 9.74
CA SER A 271 15.62 -15.20 9.42
C SER A 271 16.19 -14.59 8.16
N GLN A 272 15.37 -14.50 7.12
CA GLN A 272 15.84 -13.94 5.86
C GLN A 272 16.33 -12.50 6.05
N ASP A 273 15.55 -11.69 6.75
CA ASP A 273 15.95 -10.32 7.00
C ASP A 273 17.28 -10.23 7.70
N ILE A 274 17.56 -11.17 8.59
CA ILE A 274 18.89 -11.19 9.20
C ILE A 274 19.96 -11.25 8.13
N GLY A 275 19.88 -12.25 7.26
CA GLY A 275 20.79 -12.27 6.13
C GLY A 275 20.77 -10.97 5.37
N LEU A 276 19.58 -10.41 5.15
CA LEU A 276 19.45 -9.14 4.46
C LEU A 276 20.35 -8.08 5.06
N ALA A 277 20.49 -8.09 6.38
CA ALA A 277 21.46 -7.20 6.99
C ALA A 277 22.86 -7.45 6.46
N SER A 278 23.23 -8.71 6.29
CA SER A 278 24.62 -9.08 6.02
C SER A 278 25.14 -8.64 4.67
N LEU A 279 24.31 -7.98 3.85
CA LEU A 279 24.70 -7.70 2.48
C LEU A 279 25.94 -6.83 2.45
N GLY A 280 27.07 -7.43 2.07
CA GLY A 280 28.33 -6.72 2.01
C GLY A 280 28.78 -6.12 3.31
N ALA A 281 28.03 -6.31 4.39
CA ALA A 281 28.26 -5.67 5.67
C ALA A 281 29.72 -5.79 6.09
N SER A 282 30.20 -4.78 6.80
CA SER A 282 31.62 -4.71 7.09
C SER A 282 32.01 -5.83 8.04
N ASP A 283 33.32 -6.10 8.04
CA ASP A 283 33.89 -7.14 8.87
C ASP A 283 33.33 -7.11 10.29
N GLU A 284 33.49 -6.00 10.99
CA GLU A 284 32.96 -5.93 12.33
C GLU A 284 31.44 -5.87 12.34
N GLU A 285 30.84 -5.27 11.31
CA GLU A 285 29.39 -5.37 11.21
C GLU A 285 28.96 -6.81 11.03
N ILE A 286 29.67 -7.55 10.18
CA ILE A 286 29.43 -8.98 10.05
C ILE A 286 29.53 -9.64 11.41
N GLU A 287 30.57 -9.32 12.17
CA GLU A 287 30.72 -9.93 13.47
C GLU A 287 29.53 -9.62 14.34
N LYS A 288 29.06 -8.37 14.30
CA LYS A 288 27.88 -7.99 15.07
C LYS A 288 26.68 -8.84 14.68
N LEU A 289 26.43 -8.95 13.39
CA LEU A 289 25.25 -9.67 12.93
C LEU A 289 25.33 -11.14 13.31
N SER A 290 26.47 -11.77 13.02
CA SER A 290 26.69 -13.14 13.42
C SER A 290 26.53 -13.31 14.91
N THR A 291 27.02 -12.36 15.68
CA THR A 291 26.85 -12.41 17.13
C THR A 291 25.38 -12.43 17.48
N LEU A 292 24.61 -11.54 16.87
CA LEU A 292 23.17 -11.58 17.03
C LEU A 292 22.64 -12.97 16.75
N TYR A 293 22.88 -13.47 15.54
CA TYR A 293 22.51 -14.82 15.16
C TYR A 293 22.80 -15.82 16.26
N TRP A 294 23.97 -15.70 16.88
CA TRP A 294 24.33 -16.61 17.96
C TRP A 294 23.23 -16.64 19.01
N PHE A 295 22.99 -15.50 19.66
CA PHE A 295 22.03 -15.46 20.75
C PHE A 295 20.59 -15.49 20.28
N THR A 296 20.32 -15.55 18.99
CA THR A 296 18.95 -15.44 18.55
C THR A 296 18.47 -16.57 17.63
N VAL A 297 19.34 -17.45 17.18
CA VAL A 297 18.89 -18.49 16.27
C VAL A 297 19.21 -19.86 16.82
N GLU A 298 20.50 -20.18 16.93
CA GLU A 298 20.89 -21.43 17.53
C GLU A 298 20.43 -21.47 18.99
N PHE A 299 20.47 -20.31 19.63
CA PHE A 299 20.25 -20.19 21.07
C PHE A 299 19.21 -19.11 21.30
N GLY A 300 17.95 -19.48 21.20
CA GLY A 300 16.85 -18.57 21.45
C GLY A 300 15.77 -19.17 22.32
N LEU A 301 15.17 -18.36 23.18
CA LEU A 301 14.14 -18.82 24.10
C LEU A 301 12.85 -18.07 23.85
N CYS A 302 11.81 -18.82 23.50
CA CYS A 302 10.47 -18.31 23.29
C CYS A 302 9.70 -18.31 24.60
N LYS A 303 8.40 -18.06 24.51
CA LYS A 303 7.56 -17.98 25.71
C LYS A 303 6.14 -18.36 25.34
N GLN A 304 5.79 -19.63 25.57
CA GLN A 304 4.49 -20.16 25.21
C GLN A 304 3.59 -20.21 26.42
N ASN A 305 2.33 -19.79 26.24
CA ASN A 305 1.34 -19.75 27.31
C ASN A 305 1.75 -18.80 28.43
N GLY A 306 2.61 -17.84 28.12
CA GLY A 306 3.14 -16.92 29.11
C GLY A 306 4.37 -17.43 29.81
N GLU A 307 4.50 -18.75 29.95
CA GLU A 307 5.72 -19.33 30.48
C GLU A 307 6.74 -19.48 29.37
N VAL A 308 8.00 -19.31 29.71
CA VAL A 308 9.05 -19.36 28.71
C VAL A 308 9.22 -20.78 28.22
N LYS A 309 9.33 -20.93 26.90
CA LYS A 309 9.69 -22.20 26.28
C LYS A 309 10.89 -21.99 25.37
N ALA A 310 11.46 -23.08 24.88
CA ALA A 310 12.69 -23.00 24.12
C ALA A 310 12.37 -23.03 22.63
N TYR A 311 13.15 -22.31 21.85
CA TYR A 311 13.06 -22.39 20.40
C TYR A 311 14.39 -22.22 19.71
N GLY A 312 15.50 -22.26 20.45
CA GLY A 312 16.80 -22.11 19.81
C GLY A 312 17.24 -23.36 19.07
N ALA A 313 17.78 -23.13 17.88
CA ALA A 313 18.14 -24.24 17.00
C ALA A 313 19.10 -25.20 17.70
N GLY A 314 20.30 -24.72 18.01
CA GLY A 314 21.23 -25.53 18.79
C GLY A 314 20.64 -26.03 20.09
N LEU A 315 19.88 -25.20 20.78
CA LEU A 315 19.22 -25.66 22.00
C LEU A 315 18.36 -26.87 21.72
N LEU A 316 17.50 -26.78 20.70
CA LEU A 316 16.68 -27.91 20.29
C LEU A 316 17.45 -28.84 19.39
N SER A 317 18.79 -28.76 19.46
CA SER A 317 19.67 -29.73 18.86
C SER A 317 20.52 -30.34 19.97
N SER A 318 20.67 -29.61 21.06
CA SER A 318 21.39 -30.07 22.24
C SER A 318 20.44 -30.85 23.13
N TYR A 319 20.99 -31.85 23.82
CA TYR A 319 20.18 -32.58 24.79
C TYR A 319 20.42 -32.05 26.20
N GLY A 320 21.66 -32.16 26.68
CA GLY A 320 21.97 -31.71 28.01
C GLY A 320 22.06 -30.20 28.14
N GLU A 321 22.67 -29.55 27.17
CA GLU A 321 22.63 -28.09 27.14
C GLU A 321 21.19 -27.59 27.08
N LEU A 322 20.35 -28.27 26.31
CA LEU A 322 18.93 -28.00 26.37
C LEU A 322 18.43 -27.95 27.80
N LEU A 323 18.64 -29.03 28.55
CA LEU A 323 18.25 -29.07 29.95
C LEU A 323 18.88 -27.94 30.75
N HIS A 324 20.11 -27.57 30.43
CA HIS A 324 20.80 -26.48 31.11
C HIS A 324 20.08 -25.16 30.94
N CYS A 325 19.88 -24.73 29.70
CA CYS A 325 19.38 -23.39 29.44
C CYS A 325 18.00 -23.18 30.04
N LEU A 326 17.07 -24.10 29.79
CA LEU A 326 15.74 -24.01 30.37
C LEU A 326 15.78 -23.90 31.88
N SER A 327 16.76 -24.52 32.53
CA SER A 327 16.87 -24.40 33.97
C SER A 327 17.28 -22.98 34.34
N GLU A 328 17.28 -22.71 35.64
CA GLU A 328 17.43 -21.35 36.14
C GLU A 328 18.87 -20.89 36.23
N GLU A 329 19.81 -21.80 36.49
CA GLU A 329 21.20 -21.41 36.71
C GLU A 329 21.83 -20.64 35.56
N PRO A 330 21.37 -20.76 34.30
CA PRO A 330 21.80 -19.81 33.28
C PRO A 330 20.93 -18.56 33.25
N GLU A 331 21.58 -17.44 32.92
CA GLU A 331 20.93 -16.15 32.90
C GLU A 331 20.12 -16.01 31.61
N ILE A 332 18.97 -15.37 31.70
CA ILE A 332 18.15 -15.12 30.53
C ILE A 332 17.65 -13.70 30.60
N ARG A 333 18.32 -12.80 29.88
CA ARG A 333 17.70 -11.52 29.58
C ARG A 333 16.70 -11.70 28.44
N ALA A 334 16.18 -10.58 27.97
CA ALA A 334 15.31 -10.61 26.80
C ALA A 334 16.07 -10.19 25.56
N PHE A 335 15.52 -10.54 24.40
CA PHE A 335 16.18 -10.21 23.14
C PHE A 335 16.19 -8.71 22.92
N ASP A 336 17.39 -8.14 22.81
CA ASP A 336 17.62 -6.75 22.51
C ASP A 336 18.80 -6.64 21.54
N PRO A 337 18.62 -5.96 20.42
CA PRO A 337 19.65 -5.97 19.38
C PRO A 337 20.94 -5.38 19.90
N GLU A 338 20.83 -4.18 20.45
CA GLU A 338 21.97 -3.52 21.06
C GLU A 338 22.55 -4.31 22.23
N ALA A 339 21.71 -4.73 23.16
CA ALA A 339 22.20 -5.58 24.25
C ALA A 339 22.83 -6.86 23.71
N ALA A 340 22.35 -7.36 22.59
CA ALA A 340 23.01 -8.46 21.91
C ALA A 340 24.05 -7.99 20.91
N ALA A 341 24.15 -6.68 20.66
CA ALA A 341 25.14 -6.21 19.70
C ALA A 341 26.54 -6.60 20.13
N VAL A 342 26.90 -6.38 21.38
CA VAL A 342 28.22 -6.77 21.86
C VAL A 342 28.10 -7.65 23.10
N GLN A 343 27.00 -8.38 23.22
CA GLN A 343 26.86 -9.30 24.34
C GLN A 343 27.92 -10.39 24.24
N PRO A 344 28.77 -10.54 25.25
CA PRO A 344 29.80 -11.59 25.19
C PRO A 344 29.20 -12.99 25.19
N TYR A 345 30.05 -13.96 24.88
CA TYR A 345 29.66 -15.37 24.91
C TYR A 345 30.88 -16.24 24.71
N GLN A 346 30.77 -17.47 25.18
CA GLN A 346 31.73 -18.52 24.90
C GLN A 346 31.11 -19.49 23.89
N ASP A 347 31.81 -20.58 23.62
CA ASP A 347 31.32 -21.58 22.69
C ASP A 347 31.12 -22.96 23.29
N GLN A 348 32.05 -23.45 24.11
CA GLN A 348 32.09 -24.87 24.45
C GLN A 348 31.11 -25.25 25.56
N THR A 349 31.30 -24.71 26.76
CA THR A 349 30.51 -25.16 27.89
C THR A 349 29.08 -24.65 27.78
N TYR A 350 28.30 -24.94 28.82
CA TYR A 350 26.88 -24.63 28.79
C TYR A 350 26.66 -23.14 28.99
N GLN A 351 26.30 -22.46 27.91
CA GLN A 351 26.19 -21.01 27.92
C GLN A 351 25.16 -20.56 28.96
N SER A 352 25.47 -19.44 29.60
CA SER A 352 24.63 -18.96 30.69
C SER A 352 23.62 -17.94 30.21
N VAL A 353 24.08 -16.83 29.64
CA VAL A 353 23.22 -15.71 29.31
C VAL A 353 22.33 -16.08 28.15
N TYR A 354 21.10 -15.57 28.15
CA TYR A 354 20.15 -15.76 27.07
C TYR A 354 19.29 -14.51 26.92
N PHE A 355 18.75 -14.35 25.71
CA PHE A 355 17.95 -13.18 25.34
C PHE A 355 16.55 -13.67 25.02
N VAL A 356 15.69 -13.79 26.03
CA VAL A 356 14.41 -14.47 25.86
C VAL A 356 13.56 -13.69 24.86
N SER A 357 12.71 -14.41 24.14
CA SER A 357 11.88 -13.84 23.09
C SER A 357 10.41 -14.03 23.44
N GLU A 358 9.61 -12.99 23.23
CA GLU A 358 8.18 -13.11 23.46
C GLU A 358 7.46 -13.54 22.20
N SER A 359 7.81 -12.94 21.06
CA SER A 359 7.19 -13.27 19.78
C SER A 359 8.21 -13.08 18.68
N PHE A 360 8.12 -13.96 17.68
CA PHE A 360 8.94 -13.79 16.48
C PHE A 360 8.73 -12.42 15.87
N SER A 361 7.49 -11.91 15.93
CA SER A 361 7.23 -10.55 15.49
C SER A 361 8.15 -9.56 16.18
N ASP A 362 8.32 -9.71 17.49
CA ASP A 362 9.22 -8.83 18.22
C ASP A 362 10.61 -8.86 17.63
N ALA A 363 11.10 -10.07 17.33
CA ALA A 363 12.40 -10.20 16.69
C ALA A 363 12.42 -9.48 15.35
N LYS A 364 11.37 -9.66 14.55
CA LYS A 364 11.27 -8.95 13.29
C LYS A 364 11.39 -7.45 13.51
N ASP A 365 10.75 -6.94 14.56
CA ASP A 365 10.74 -5.52 14.81
C ASP A 365 12.13 -5.03 15.16
N LYS A 366 12.77 -5.67 16.12
CA LYS A 366 14.10 -5.23 16.54
C LYS A 366 15.10 -5.42 15.42
N LEU A 367 14.88 -6.40 14.56
CA LEU A 367 15.73 -6.56 13.39
C LEU A 367 15.55 -5.41 12.42
N ARG A 368 14.32 -5.07 12.08
CA ARG A 368 14.06 -3.88 11.28
C ARG A 368 14.78 -2.69 11.88
N SER A 369 14.63 -2.51 13.20
CA SER A 369 15.28 -1.41 13.88
C SER A 369 16.78 -1.41 13.66
N TYR A 370 17.46 -2.47 14.07
CA TYR A 370 18.91 -2.46 13.99
C TYR A 370 19.37 -2.32 12.55
N ALA A 371 18.84 -3.16 11.66
CA ALA A 371 19.12 -3.02 10.25
C ALA A 371 19.03 -1.59 9.78
N SER A 372 17.92 -0.91 10.07
CA SER A 372 17.83 0.50 9.77
C SER A 372 19.00 1.26 10.37
N ARG A 373 19.17 1.17 11.69
CA ARG A 373 20.30 1.85 12.32
C ARG A 373 21.62 1.19 12.01
N ILE A 374 21.62 0.06 11.31
CA ILE A 374 22.85 -0.41 10.69
C ILE A 374 23.12 0.47 9.48
N GLN A 375 24.20 1.22 9.53
CA GLN A 375 24.59 2.05 8.41
C GLN A 375 24.87 1.18 7.20
N ARG A 376 24.52 1.68 6.02
CA ARG A 376 24.78 0.98 4.77
C ARG A 376 24.80 2.05 3.68
N PRO A 377 25.73 1.97 2.72
CA PRO A 377 25.76 2.96 1.64
C PRO A 377 24.56 2.88 0.72
N PHE A 378 23.61 2.01 1.00
CA PHE A 378 22.55 1.66 0.08
C PHE A 378 21.51 0.88 0.86
N SER A 379 20.59 0.25 0.13
CA SER A 379 19.73 -0.76 0.71
C SER A 379 19.55 -1.87 -0.31
N VAL A 380 18.88 -2.93 0.10
CA VAL A 380 18.63 -4.09 -0.76
C VAL A 380 17.23 -4.60 -0.48
N LYS A 381 16.71 -5.38 -1.42
CA LYS A 381 15.45 -6.09 -1.23
C LYS A 381 15.55 -7.42 -1.97
N PHE A 382 14.62 -8.32 -1.70
CA PHE A 382 14.62 -9.62 -2.32
C PHE A 382 13.40 -9.75 -3.22
N ASP A 383 13.61 -10.07 -4.48
CA ASP A 383 12.45 -10.38 -5.30
C ASP A 383 12.09 -11.86 -5.19
N PRO A 384 10.83 -12.16 -4.93
CA PRO A 384 10.40 -13.56 -4.89
C PRO A 384 10.37 -14.21 -6.25
N TYR A 385 9.90 -13.52 -7.27
CA TYR A 385 9.79 -14.11 -8.60
C TYR A 385 11.15 -14.56 -9.09
N THR A 386 12.10 -13.63 -9.13
CA THR A 386 13.45 -13.94 -9.55
C THR A 386 14.24 -14.65 -8.49
N LEU A 387 13.72 -14.72 -7.27
CA LEU A 387 14.41 -15.32 -6.14
C LEU A 387 15.72 -14.59 -5.83
N ALA A 388 15.97 -13.47 -6.50
CA ALA A 388 17.23 -12.78 -6.38
C ALA A 388 17.05 -11.49 -5.59
N ILE A 389 18.17 -10.82 -5.30
CA ILE A 389 18.18 -9.61 -4.49
C ILE A 389 17.71 -8.47 -5.36
N ASP A 390 17.23 -7.41 -4.73
CA ASP A 390 16.83 -6.19 -5.39
C ASP A 390 17.71 -5.08 -4.84
N VAL A 391 18.50 -4.46 -5.71
CA VAL A 391 19.42 -3.42 -5.27
C VAL A 391 18.63 -2.15 -5.02
N LEU A 392 18.89 -1.50 -3.88
CA LEU A 392 18.25 -0.24 -3.56
C LEU A 392 19.33 0.80 -3.30
N ASP A 393 19.54 1.63 -4.32
CA ASP A 393 20.56 2.68 -4.28
C ASP A 393 20.03 3.99 -4.83
N SER A 394 18.82 4.00 -5.38
CA SER A 394 18.28 5.17 -6.03
C SER A 394 16.77 5.15 -5.87
N PRO A 395 16.12 6.30 -5.89
CA PRO A 395 14.65 6.28 -5.91
C PRO A 395 14.09 5.38 -6.98
N GLN A 396 14.70 5.36 -8.16
CA GLN A 396 14.09 4.67 -9.29
C GLN A 396 13.88 3.18 -8.99
N ALA A 397 14.82 2.56 -8.28
CA ALA A 397 14.61 1.17 -7.89
C ALA A 397 13.40 1.04 -6.99
N VAL A 398 13.30 1.93 -6.00
CA VAL A 398 12.12 1.97 -5.16
C VAL A 398 10.88 2.05 -6.03
N ARG A 399 10.92 2.91 -7.04
CA ARG A 399 9.77 3.09 -7.91
C ARG A 399 9.38 1.78 -8.57
N ARG A 400 10.31 1.17 -9.28
CA ARG A 400 9.99 -0.05 -10.00
C ARG A 400 9.53 -1.16 -9.06
N SER A 401 10.00 -1.16 -7.82
CA SER A 401 9.52 -2.17 -6.88
C SER A 401 8.09 -1.88 -6.44
N LEU A 402 7.85 -0.66 -5.96
CA LEU A 402 6.52 -0.32 -5.50
C LEU A 402 5.50 -0.40 -6.62
N GLU A 403 5.95 -0.32 -7.87
CA GLU A 403 5.04 -0.55 -8.98
C GLU A 403 4.39 -1.93 -8.86
N GLY A 404 5.21 -2.98 -8.83
CA GLY A 404 4.67 -4.31 -8.62
C GLY A 404 3.91 -4.42 -7.31
N VAL A 405 4.37 -3.71 -6.29
CA VAL A 405 3.62 -3.69 -5.03
C VAL A 405 2.18 -3.27 -5.28
N GLN A 406 1.99 -2.10 -5.90
CA GLN A 406 0.64 -1.65 -6.20
C GLN A 406 -0.07 -2.60 -7.14
N ASP A 407 0.68 -3.29 -7.99
CA ASP A 407 0.05 -4.29 -8.85
C ASP A 407 -0.63 -5.35 -8.01
N GLU A 408 0.13 -5.97 -7.11
CA GLU A 408 -0.48 -6.93 -6.21
C GLU A 408 -1.60 -6.30 -5.39
N LEU A 409 -1.45 -5.04 -5.04
CA LEU A 409 -2.51 -4.34 -4.33
C LEU A 409 -3.82 -4.36 -5.08
N ASP A 410 -3.83 -3.84 -6.30
CA ASP A 410 -5.08 -3.83 -7.05
C ASP A 410 -5.52 -5.25 -7.38
N THR A 411 -4.59 -6.19 -7.41
CA THR A 411 -4.99 -7.59 -7.49
C THR A 411 -5.90 -7.94 -6.31
N LEU A 412 -5.44 -7.64 -5.10
CA LEU A 412 -6.27 -7.83 -3.92
C LEU A 412 -7.57 -7.05 -4.05
N ALA A 413 -7.50 -5.85 -4.62
CA ALA A 413 -8.68 -5.01 -4.74
C ALA A 413 -9.74 -5.65 -5.62
N HIS A 414 -9.35 -6.06 -6.82
CA HIS A 414 -10.25 -6.77 -7.72
C HIS A 414 -10.78 -8.02 -7.08
N ALA A 415 -9.92 -8.78 -6.40
CA ALA A 415 -10.40 -9.94 -5.68
C ALA A 415 -11.48 -9.57 -4.69
N LEU A 416 -11.20 -8.56 -3.86
CA LEU A 416 -12.15 -8.09 -2.87
C LEU A 416 -13.48 -7.73 -3.49
N SER A 417 -13.47 -6.93 -4.54
CA SER A 417 -14.70 -6.62 -5.26
C SER A 417 -15.40 -7.89 -5.70
N ALA A 418 -14.64 -8.83 -6.26
CA ALA A 418 -15.22 -10.09 -6.68
C ALA A 418 -15.83 -10.84 -5.50
N ILE A 419 -15.06 -11.01 -4.43
CA ILE A 419 -15.55 -11.77 -3.31
C ILE A 419 -16.75 -11.05 -2.71
N GLY A 420 -17.71 -11.82 -2.23
CA GLY A 420 -18.99 -11.28 -1.84
C GLY A 420 -19.84 -10.97 -3.07
N GLY B 1 25.44 35.35 5.32
CA GLY B 1 26.61 36.19 5.56
C GLY B 1 27.13 36.84 4.29
N LYS B 2 27.60 36.03 3.36
CA LYS B 2 28.11 36.54 2.10
C LYS B 2 27.00 36.60 1.06
N ALA B 3 27.34 36.88 -0.20
CA ALA B 3 26.35 36.99 -1.25
C ALA B 3 26.52 35.82 -2.20
N MET B 4 25.54 34.92 -2.22
CA MET B 4 25.57 33.73 -3.07
C MET B 4 24.86 34.01 -4.39
N LEU B 5 25.26 33.27 -5.42
CA LEU B 5 24.66 33.42 -6.74
C LEU B 5 23.97 32.12 -7.14
N ASN B 6 23.49 32.04 -8.38
CA ASN B 6 22.93 30.80 -8.90
C ASN B 6 23.58 30.52 -10.25
N LEU B 7 23.50 29.26 -10.67
CA LEU B 7 24.20 28.85 -11.88
C LEU B 7 23.56 29.43 -13.13
N LEU B 8 24.13 30.51 -13.65
CA LEU B 8 23.82 31.01 -14.98
C LEU B 8 25.14 31.39 -15.61
N PHE B 9 25.79 30.42 -16.26
CA PHE B 9 27.08 30.64 -16.90
C PHE B 9 27.14 29.80 -18.17
N SER B 10 27.04 30.47 -19.32
CA SER B 10 27.21 29.83 -20.63
C SER B 10 28.21 30.66 -21.41
N PRO B 11 29.49 30.28 -21.40
CA PRO B 11 30.50 31.04 -22.16
C PRO B 11 30.30 30.88 -23.66
N ARG B 12 31.23 31.42 -24.45
CA ARG B 12 31.16 31.25 -25.89
C ARG B 12 32.22 30.29 -26.42
N ALA B 13 33.48 30.50 -26.06
CA ALA B 13 34.55 29.60 -26.45
C ALA B 13 34.47 28.32 -25.63
N THR B 14 35.14 27.28 -26.09
CA THR B 14 35.05 25.94 -25.52
C THR B 14 36.13 25.68 -24.46
N LYS B 15 37.09 26.58 -24.29
CA LYS B 15 38.19 26.40 -23.34
C LYS B 15 37.71 26.24 -21.89
N PRO B 16 36.72 27.00 -21.40
CA PRO B 16 36.31 26.84 -20.00
C PRO B 16 35.66 25.49 -19.74
N SER B 17 36.49 24.45 -19.63
CA SER B 17 36.05 23.13 -19.18
C SER B 17 36.58 22.84 -17.79
N ALA B 18 37.89 22.89 -17.61
CA ALA B 18 38.47 23.06 -16.28
C ALA B 18 38.61 24.53 -15.91
N LEU B 19 38.17 25.41 -16.82
CA LEU B 19 38.24 26.87 -16.74
C LEU B 19 39.68 27.33 -16.95
N SER B 20 40.63 26.41 -16.78
CA SER B 20 42.02 26.53 -17.19
C SER B 20 42.76 27.68 -16.52
N ARG B 21 42.03 28.67 -16.00
CA ARG B 21 42.61 29.70 -15.15
C ARG B 21 41.66 30.20 -14.07
N ALA B 22 40.35 30.10 -14.30
CA ALA B 22 39.37 30.88 -13.54
C ALA B 22 39.04 30.26 -12.19
N VAL B 23 39.37 28.98 -11.98
CA VAL B 23 39.28 28.44 -10.63
C VAL B 23 40.12 29.26 -9.67
N LYS B 24 41.22 29.84 -10.18
CA LYS B 24 42.09 30.63 -9.31
C LYS B 24 41.43 31.95 -8.94
N VAL B 25 40.74 32.60 -9.89
CA VAL B 25 40.05 33.83 -9.51
C VAL B 25 38.85 33.52 -8.65
N PHE B 26 38.30 32.31 -8.77
CA PHE B 26 37.26 31.88 -7.82
C PHE B 26 37.82 31.78 -6.41
N GLU B 27 38.98 31.14 -6.26
CA GLU B 27 39.52 30.88 -4.92
C GLU B 27 40.15 32.11 -4.29
N THR B 28 40.81 32.97 -5.08
CA THR B 28 41.44 34.16 -4.52
C THR B 28 40.42 35.07 -3.87
N PHE B 29 39.14 34.92 -4.23
CA PHE B 29 38.04 35.58 -3.56
C PHE B 29 37.16 34.57 -2.85
N GLU B 30 37.81 33.66 -2.13
CA GLU B 30 37.14 32.72 -1.23
C GLU B 30 36.15 31.82 -1.96
N ALA B 31 36.66 30.94 -2.82
CA ALA B 31 35.83 29.87 -3.35
C ALA B 31 35.68 28.76 -2.31
N LYS B 32 35.21 27.61 -2.77
CA LYS B 32 34.75 26.51 -1.92
C LYS B 32 35.15 25.18 -2.57
N ILE B 33 35.13 24.08 -1.81
CA ILE B 33 35.66 22.80 -2.27
C ILE B 33 34.72 21.64 -1.93
N HIS B 34 33.86 21.26 -2.87
CA HIS B 34 33.26 19.92 -2.83
C HIS B 34 34.07 18.91 -3.64
N HIS B 35 33.44 17.77 -3.91
CA HIS B 35 34.03 16.74 -4.76
C HIS B 35 34.09 17.22 -6.20
N LEU B 36 35.33 17.47 -6.65
CA LEU B 36 35.58 17.91 -8.00
C LEU B 36 35.38 16.76 -8.99
N GLU B 37 34.50 16.99 -9.97
CA GLU B 37 34.23 16.04 -11.04
C GLU B 37 33.66 16.75 -12.26
N THR B 38 34.51 17.13 -13.21
CA THR B 38 34.10 17.54 -14.55
C THR B 38 35.36 17.66 -15.42
N ARG B 39 35.37 16.99 -16.56
CA ARG B 39 36.50 16.98 -17.47
C ARG B 39 35.99 17.13 -18.89
N PRO B 40 36.89 17.27 -19.87
CA PRO B 40 36.48 17.17 -21.27
C PRO B 40 35.64 15.93 -21.52
N ALA B 41 34.56 16.11 -22.29
CA ALA B 41 33.55 15.08 -22.47
C ALA B 41 32.91 15.18 -23.86
N GLN B 42 31.73 14.58 -24.01
CA GLN B 42 30.97 14.57 -25.28
C GLN B 42 31.70 13.76 -26.35
N ARG B 43 32.12 12.55 -25.95
CA ARG B 43 32.73 11.62 -26.88
C ARG B 43 31.68 10.97 -27.79
N PRO B 44 30.63 10.29 -27.25
CA PRO B 44 29.64 9.69 -28.15
C PRO B 44 28.70 10.74 -28.72
N ARG B 45 28.39 11.74 -27.91
CA ARG B 45 27.59 12.89 -28.34
C ARG B 45 28.50 14.02 -28.82
N ALA B 46 29.17 13.78 -29.94
CA ALA B 46 30.22 14.68 -30.42
C ALA B 46 29.60 15.99 -30.91
N GLY B 47 30.46 16.89 -31.37
CA GLY B 47 30.05 18.24 -31.73
C GLY B 47 29.77 19.14 -30.56
N GLY B 48 30.60 19.09 -29.51
CA GLY B 48 30.28 19.72 -28.26
C GLY B 48 30.88 21.10 -28.07
N PRO B 49 30.04 22.03 -27.62
CA PRO B 49 30.53 23.35 -27.20
C PRO B 49 31.13 23.31 -25.80
N HIS B 50 31.40 24.47 -25.24
CA HIS B 50 31.92 24.60 -23.89
C HIS B 50 31.03 23.85 -22.90
N LEU B 51 31.55 23.57 -21.71
CA LEU B 51 30.87 22.76 -20.72
C LEU B 51 30.27 23.65 -19.64
N GLU B 52 29.18 23.17 -19.05
CA GLU B 52 28.44 23.90 -18.03
C GLU B 52 28.95 23.51 -16.66
N TYR B 53 29.91 24.28 -16.14
CA TYR B 53 30.43 24.09 -14.80
C TYR B 53 29.72 25.05 -13.85
N PHE B 54 29.49 24.58 -12.64
CA PHE B 54 28.81 25.38 -11.61
C PHE B 54 29.79 25.58 -10.47
N VAL B 55 30.65 26.58 -10.63
CA VAL B 55 31.56 26.96 -9.55
C VAL B 55 30.86 28.01 -8.71
N ARG B 56 30.13 27.57 -7.69
CA ARG B 56 29.37 28.48 -6.87
C ARG B 56 30.33 29.46 -6.16
N LEU B 57 29.84 30.68 -5.96
CA LEU B 57 30.66 31.76 -5.43
C LEU B 57 29.80 32.59 -4.48
N GLU B 58 30.13 32.56 -3.19
CA GLU B 58 29.39 33.32 -2.18
C GLU B 58 30.37 34.19 -1.41
N VAL B 59 30.62 35.39 -1.94
CA VAL B 59 31.38 36.41 -1.23
C VAL B 59 30.67 37.73 -1.40
N ARG B 60 31.27 38.80 -0.89
CA ARG B 60 30.69 40.12 -1.08
C ARG B 60 30.54 40.42 -2.58
N ARG B 61 29.59 41.30 -2.90
CA ARG B 61 29.26 41.56 -4.29
C ARG B 61 30.50 42.02 -5.07
N GLY B 62 31.34 42.82 -4.43
CA GLY B 62 32.56 43.28 -5.09
C GLY B 62 33.46 42.13 -5.51
N ASP B 63 33.73 41.20 -4.60
CA ASP B 63 34.63 40.10 -4.91
C ASP B 63 34.03 39.17 -5.96
N LEU B 64 32.75 38.79 -5.78
CA LEU B 64 32.15 37.89 -6.75
C LEU B 64 32.09 38.53 -8.13
N ALA B 65 31.76 39.82 -8.19
CA ALA B 65 31.72 40.51 -9.47
C ALA B 65 33.10 40.62 -10.09
N ALA B 66 34.12 40.92 -9.28
CA ALA B 66 35.46 41.05 -9.81
C ALA B 66 36.00 39.72 -10.32
N LEU B 67 35.67 38.63 -9.63
CA LEU B 67 36.15 37.32 -10.10
C LEU B 67 35.38 36.89 -11.33
N LEU B 68 34.09 37.18 -11.40
CA LEU B 68 33.32 36.89 -12.61
C LEU B 68 33.86 37.71 -13.78
N SER B 69 34.32 38.93 -13.52
CA SER B 69 34.96 39.73 -14.56
C SER B 69 36.28 39.10 -14.98
N GLY B 70 37.05 38.61 -14.03
CA GLY B 70 38.26 37.87 -14.37
C GLY B 70 37.98 36.67 -15.24
N VAL B 71 36.88 35.95 -14.96
CA VAL B 71 36.50 34.81 -15.80
C VAL B 71 36.13 35.29 -17.19
N ARG B 72 35.23 36.27 -17.28
CA ARG B 72 34.81 36.81 -18.57
C ARG B 72 35.97 37.40 -19.35
N GLN B 73 37.08 37.73 -18.69
CA GLN B 73 38.27 38.14 -19.41
C GLN B 73 38.83 36.99 -20.25
N VAL B 74 38.83 35.78 -19.70
CA VAL B 74 39.28 34.60 -20.44
C VAL B 74 38.11 33.77 -20.96
N SER B 75 37.09 33.52 -20.14
CA SER B 75 35.86 32.92 -20.61
C SER B 75 35.02 34.00 -21.26
N GLU B 76 33.76 33.69 -21.53
CA GLU B 76 32.86 34.62 -22.21
C GLU B 76 31.51 34.72 -21.51
N ASP B 77 31.53 34.71 -20.18
CA ASP B 77 30.29 34.71 -19.42
C ASP B 77 30.60 35.09 -17.97
N VAL B 78 29.54 35.38 -17.23
CA VAL B 78 29.60 35.65 -15.80
C VAL B 78 28.46 34.93 -15.12
N ARG B 79 28.71 34.44 -13.91
CA ARG B 79 27.70 33.66 -13.22
C ARG B 79 26.56 34.57 -12.79
N SER B 80 25.52 34.64 -13.61
CA SER B 80 24.42 35.56 -13.33
C SER B 80 23.69 35.14 -12.04
N PRO B 81 23.47 36.07 -11.14
CA PRO B 81 22.93 35.71 -9.82
C PRO B 81 21.43 35.59 -9.78
N ALA B 82 20.89 35.33 -8.59
CA ALA B 82 19.47 35.36 -8.32
C ALA B 82 18.68 34.43 -9.23
N GLY B 83 18.93 33.14 -9.15
CA GLY B 83 18.14 32.16 -9.87
C GLY B 83 16.76 32.04 -9.28
N PRO B 84 15.74 32.49 -10.02
CA PRO B 84 14.38 32.44 -9.47
C PRO B 84 13.87 31.03 -9.29
N LYS B 85 14.03 30.16 -10.29
CA LYS B 85 13.72 28.74 -10.18
C LYS B 85 12.26 28.54 -9.78
N VAL B 86 11.38 28.88 -10.72
CA VAL B 86 9.92 28.92 -10.56
C VAL B 86 9.62 29.64 -9.26
N PRO B 87 9.68 30.97 -9.28
CA PRO B 87 10.06 31.71 -8.07
C PRO B 87 9.19 31.45 -6.85
N TRP B 88 7.96 30.98 -7.03
CA TRP B 88 7.10 30.96 -5.87
C TRP B 88 5.97 29.96 -6.04
N PHE B 89 5.51 29.45 -4.90
CA PHE B 89 4.16 28.93 -4.73
C PHE B 89 3.89 28.79 -3.24
N PRO B 90 2.63 28.89 -2.83
CA PRO B 90 2.32 28.77 -1.41
C PRO B 90 2.43 27.32 -0.93
N ARG B 91 2.17 27.12 0.34
CA ARG B 91 2.22 25.80 0.95
C ARG B 91 1.00 25.43 1.77
N LYS B 92 0.34 26.41 2.37
CA LYS B 92 -0.77 26.15 3.28
C LYS B 92 -1.99 26.96 2.90
N VAL B 93 -3.13 26.51 3.42
CA VAL B 93 -4.40 27.18 3.16
C VAL B 93 -4.36 28.65 3.56
N SER B 94 -3.62 29.00 4.60
CA SER B 94 -3.57 30.39 5.02
C SER B 94 -2.84 31.25 4.00
N GLU B 95 -1.63 30.87 3.64
CA GLU B 95 -0.82 31.58 2.66
C GLU B 95 -1.55 31.80 1.36
N LEU B 96 -2.63 31.05 1.12
CA LEU B 96 -3.48 31.28 -0.03
C LEU B 96 -4.10 32.66 -0.02
N ASP B 97 -3.78 33.49 0.98
CA ASP B 97 -4.27 34.85 1.02
C ASP B 97 -3.19 35.85 0.63
N LYS B 98 -2.06 35.83 1.35
CA LYS B 98 -1.14 36.96 1.32
C LYS B 98 -0.53 37.13 -0.06
N CYS B 99 0.25 36.15 -0.51
CA CYS B 99 0.83 36.21 -1.85
C CYS B 99 -0.24 36.22 -2.93
N HIS B 100 -1.46 35.85 -2.58
CA HIS B 100 -2.55 35.72 -3.53
C HIS B 100 -3.35 36.99 -3.69
N HIS B 101 -3.62 37.69 -2.59
CA HIS B 101 -4.10 39.05 -2.70
C HIS B 101 -3.04 40.00 -3.23
N LEU B 102 -1.80 39.86 -2.76
CA LEU B 102 -0.71 40.68 -3.27
C LEU B 102 -0.51 40.49 -4.77
N VAL B 103 -1.03 39.40 -5.33
CA VAL B 103 -0.91 39.16 -6.76
C VAL B 103 -2.22 39.41 -7.50
N THR B 104 -3.36 39.42 -6.80
CA THR B 104 -4.65 39.53 -7.47
C THR B 104 -5.55 40.65 -6.93
N LYS B 105 -5.16 41.35 -5.88
CA LYS B 105 -6.03 42.35 -5.27
C LYS B 105 -5.43 43.75 -5.41
N PHE B 106 -6.12 44.71 -4.78
CA PHE B 106 -5.82 46.14 -4.83
C PHE B 106 -5.41 46.61 -6.22
N ASP B 107 -6.15 46.13 -7.22
CA ASP B 107 -6.04 46.62 -8.58
C ASP B 107 -7.41 47.11 -9.03
N PRO B 108 -7.57 48.39 -9.34
CA PRO B 108 -8.90 48.87 -9.73
C PRO B 108 -9.30 48.39 -11.11
N ASP B 109 -10.20 47.42 -11.16
CA ASP B 109 -10.66 46.86 -12.41
C ASP B 109 -11.72 47.75 -13.02
N LEU B 110 -11.55 48.08 -14.29
CA LEU B 110 -12.62 48.78 -15.00
C LEU B 110 -13.83 47.86 -15.11
N ASP B 111 -14.90 48.39 -15.67
CA ASP B 111 -16.16 47.66 -15.70
C ASP B 111 -16.03 46.31 -16.38
N LEU B 112 -15.70 46.29 -17.67
CA LEU B 112 -15.47 45.02 -18.36
C LEU B 112 -14.26 45.11 -19.27
N ASP B 113 -13.85 43.95 -19.78
CA ASP B 113 -12.76 43.88 -20.75
C ASP B 113 -12.99 44.81 -21.92
N HIS B 114 -14.20 44.84 -22.47
CA HIS B 114 -14.54 45.90 -23.39
C HIS B 114 -14.45 47.23 -22.66
N PRO B 115 -13.76 48.22 -23.21
CA PRO B 115 -13.55 49.46 -22.46
C PRO B 115 -14.83 50.25 -22.30
N GLY B 116 -15.40 50.22 -21.10
CA GLY B 116 -16.52 51.08 -20.79
C GLY B 116 -17.88 50.46 -21.01
N PHE B 117 -18.63 50.25 -19.93
CA PHE B 117 -20.05 50.01 -19.99
C PHE B 117 -20.77 51.18 -19.33
N SER B 118 -22.00 51.44 -19.76
CA SER B 118 -22.86 52.43 -19.12
C SER B 118 -23.64 51.79 -17.97
N ASP B 119 -22.91 51.13 -17.09
CA ASP B 119 -23.49 50.33 -16.01
C ASP B 119 -22.90 50.77 -14.69
N GLN B 120 -22.93 52.07 -14.43
CA GLN B 120 -22.40 52.62 -13.19
C GLN B 120 -22.90 51.83 -11.98
N VAL B 121 -24.15 51.35 -12.03
CA VAL B 121 -24.64 50.49 -10.97
C VAL B 121 -23.87 49.19 -10.93
N TYR B 122 -23.55 48.61 -12.09
CA TYR B 122 -22.70 47.44 -12.08
C TYR B 122 -21.33 47.78 -11.53
N ARG B 123 -20.84 48.98 -11.81
CA ARG B 123 -19.56 49.40 -11.25
C ARG B 123 -19.64 49.43 -9.72
N GLN B 124 -20.73 49.95 -9.18
CA GLN B 124 -20.92 49.94 -7.74
C GLN B 124 -20.91 48.51 -7.21
N ARG B 125 -21.66 47.64 -7.87
CA ARG B 125 -21.72 46.24 -7.46
C ARG B 125 -20.34 45.61 -7.47
N ARG B 126 -19.58 45.82 -8.54
CA ARG B 126 -18.27 45.20 -8.64
C ARG B 126 -17.34 45.75 -7.58
N LYS B 127 -17.36 47.07 -7.38
CA LYS B 127 -16.50 47.67 -6.36
C LYS B 127 -16.82 47.13 -4.99
N LEU B 128 -18.10 47.05 -4.64
CA LEU B 128 -18.46 46.56 -3.31
C LEU B 128 -18.08 45.09 -3.17
N ILE B 129 -18.37 44.28 -4.18
CA ILE B 129 -18.00 42.87 -4.12
C ILE B 129 -16.51 42.72 -3.89
N ALA B 130 -15.72 43.47 -4.67
CA ALA B 130 -14.28 43.43 -4.48
C ALA B 130 -13.90 43.79 -3.06
N GLU B 131 -14.33 44.95 -2.59
CA GLU B 131 -14.05 45.37 -1.22
C GLU B 131 -14.74 44.48 -0.20
N ILE B 132 -15.41 43.42 -0.64
CA ILE B 132 -15.67 42.30 0.26
C ILE B 132 -14.59 41.23 0.07
N ALA B 133 -14.44 40.74 -1.15
CA ALA B 133 -13.44 39.73 -1.44
C ALA B 133 -12.03 40.18 -1.13
N PHE B 134 -11.77 41.49 -1.22
CA PHE B 134 -10.44 42.00 -0.96
C PHE B 134 -9.94 41.55 0.40
N GLN B 135 -10.67 41.89 1.44
CA GLN B 135 -10.22 41.65 2.80
C GLN B 135 -10.57 40.27 3.32
N TYR B 136 -10.78 39.31 2.43
CA TYR B 136 -11.05 37.96 2.87
C TYR B 136 -9.85 37.41 3.62
N ARG B 137 -10.06 37.00 4.86
CA ARG B 137 -9.07 36.24 5.61
C ARG B 137 -9.48 34.78 5.62
N HIS B 138 -8.47 33.91 5.52
CA HIS B 138 -8.77 32.49 5.42
C HIS B 138 -9.46 31.98 6.67
N GLY B 139 -10.26 30.93 6.48
CA GLY B 139 -11.01 30.33 7.55
C GLY B 139 -12.27 31.07 7.92
N ASP B 140 -12.23 32.39 7.92
CA ASP B 140 -13.44 33.12 8.22
C ASP B 140 -14.46 32.92 7.11
N PRO B 141 -15.72 32.69 7.46
CA PRO B 141 -16.75 32.48 6.44
C PRO B 141 -16.98 33.73 5.61
N ILE B 142 -17.87 33.61 4.66
CA ILE B 142 -18.10 34.70 3.73
C ILE B 142 -19.35 35.46 4.17
N PRO B 143 -19.27 36.78 4.29
CA PRO B 143 -20.48 37.56 4.59
C PRO B 143 -21.52 37.38 3.50
N ARG B 144 -22.78 37.56 3.89
CA ARG B 144 -23.88 37.41 2.95
C ARG B 144 -23.76 38.43 1.83
N VAL B 145 -24.30 38.07 0.67
CA VAL B 145 -24.31 38.92 -0.51
C VAL B 145 -25.74 39.11 -0.96
N GLU B 146 -26.18 40.36 -0.98
CA GLU B 146 -27.50 40.67 -1.48
C GLU B 146 -27.51 40.64 -3.00
N TYR B 147 -28.70 40.58 -3.57
CA TYR B 147 -28.87 40.63 -5.02
C TYR B 147 -30.17 41.36 -5.34
N THR B 148 -30.07 42.40 -6.15
CA THR B 148 -31.22 43.19 -6.53
C THR B 148 -32.13 42.37 -7.45
N ALA B 149 -33.27 42.94 -7.81
CA ALA B 149 -34.31 42.15 -8.49
C ALA B 149 -33.93 41.83 -9.92
N GLU B 150 -32.97 42.56 -10.49
CA GLU B 150 -32.67 42.36 -11.90
C GLU B 150 -31.80 41.13 -12.12
N GLU B 151 -30.69 41.01 -11.40
CA GLU B 151 -29.93 39.76 -11.47
C GLU B 151 -30.80 38.60 -11.00
N ILE B 152 -31.74 38.87 -10.11
CA ILE B 152 -32.71 37.86 -9.74
C ILE B 152 -33.49 37.39 -10.97
N ALA B 153 -34.11 38.33 -11.68
CA ALA B 153 -34.95 37.96 -12.82
C ALA B 153 -34.12 37.28 -13.89
N THR B 154 -32.88 37.72 -14.06
CA THR B 154 -32.04 37.11 -15.07
C THR B 154 -31.58 35.72 -14.67
N TRP B 155 -31.20 35.55 -13.41
CA TRP B 155 -31.00 34.22 -12.87
C TRP B 155 -32.21 33.35 -13.15
N LYS B 156 -33.40 33.90 -12.96
CA LYS B 156 -34.61 33.12 -13.21
C LYS B 156 -34.69 32.72 -14.68
N GLU B 157 -34.45 33.67 -15.56
CA GLU B 157 -34.50 33.41 -16.98
C GLU B 157 -33.51 32.32 -17.37
N VAL B 158 -32.28 32.43 -16.89
CA VAL B 158 -31.27 31.45 -17.26
C VAL B 158 -31.57 30.11 -16.61
N TYR B 159 -32.03 30.13 -15.36
CA TYR B 159 -32.50 28.92 -14.71
C TYR B 159 -33.48 28.19 -15.59
N THR B 160 -34.53 28.89 -16.03
CA THR B 160 -35.51 28.30 -16.92
C THR B 160 -34.87 27.76 -18.19
N THR B 161 -34.26 28.63 -18.99
CA THR B 161 -33.65 28.23 -20.25
C THR B 161 -32.78 26.99 -20.07
N LEU B 162 -31.80 27.09 -19.20
CA LEU B 162 -30.88 25.99 -18.91
C LEU B 162 -31.63 24.74 -18.50
N LYS B 163 -32.45 24.83 -17.45
CA LYS B 163 -33.31 23.72 -17.07
C LYS B 163 -34.10 23.21 -18.25
N GLY B 164 -34.58 24.12 -19.10
CA GLY B 164 -35.21 23.69 -20.34
C GLY B 164 -34.29 22.85 -21.20
N LEU B 165 -32.99 23.10 -21.12
CA LEU B 165 -32.04 22.33 -21.92
C LEU B 165 -31.19 21.39 -21.09
N TYR B 166 -31.48 21.24 -19.81
CA TYR B 166 -30.64 20.41 -18.97
C TYR B 166 -30.64 18.96 -19.42
N ALA B 167 -31.80 18.30 -19.43
CA ALA B 167 -31.86 16.94 -19.96
C ALA B 167 -31.25 16.86 -21.34
N THR B 168 -31.27 17.94 -22.10
CA THR B 168 -30.71 17.97 -23.44
C THR B 168 -29.20 17.89 -23.32
N HIS B 169 -28.66 16.71 -23.57
CA HIS B 169 -27.26 16.48 -23.92
C HIS B 169 -26.30 16.73 -22.78
N ALA B 170 -26.79 17.16 -21.61
CA ALA B 170 -25.89 17.49 -20.52
C ALA B 170 -25.45 16.21 -19.81
N CYS B 171 -24.35 16.32 -19.07
CA CYS B 171 -23.83 15.20 -18.30
C CYS B 171 -24.84 14.75 -17.26
N GLY B 172 -25.38 13.55 -17.46
CA GLY B 172 -26.35 13.02 -16.52
C GLY B 172 -25.84 12.99 -15.09
N GLU B 173 -24.56 12.72 -14.90
CA GLU B 173 -23.99 12.81 -13.57
C GLU B 173 -24.06 14.24 -13.06
N HIS B 174 -23.56 15.19 -13.84
CA HIS B 174 -23.79 16.60 -13.53
C HIS B 174 -25.25 16.90 -13.27
N LEU B 175 -26.15 16.28 -14.04
CA LEU B 175 -27.56 16.64 -13.94
C LEU B 175 -28.16 16.18 -12.63
N GLU B 176 -27.87 14.93 -12.24
CA GLU B 176 -28.31 14.47 -10.93
C GLU B 176 -27.65 15.25 -9.83
N ALA B 177 -26.40 15.67 -10.03
CA ALA B 177 -25.78 16.60 -9.09
C ALA B 177 -26.62 17.85 -8.93
N PHE B 178 -27.00 18.47 -10.05
CA PHE B 178 -27.88 19.64 -10.01
C PHE B 178 -29.18 19.34 -9.29
N ALA B 179 -29.71 18.14 -9.48
CA ALA B 179 -30.92 17.78 -8.74
C ALA B 179 -30.66 17.80 -7.25
N LEU B 180 -29.55 17.21 -6.83
CA LEU B 180 -29.15 17.26 -5.43
C LEU B 180 -29.03 18.70 -4.97
N LEU B 181 -28.58 19.57 -5.85
CA LEU B 181 -28.47 20.98 -5.48
C LEU B 181 -29.85 21.59 -5.30
N GLU B 182 -30.67 21.50 -6.34
CA GLU B 182 -32.01 22.04 -6.31
C GLU B 182 -32.79 21.56 -5.10
N ARG B 183 -32.50 20.36 -4.61
CA ARG B 183 -33.16 19.88 -3.41
C ARG B 183 -32.39 20.23 -2.15
N PHE B 184 -31.11 20.56 -2.27
CA PHE B 184 -30.25 20.79 -1.12
C PHE B 184 -29.67 22.19 -1.11
N SER B 185 -29.06 22.60 -2.22
CA SER B 185 -28.37 23.89 -2.26
C SER B 185 -29.31 25.06 -2.04
N GLY B 186 -30.42 25.09 -2.77
CA GLY B 186 -31.26 26.26 -2.84
C GLY B 186 -31.35 26.76 -4.26
N TYR B 187 -30.97 25.91 -5.21
CA TYR B 187 -31.15 26.22 -6.62
C TYR B 187 -32.63 26.39 -6.92
N ARG B 188 -33.04 27.60 -7.25
CA ARG B 188 -34.41 27.81 -7.67
C ARG B 188 -34.46 28.95 -8.67
N GLU B 189 -35.49 28.93 -9.50
CA GLU B 189 -35.69 29.97 -10.49
C GLU B 189 -35.72 31.35 -9.85
N ASP B 190 -36.55 31.51 -8.82
CA ASP B 190 -36.71 32.80 -8.18
C ASP B 190 -35.42 33.30 -7.55
N ASN B 191 -34.81 32.51 -6.68
CA ASN B 191 -33.74 33.00 -5.81
C ASN B 191 -32.37 32.57 -6.30
N ILE B 192 -31.39 33.45 -6.15
CA ILE B 192 -29.99 33.12 -6.45
C ILE B 192 -29.37 32.47 -5.21
N PRO B 193 -28.91 31.24 -5.30
CA PRO B 193 -28.29 30.60 -4.13
C PRO B 193 -27.01 31.30 -3.75
N GLN B 194 -26.81 31.44 -2.44
CA GLN B 194 -25.58 32.02 -1.96
C GLN B 194 -24.41 31.10 -2.29
N LEU B 195 -23.22 31.55 -1.91
CA LEU B 195 -22.03 30.74 -2.12
C LEU B 195 -21.71 29.92 -0.88
N GLU B 196 -21.94 30.47 0.31
CA GLU B 196 -21.55 29.78 1.54
C GLU B 196 -22.29 28.47 1.69
N ASP B 197 -23.61 28.50 1.53
CA ASP B 197 -24.43 27.29 1.63
C ASP B 197 -23.94 26.22 0.68
N VAL B 198 -23.89 26.54 -0.62
CA VAL B 198 -23.55 25.54 -1.61
C VAL B 198 -22.14 25.05 -1.39
N SER B 199 -21.23 25.94 -0.99
CA SER B 199 -19.86 25.54 -0.75
C SER B 199 -19.76 24.60 0.44
N ARG B 200 -20.56 24.85 1.47
CA ARG B 200 -20.60 23.91 2.58
C ARG B 200 -21.11 22.56 2.10
N PHE B 201 -22.19 22.55 1.34
CA PHE B 201 -22.65 21.31 0.73
C PHE B 201 -21.51 20.62 0.00
N LEU B 202 -20.69 21.40 -0.68
CA LEU B 202 -19.59 20.85 -1.45
C LEU B 202 -18.51 20.26 -0.56
N LYS B 203 -18.17 20.96 0.53
CA LYS B 203 -17.24 20.38 1.49
C LYS B 203 -17.73 19.04 1.98
N GLU B 204 -19.01 18.94 2.34
CA GLU B 204 -19.52 17.61 2.68
C GLU B 204 -19.37 16.67 1.51
N ARG B 205 -19.67 17.13 0.31
CA ARG B 205 -19.52 16.29 -0.87
C ARG B 205 -18.06 15.97 -1.14
N THR B 206 -17.25 17.00 -1.32
CA THR B 206 -15.92 16.83 -1.85
C THR B 206 -14.82 17.40 -0.97
N GLY B 207 -15.16 18.25 -0.03
CA GLY B 207 -14.13 19.01 0.64
C GLY B 207 -13.65 20.22 -0.12
N PHE B 208 -13.92 20.27 -1.43
CA PHE B 208 -13.67 21.52 -2.13
C PHE B 208 -14.46 22.64 -1.48
N GLN B 209 -13.99 23.86 -1.69
CA GLN B 209 -14.68 25.02 -1.18
C GLN B 209 -14.38 26.22 -2.06
N LEU B 210 -15.16 27.27 -1.85
CA LEU B 210 -15.10 28.42 -2.73
C LEU B 210 -14.11 29.44 -2.21
N ARG B 211 -13.84 30.45 -3.03
CA ARG B 211 -13.10 31.63 -2.61
C ARG B 211 -13.53 32.79 -3.48
N PRO B 212 -13.81 33.95 -2.91
CA PRO B 212 -14.30 35.06 -3.73
C PRO B 212 -13.16 35.65 -4.55
N VAL B 213 -13.45 36.01 -5.79
CA VAL B 213 -12.45 36.61 -6.65
C VAL B 213 -13.13 37.60 -7.58
N ALA B 214 -12.46 38.73 -7.81
CA ALA B 214 -12.90 39.68 -8.81
C ALA B 214 -12.08 39.55 -10.09
N GLY B 215 -10.76 39.68 -9.97
CA GLY B 215 -9.87 39.53 -11.10
C GLY B 215 -9.12 38.22 -11.04
N LEU B 216 -9.06 37.54 -12.19
CA LEU B 216 -8.40 36.25 -12.31
C LEU B 216 -6.89 36.37 -12.36
N LEU B 217 -6.36 37.50 -11.89
CA LEU B 217 -5.12 38.08 -12.38
C LEU B 217 -4.07 37.05 -12.77
N SER B 218 -3.93 35.99 -11.99
CA SER B 218 -2.99 34.93 -12.30
C SER B 218 -3.73 33.62 -12.43
N ALA B 219 -4.04 33.22 -13.66
CA ALA B 219 -4.43 31.85 -13.89
C ALA B 219 -3.43 30.89 -13.27
N ARG B 220 -2.14 31.21 -13.37
CA ARG B 220 -1.13 30.49 -12.60
C ARG B 220 -1.55 30.36 -11.15
N ASP B 221 -1.71 31.49 -10.45
CA ASP B 221 -2.08 31.41 -9.05
C ASP B 221 -3.52 30.95 -8.89
N PHE B 222 -4.36 31.18 -9.88
CA PHE B 222 -5.68 30.58 -9.88
C PHE B 222 -5.59 29.07 -9.81
N LEU B 223 -4.85 28.47 -10.72
CA LEU B 223 -4.70 27.03 -10.71
C LEU B 223 -4.03 26.57 -9.42
N ALA B 224 -3.12 27.38 -8.90
CA ALA B 224 -2.54 27.08 -7.60
C ALA B 224 -3.60 27.00 -6.52
N SER B 225 -4.49 27.98 -6.47
CA SER B 225 -5.57 27.96 -5.50
C SER B 225 -6.37 26.68 -5.64
N LEU B 226 -6.76 26.34 -6.87
CA LEU B 226 -7.54 25.13 -7.04
C LEU B 226 -6.75 23.88 -6.68
N ALA B 227 -5.43 23.93 -6.74
CA ALA B 227 -4.64 22.81 -6.24
C ALA B 227 -5.01 22.50 -4.80
N PHE B 228 -5.31 23.52 -4.03
CA PHE B 228 -5.80 23.33 -2.67
C PHE B 228 -7.23 22.88 -2.63
N ARG B 229 -7.79 22.48 -3.78
CA ARG B 229 -9.19 22.08 -3.87
C ARG B 229 -10.11 23.25 -3.58
N VAL B 230 -9.64 24.46 -3.83
CA VAL B 230 -10.39 25.66 -3.53
C VAL B 230 -10.60 26.43 -4.83
N PHE B 231 -11.85 26.65 -5.19
CA PHE B 231 -12.17 27.31 -6.44
C PHE B 231 -12.46 28.78 -6.18
N GLN B 232 -11.83 29.65 -6.96
CA GLN B 232 -12.06 31.08 -6.83
C GLN B 232 -13.36 31.45 -7.53
N CYS B 233 -14.24 32.17 -6.83
CA CYS B 233 -15.54 32.46 -7.39
C CYS B 233 -15.74 33.96 -7.50
N THR B 234 -16.53 34.35 -8.50
CA THR B 234 -16.81 35.73 -8.83
C THR B 234 -18.25 36.04 -8.45
N GLN B 235 -18.41 36.79 -7.37
CA GLN B 235 -19.71 36.98 -6.75
C GLN B 235 -20.59 37.90 -7.55
N TYR B 236 -20.18 38.27 -8.75
CA TYR B 236 -20.90 39.20 -9.58
C TYR B 236 -21.43 38.50 -10.83
N ILE B 237 -22.27 39.22 -11.55
CA ILE B 237 -23.07 38.65 -12.62
C ILE B 237 -22.77 39.40 -13.91
N ARG B 238 -22.91 38.69 -15.03
CA ARG B 238 -22.85 39.31 -16.34
C ARG B 238 -23.87 40.44 -16.43
N HIS B 239 -23.71 41.27 -17.45
CA HIS B 239 -24.74 42.26 -17.73
C HIS B 239 -26.06 41.57 -18.00
N ALA B 240 -27.12 42.12 -17.41
CA ALA B 240 -28.46 41.67 -17.75
C ALA B 240 -28.67 41.62 -19.25
N SER B 241 -28.31 42.69 -19.95
CA SER B 241 -28.43 42.69 -21.40
C SER B 241 -27.53 41.66 -22.06
N SER B 242 -26.66 40.99 -21.29
CA SER B 242 -25.77 39.96 -21.81
C SER B 242 -26.10 38.64 -21.15
N PRO B 243 -27.33 38.18 -21.23
CA PRO B 243 -27.70 37.00 -20.45
C PRO B 243 -27.08 35.73 -21.00
N MET B 244 -27.17 35.54 -22.31
CA MET B 244 -26.73 34.31 -22.94
C MET B 244 -25.23 34.29 -23.16
N HIS B 245 -24.72 35.24 -23.95
CA HIS B 245 -23.28 35.36 -24.11
C HIS B 245 -22.70 36.05 -22.89
N SER B 246 -21.67 35.45 -22.32
CA SER B 246 -20.94 36.08 -21.25
C SER B 246 -19.57 36.51 -21.78
N PRO B 247 -19.31 37.81 -21.87
CA PRO B 247 -17.96 38.27 -22.19
C PRO B 247 -16.95 37.93 -21.10
N GLU B 248 -17.40 37.40 -19.98
CA GLU B 248 -16.51 37.11 -18.87
C GLU B 248 -17.20 36.17 -17.89
N PRO B 249 -16.45 35.27 -17.26
CA PRO B 249 -17.05 34.36 -16.27
C PRO B 249 -17.69 35.11 -15.11
N ASP B 250 -18.92 34.74 -14.80
CA ASP B 250 -19.69 35.33 -13.70
C ASP B 250 -20.33 34.23 -12.87
N CYS B 251 -21.12 34.63 -11.87
CA CYS B 251 -21.91 33.65 -11.13
C CYS B 251 -22.70 32.76 -12.08
N CYS B 252 -23.46 33.36 -12.98
CA CYS B 252 -24.19 32.59 -13.97
C CYS B 252 -23.26 31.65 -14.72
N HIS B 253 -21.99 32.03 -14.87
CA HIS B 253 -21.03 31.10 -15.43
C HIS B 253 -20.64 30.03 -14.41
N GLU B 254 -20.07 30.47 -13.29
CA GLU B 254 -19.39 29.53 -12.42
C GLU B 254 -20.37 28.61 -11.71
N LEU B 255 -21.30 29.18 -10.96
CA LEU B 255 -22.27 28.38 -10.22
C LEU B 255 -23.02 27.42 -11.12
N LEU B 256 -23.02 27.67 -12.42
CA LEU B 256 -23.86 26.90 -13.31
C LEU B 256 -23.08 25.86 -14.09
N GLY B 257 -21.82 26.13 -14.39
CA GLY B 257 -21.01 25.12 -15.01
C GLY B 257 -20.14 24.38 -14.02
N HIS B 258 -19.36 25.13 -13.25
CA HIS B 258 -18.29 24.54 -12.44
C HIS B 258 -18.84 23.60 -11.39
N VAL B 259 -19.56 24.14 -10.41
CA VAL B 259 -19.95 23.34 -9.25
C VAL B 259 -20.83 22.15 -9.63
N PRO B 260 -21.84 22.28 -10.49
CA PRO B 260 -22.68 21.11 -10.76
C PRO B 260 -21.93 19.98 -11.40
N MET B 261 -20.68 20.21 -11.79
CA MET B 261 -19.77 19.13 -12.11
C MET B 261 -18.84 18.82 -10.97
N LEU B 262 -18.30 19.85 -10.32
CA LEU B 262 -17.22 19.67 -9.38
C LEU B 262 -17.60 18.74 -8.24
N ALA B 263 -18.90 18.52 -8.02
CA ALA B 263 -19.37 17.72 -6.91
C ALA B 263 -18.90 16.27 -6.95
N ASP B 264 -18.42 15.79 -8.08
CA ASP B 264 -17.96 14.40 -8.13
C ASP B 264 -16.70 14.23 -7.33
N ARG B 265 -16.60 13.09 -6.65
CA ARG B 265 -15.41 12.78 -5.87
C ARG B 265 -14.17 12.77 -6.75
N THR B 266 -14.10 11.82 -7.68
CA THR B 266 -12.87 11.63 -8.43
C THR B 266 -12.64 12.75 -9.41
N PHE B 267 -13.71 13.34 -9.95
CA PHE B 267 -13.52 14.47 -10.86
C PHE B 267 -12.98 15.67 -10.12
N ALA B 268 -13.46 15.92 -8.90
CA ALA B 268 -12.87 16.95 -8.07
C ALA B 268 -11.40 16.64 -7.80
N GLN B 269 -11.10 15.39 -7.48
CA GLN B 269 -9.71 14.99 -7.29
C GLN B 269 -8.87 15.36 -8.51
N PHE B 270 -9.35 15.01 -9.69
CA PHE B 270 -8.63 15.29 -10.92
C PHE B 270 -8.43 16.80 -11.09
N SER B 271 -9.50 17.56 -10.92
CA SER B 271 -9.39 19.00 -10.96
C SER B 271 -8.27 19.49 -10.07
N GLN B 272 -8.25 19.04 -8.81
CA GLN B 272 -7.19 19.43 -7.92
C GLN B 272 -5.83 19.04 -8.46
N ASP B 273 -5.71 17.80 -8.93
CA ASP B 273 -4.46 17.31 -9.48
C ASP B 273 -3.92 18.23 -10.54
N ILE B 274 -4.79 18.82 -11.35
CA ILE B 274 -4.35 19.82 -12.30
C ILE B 274 -3.58 20.92 -11.59
N GLY B 275 -4.21 21.56 -10.61
CA GLY B 275 -3.52 22.56 -9.83
C GLY B 275 -2.22 22.05 -9.27
N LEU B 276 -2.25 20.83 -8.73
CA LEU B 276 -1.04 20.25 -8.15
C LEU B 276 0.10 20.25 -9.15
N ALA B 277 -0.20 19.89 -10.39
CA ALA B 277 0.80 20.05 -11.44
C ALA B 277 1.31 21.47 -11.49
N SER B 278 0.41 22.44 -11.50
CA SER B 278 0.80 23.84 -11.65
C SER B 278 1.60 24.36 -10.47
N LEU B 279 1.84 23.54 -9.46
CA LEU B 279 2.40 24.06 -8.22
C LEU B 279 3.75 24.69 -8.50
N GLY B 280 3.79 26.02 -8.40
CA GLY B 280 4.96 26.76 -8.79
C GLY B 280 5.47 26.40 -10.17
N ALA B 281 4.58 26.13 -11.12
CA ALA B 281 5.02 25.78 -12.46
C ALA B 281 5.66 26.99 -13.12
N SER B 282 6.38 26.73 -14.21
CA SER B 282 7.05 27.82 -14.90
C SER B 282 6.08 28.53 -15.82
N ASP B 283 6.40 29.80 -16.10
CA ASP B 283 5.53 30.68 -16.86
C ASP B 283 5.00 30.01 -18.11
N GLU B 284 5.87 29.45 -18.93
CA GLU B 284 5.39 28.76 -20.12
C GLU B 284 4.68 27.47 -19.76
N GLU B 285 5.17 26.76 -18.75
CA GLU B 285 4.43 25.59 -18.26
C GLU B 285 3.08 26.02 -17.71
N ILE B 286 3.05 27.13 -17.01
CA ILE B 286 1.79 27.72 -16.57
C ILE B 286 0.86 27.90 -17.76
N GLU B 287 1.37 28.51 -18.83
CA GLU B 287 0.54 28.73 -19.99
C GLU B 287 0.02 27.41 -20.53
N LYS B 288 0.89 26.40 -20.57
CA LYS B 288 0.48 25.09 -21.06
C LYS B 288 -0.66 24.54 -20.23
N LEU B 289 -0.51 24.58 -18.91
CA LEU B 289 -1.53 23.99 -18.04
C LEU B 289 -2.83 24.76 -18.13
N SER B 290 -2.76 26.08 -18.10
CA SER B 290 -3.94 26.90 -18.28
C SER B 290 -4.62 26.59 -19.60
N THR B 291 -3.83 26.44 -20.65
CA THR B 291 -4.36 26.07 -21.95
C THR B 291 -5.11 24.76 -21.84
N LEU B 292 -4.49 23.76 -21.22
CA LEU B 292 -5.17 22.51 -20.94
C LEU B 292 -6.52 22.77 -20.28
N TYR B 293 -6.49 23.43 -19.13
CA TYR B 293 -7.70 23.80 -18.41
C TYR B 293 -8.75 24.35 -19.36
N TRP B 294 -8.35 25.21 -20.29
CA TRP B 294 -9.30 25.75 -21.24
C TRP B 294 -10.08 24.63 -21.92
N PHE B 295 -9.39 23.75 -22.63
CA PHE B 295 -10.06 22.71 -23.38
C PHE B 295 -10.55 21.56 -22.51
N THR B 296 -10.33 21.59 -21.21
CA THR B 296 -10.66 20.42 -20.42
C THR B 296 -11.55 20.69 -19.22
N VAL B 297 -11.85 21.94 -18.88
CA VAL B 297 -12.62 22.19 -17.68
C VAL B 297 -13.88 22.97 -18.00
N GLU B 298 -13.70 24.22 -18.43
CA GLU B 298 -14.86 25.00 -18.83
C GLU B 298 -15.46 24.44 -20.10
N PHE B 299 -14.63 23.83 -20.91
CA PHE B 299 -15.02 23.29 -22.21
C PHE B 299 -14.57 21.84 -22.25
N GLY B 300 -15.39 20.98 -21.67
CA GLY B 300 -15.14 19.56 -21.65
C GLY B 300 -16.34 18.77 -22.11
N LEU B 301 -16.12 17.77 -22.94
CA LEU B 301 -17.20 17.08 -23.62
C LEU B 301 -17.21 15.61 -23.19
N CYS B 302 -18.15 15.28 -22.32
CA CYS B 302 -18.27 13.94 -21.77
C CYS B 302 -18.96 13.02 -22.76
N LYS B 303 -19.28 11.81 -22.30
CA LYS B 303 -19.89 10.80 -23.16
C LYS B 303 -20.69 9.85 -22.30
N GLN B 304 -22.00 10.05 -22.23
CA GLN B 304 -22.89 9.23 -21.42
C GLN B 304 -23.65 8.26 -22.31
N ASN B 305 -23.77 7.02 -21.84
CA ASN B 305 -24.42 5.95 -22.60
C ASN B 305 -23.74 5.70 -23.93
N GLY B 306 -22.43 5.89 -23.98
CA GLY B 306 -21.66 5.71 -25.20
C GLY B 306 -21.77 6.87 -26.17
N GLU B 307 -22.90 7.57 -26.15
CA GLU B 307 -23.05 8.78 -26.94
C GLU B 307 -22.47 9.96 -26.16
N VAL B 308 -21.95 10.93 -26.89
CA VAL B 308 -21.24 12.03 -26.26
C VAL B 308 -22.26 12.98 -25.62
N LYS B 309 -21.92 13.47 -24.42
CA LYS B 309 -22.69 14.49 -23.73
C LYS B 309 -21.77 15.63 -23.34
N ALA B 310 -22.33 16.70 -22.82
CA ALA B 310 -21.56 17.87 -22.45
C ALA B 310 -21.32 17.86 -20.95
N TYR B 311 -20.11 18.26 -20.55
CA TYR B 311 -19.80 18.42 -19.13
C TYR B 311 -18.87 19.58 -18.85
N GLY B 312 -18.50 20.37 -19.85
CA GLY B 312 -17.65 21.50 -19.59
C GLY B 312 -18.37 22.61 -18.85
N ALA B 313 -17.62 23.25 -17.94
CA ALA B 313 -18.22 24.26 -17.09
C ALA B 313 -18.77 25.42 -17.92
N GLY B 314 -17.89 26.13 -18.62
CA GLY B 314 -18.33 27.18 -19.52
C GLY B 314 -19.38 26.72 -20.50
N LEU B 315 -19.26 25.50 -21.00
CA LEU B 315 -20.33 24.95 -21.83
C LEU B 315 -21.66 25.01 -21.10
N LEU B 316 -21.73 24.35 -19.95
CA LEU B 316 -22.95 24.37 -19.15
C LEU B 316 -23.06 25.65 -18.35
N SER B 317 -22.31 26.66 -18.77
CA SER B 317 -22.53 28.03 -18.32
C SER B 317 -23.05 28.83 -19.50
N SER B 318 -22.83 28.31 -20.70
CA SER B 318 -23.26 28.94 -21.94
C SER B 318 -24.65 28.46 -22.28
N TYR B 319 -25.43 29.34 -22.91
CA TYR B 319 -26.77 28.96 -23.35
C TYR B 319 -26.76 28.54 -24.82
N GLY B 320 -26.42 29.48 -25.69
CA GLY B 320 -26.41 29.18 -27.12
C GLY B 320 -25.13 28.55 -27.59
N GLU B 321 -24.00 28.97 -27.05
CA GLU B 321 -22.77 28.24 -27.27
C GLU B 321 -22.92 26.80 -26.84
N LEU B 322 -23.66 26.56 -25.76
CA LEU B 322 -23.95 25.18 -25.37
C LEU B 322 -24.58 24.42 -26.50
N LEU B 323 -25.54 25.02 -27.19
CA LEU B 323 -26.14 24.37 -28.33
C LEU B 323 -25.14 24.22 -29.48
N HIS B 324 -24.33 25.25 -29.69
CA HIS B 324 -23.26 25.24 -30.70
C HIS B 324 -22.38 24.02 -30.57
N CYS B 325 -21.72 23.85 -29.41
CA CYS B 325 -20.76 22.78 -29.26
C CYS B 325 -21.40 21.41 -29.46
N LEU B 326 -22.58 21.21 -28.89
CA LEU B 326 -23.32 19.98 -29.11
C LEU B 326 -23.52 19.67 -30.58
N SER B 327 -23.74 20.69 -31.40
CA SER B 327 -23.90 20.46 -32.83
C SER B 327 -22.59 19.97 -33.44
N GLU B 328 -22.68 19.54 -34.69
CA GLU B 328 -21.57 18.88 -35.35
C GLU B 328 -20.54 19.84 -35.91
N GLU B 329 -20.95 21.02 -36.37
CA GLU B 329 -20.05 21.92 -37.06
C GLU B 329 -18.84 22.34 -36.22
N PRO B 330 -18.86 22.32 -34.89
CA PRO B 330 -17.61 22.45 -34.14
C PRO B 330 -16.89 21.12 -34.03
N GLU B 331 -15.56 21.19 -34.16
CA GLU B 331 -14.72 20.00 -34.17
C GLU B 331 -14.60 19.45 -32.77
N ILE B 332 -14.55 18.14 -32.66
CA ILE B 332 -14.35 17.49 -31.38
C ILE B 332 -13.33 16.39 -31.58
N ARG B 333 -12.06 16.70 -31.29
CA ARG B 333 -11.10 15.63 -31.11
C ARG B 333 -11.28 15.02 -29.72
N ALA B 334 -10.34 14.16 -29.33
CA ALA B 334 -10.39 13.57 -28.01
C ALA B 334 -9.34 14.17 -27.11
N PHE B 335 -9.59 14.10 -25.80
CA PHE B 335 -8.67 14.70 -24.85
C PHE B 335 -7.31 14.02 -24.89
N ASP B 336 -6.27 14.82 -25.15
CA ASP B 336 -4.89 14.41 -25.18
C ASP B 336 -4.02 15.49 -24.55
N PRO B 337 -3.13 15.12 -23.64
CA PRO B 337 -2.35 16.14 -22.93
C PRO B 337 -1.54 16.96 -23.92
N GLU B 338 -0.83 16.24 -24.78
CA GLU B 338 0.04 16.88 -25.76
C GLU B 338 -0.76 17.57 -26.86
N ALA B 339 -1.72 16.87 -27.47
CA ALA B 339 -2.57 17.51 -28.45
C ALA B 339 -3.25 18.75 -27.90
N ALA B 340 -3.54 18.76 -26.60
CA ALA B 340 -4.01 19.97 -25.95
C ALA B 340 -2.88 20.78 -25.34
N ALA B 341 -1.66 20.27 -25.35
CA ALA B 341 -0.56 21.06 -24.80
C ALA B 341 -0.40 22.37 -25.56
N VAL B 342 -0.52 22.34 -26.88
CA VAL B 342 -0.39 23.54 -27.68
C VAL B 342 -1.54 23.69 -28.67
N GLN B 343 -2.68 23.08 -28.39
CA GLN B 343 -3.83 23.25 -29.27
C GLN B 343 -4.28 24.71 -29.25
N PRO B 344 -4.31 25.37 -30.40
CA PRO B 344 -4.74 26.77 -30.42
C PRO B 344 -6.20 26.93 -30.04
N TYR B 345 -6.59 28.18 -29.79
CA TYR B 345 -7.97 28.52 -29.49
C TYR B 345 -8.12 30.03 -29.45
N GLN B 346 -9.34 30.48 -29.73
CA GLN B 346 -9.78 31.85 -29.49
C GLN B 346 -10.64 31.87 -28.24
N ASP B 347 -11.22 33.03 -27.95
CA ASP B 347 -12.03 33.19 -26.75
C ASP B 347 -13.45 33.63 -27.00
N GLN B 348 -13.69 34.51 -27.98
CA GLN B 348 -15.00 35.14 -28.13
C GLN B 348 -15.93 34.30 -29.00
N THR B 349 -15.52 34.05 -30.24
CA THR B 349 -16.36 33.31 -31.18
C THR B 349 -16.68 31.93 -30.61
N TYR B 350 -17.80 31.37 -31.06
CA TYR B 350 -18.20 30.06 -30.57
C TYR B 350 -17.13 29.03 -30.92
N GLN B 351 -16.45 28.56 -29.88
CA GLN B 351 -15.30 27.69 -30.06
C GLN B 351 -15.69 26.45 -30.86
N SER B 352 -14.78 26.01 -31.72
CA SER B 352 -15.08 24.87 -32.56
C SER B 352 -14.44 23.59 -32.03
N VAL B 353 -13.12 23.57 -31.95
CA VAL B 353 -12.38 22.34 -31.70
C VAL B 353 -12.53 21.96 -30.23
N TYR B 354 -12.78 20.68 -29.98
CA TYR B 354 -12.95 20.17 -28.63
C TYR B 354 -12.19 18.85 -28.48
N PHE B 355 -11.93 18.50 -27.22
CA PHE B 355 -11.19 17.29 -26.87
C PHE B 355 -12.14 16.38 -26.11
N VAL B 356 -12.85 15.50 -26.82
CA VAL B 356 -13.95 14.76 -26.21
C VAL B 356 -13.41 13.89 -25.08
N SER B 357 -14.21 13.75 -24.03
CA SER B 357 -13.84 12.97 -22.86
C SER B 357 -14.78 11.79 -22.72
N GLU B 358 -14.20 10.65 -22.37
CA GLU B 358 -14.99 9.43 -22.22
C GLU B 358 -15.02 8.97 -20.76
N SER B 359 -13.98 9.30 -19.99
CA SER B 359 -13.91 8.90 -18.60
C SER B 359 -13.00 9.86 -17.86
N PHE B 360 -13.54 10.40 -16.77
CA PHE B 360 -12.74 11.25 -15.89
C PHE B 360 -11.45 10.56 -15.48
N SER B 361 -11.53 9.26 -15.19
CA SER B 361 -10.35 8.50 -14.83
C SER B 361 -9.28 8.63 -15.91
N ASP B 362 -9.68 8.51 -17.18
CA ASP B 362 -8.71 8.65 -18.25
C ASP B 362 -8.09 10.03 -18.25
N ALA B 363 -8.87 11.05 -17.95
CA ALA B 363 -8.31 12.39 -17.80
C ALA B 363 -7.29 12.41 -16.68
N LYS B 364 -7.63 11.81 -15.55
CA LYS B 364 -6.67 11.66 -14.47
C LYS B 364 -5.38 11.04 -14.98
N ASP B 365 -5.51 10.00 -15.80
CA ASP B 365 -4.34 9.26 -16.25
C ASP B 365 -3.46 10.13 -17.13
N LYS B 366 -4.07 10.79 -18.12
CA LYS B 366 -3.31 11.65 -19.01
C LYS B 366 -2.67 12.79 -18.24
N LEU B 367 -3.37 13.31 -17.23
CA LEU B 367 -2.73 14.24 -16.32
C LEU B 367 -1.50 13.61 -15.70
N ARG B 368 -1.68 12.55 -14.90
CA ARG B 368 -0.58 11.89 -14.23
C ARG B 368 0.63 11.79 -15.15
N SER B 369 0.41 11.30 -16.36
CA SER B 369 1.50 11.25 -17.33
C SER B 369 2.11 12.62 -17.56
N TYR B 370 1.33 13.56 -18.08
CA TYR B 370 1.90 14.84 -18.51
C TYR B 370 2.55 15.57 -17.34
N ALA B 371 1.86 15.65 -16.22
CA ALA B 371 2.45 16.15 -14.99
C ALA B 371 3.77 15.49 -14.68
N SER B 372 3.80 14.17 -14.50
CA SER B 372 5.07 13.47 -14.37
C SER B 372 5.98 13.83 -15.52
N ARG B 373 5.45 13.83 -16.75
CA ARG B 373 6.22 14.29 -17.89
C ARG B 373 6.66 15.74 -17.73
N ILE B 374 5.86 16.57 -17.08
CA ILE B 374 6.29 17.93 -16.80
C ILE B 374 7.50 17.87 -15.87
N GLN B 375 8.65 18.28 -16.39
CA GLN B 375 9.85 18.35 -15.57
C GLN B 375 9.63 19.37 -14.46
N ARG B 376 10.22 19.09 -13.30
CA ARG B 376 10.11 19.95 -12.13
C ARG B 376 11.36 19.77 -11.31
N PRO B 377 11.74 20.73 -10.46
CA PRO B 377 12.87 20.51 -9.56
C PRO B 377 12.54 19.56 -8.43
N PHE B 378 11.30 19.11 -8.33
CA PHE B 378 10.82 18.37 -7.17
C PHE B 378 9.44 17.84 -7.50
N SER B 379 8.78 17.29 -6.49
CA SER B 379 7.36 16.99 -6.57
C SER B 379 6.71 17.48 -5.28
N VAL B 380 5.39 17.34 -5.21
CA VAL B 380 4.62 17.78 -4.05
C VAL B 380 3.45 16.84 -3.86
N LYS B 381 2.86 16.89 -2.67
CA LYS B 381 1.64 16.15 -2.39
C LYS B 381 0.74 17.02 -1.53
N PHE B 382 -0.51 16.59 -1.36
CA PHE B 382 -1.47 17.33 -0.57
C PHE B 382 -1.81 16.53 0.69
N ASP B 383 -1.57 17.12 1.85
CA ASP B 383 -2.13 16.48 3.02
C ASP B 383 -3.57 16.91 3.22
N PRO B 384 -4.49 15.94 3.31
CA PRO B 384 -5.88 16.29 3.62
C PRO B 384 -6.08 16.73 5.05
N TYR B 385 -5.32 16.20 6.00
CA TYR B 385 -5.53 16.52 7.40
C TYR B 385 -5.31 18.00 7.63
N THR B 386 -4.09 18.46 7.37
CA THR B 386 -3.74 19.86 7.52
C THR B 386 -4.22 20.69 6.36
N LEU B 387 -4.81 20.07 5.34
CA LEU B 387 -5.28 20.76 4.15
C LEU B 387 -4.15 21.47 3.43
N ALA B 388 -2.91 21.15 3.76
CA ALA B 388 -1.78 21.85 3.20
C ALA B 388 -1.05 20.97 2.21
N ILE B 389 -0.09 21.55 1.50
CA ILE B 389 0.70 20.85 0.50
C ILE B 389 1.78 20.08 1.23
N ASP B 390 2.24 19.01 0.62
CA ASP B 390 3.34 18.21 1.12
C ASP B 390 4.49 18.36 0.15
N VAL B 391 5.59 18.95 0.61
CA VAL B 391 6.74 19.15 -0.25
C VAL B 391 7.45 17.82 -0.45
N LEU B 392 7.74 17.48 -1.69
CA LEU B 392 8.46 16.25 -1.99
C LEU B 392 9.75 16.62 -2.71
N ASP B 393 10.84 16.58 -1.96
CA ASP B 393 12.16 16.95 -2.44
C ASP B 393 13.22 15.97 -2.01
N SER B 394 12.90 15.07 -1.09
CA SER B 394 13.89 14.16 -0.54
C SER B 394 13.25 12.81 -0.38
N PRO B 395 14.03 11.73 -0.47
CA PRO B 395 13.53 10.43 -0.02
C PRO B 395 12.87 10.50 1.35
N GLN B 396 13.35 11.39 2.21
CA GLN B 396 12.84 11.44 3.58
C GLN B 396 11.39 11.89 3.61
N ALA B 397 11.03 12.87 2.80
CA ALA B 397 9.64 13.31 2.76
C ALA B 397 8.75 12.20 2.23
N VAL B 398 9.20 11.52 1.18
CA VAL B 398 8.47 10.35 0.69
C VAL B 398 8.27 9.38 1.83
N ARG B 399 9.31 9.16 2.63
CA ARG B 399 9.21 8.22 3.73
C ARG B 399 8.15 8.64 4.72
N ARG B 400 8.22 9.89 5.18
CA ARG B 400 7.25 10.34 6.16
C ARG B 400 5.84 10.30 5.65
N SER B 401 5.63 10.51 4.34
CA SER B 401 4.30 10.34 3.79
C SER B 401 3.87 8.89 3.81
N LEU B 402 4.74 8.01 3.31
CA LEU B 402 4.47 6.58 3.31
C LEU B 402 4.17 6.06 4.71
N GLU B 403 4.73 6.69 5.73
CA GLU B 403 4.46 6.24 7.10
C GLU B 403 2.97 6.31 7.40
N GLY B 404 2.39 7.51 7.30
CA GLY B 404 0.95 7.63 7.46
C GLY B 404 0.18 6.80 6.47
N VAL B 405 0.72 6.65 5.26
CA VAL B 405 0.10 5.76 4.29
C VAL B 405 -0.12 4.38 4.90
N GLN B 406 0.97 3.75 5.34
CA GLN B 406 0.88 2.43 5.95
C GLN B 406 0.00 2.46 7.17
N ASP B 407 -0.02 3.58 7.89
CA ASP B 407 -0.93 3.71 9.03
C ASP B 407 -2.36 3.46 8.59
N GLU B 408 -2.83 4.25 7.63
CA GLU B 408 -4.18 4.04 7.12
C GLU B 408 -4.35 2.64 6.57
N LEU B 409 -3.32 2.11 5.92
CA LEU B 409 -3.36 0.76 5.41
C LEU B 409 -3.67 -0.25 6.49
N ASP B 410 -2.92 -0.23 7.58
CA ASP B 410 -3.17 -1.16 8.67
C ASP B 410 -4.51 -0.88 9.31
N THR B 411 -4.96 0.37 9.27
CA THR B 411 -6.33 0.64 9.71
C THR B 411 -7.31 -0.20 8.89
N LEU B 412 -7.17 -0.14 7.57
CA LEU B 412 -7.99 -0.99 6.71
C LEU B 412 -7.81 -2.45 7.05
N ALA B 413 -6.59 -2.85 7.38
CA ALA B 413 -6.32 -4.24 7.71
C ALA B 413 -7.12 -4.69 8.92
N HIS B 414 -6.98 -3.97 10.02
CA HIS B 414 -7.75 -4.28 11.22
C HIS B 414 -9.23 -4.23 10.96
N ALA B 415 -9.69 -3.26 10.19
CA ALA B 415 -11.10 -3.22 9.83
C ALA B 415 -11.51 -4.50 9.13
N LEU B 416 -10.77 -4.89 8.09
CA LEU B 416 -11.06 -6.10 7.37
C LEU B 416 -11.11 -7.31 8.27
N SER B 417 -10.11 -7.49 9.12
CA SER B 417 -10.16 -8.58 10.09
C SER B 417 -11.40 -8.50 10.94
N ALA B 418 -11.81 -7.30 11.32
CA ALA B 418 -12.98 -7.13 12.15
C ALA B 418 -14.25 -7.49 11.39
N ILE B 419 -14.40 -6.94 10.18
CA ILE B 419 -15.62 -7.19 9.42
C ILE B 419 -15.71 -8.68 9.13
N GLY B 420 -16.92 -9.21 9.25
CA GLY B 420 -17.12 -10.64 9.18
C GLY B 420 -16.70 -11.30 10.48
N GLY C 1 -43.19 -1.84 6.17
CA GLY C 1 -44.55 -2.30 5.98
C GLY C 1 -45.12 -3.02 7.18
N LYS C 2 -44.58 -4.21 7.45
CA LYS C 2 -45.03 -4.99 8.61
C LYS C 2 -44.15 -4.67 9.82
N ALA C 3 -44.30 -5.44 10.90
CA ALA C 3 -43.56 -5.19 12.13
C ALA C 3 -42.53 -6.29 12.32
N MET C 4 -41.26 -5.94 12.17
CA MET C 4 -40.15 -6.87 12.31
C MET C 4 -39.63 -6.87 13.75
N LEU C 5 -39.02 -7.99 14.12
CA LEU C 5 -38.51 -8.14 15.49
C LEU C 5 -37.00 -8.32 15.44
N ASN C 6 -36.39 -8.58 16.60
CA ASN C 6 -34.96 -8.85 16.65
C ASN C 6 -34.72 -10.09 17.49
N LEU C 7 -33.60 -10.75 17.24
CA LEU C 7 -33.33 -12.04 17.86
C LEU C 7 -33.07 -11.91 19.35
N LEU C 8 -34.06 -12.29 20.15
CA LEU C 8 -33.86 -12.58 21.57
C LEU C 8 -34.83 -13.71 21.89
N PHE C 9 -34.33 -14.95 21.80
CA PHE C 9 -35.14 -16.13 22.04
C PHE C 9 -34.27 -17.18 22.73
N SER C 10 -34.37 -17.24 24.06
CA SER C 10 -33.69 -18.27 24.85
C SER C 10 -34.75 -19.02 25.64
N PRO C 11 -35.24 -20.14 25.12
CA PRO C 11 -36.22 -20.94 25.87
C PRO C 11 -35.59 -21.58 27.10
N ARG C 12 -36.35 -22.41 27.80
CA ARG C 12 -35.81 -23.09 28.97
C ARG C 12 -35.54 -24.57 28.72
N ALA C 13 -36.48 -25.28 28.11
CA ALA C 13 -36.26 -26.66 27.74
C ALA C 13 -35.36 -26.74 26.51
N THR C 14 -34.82 -27.92 26.26
CA THR C 14 -33.87 -28.14 25.17
C THR C 14 -34.54 -28.65 23.90
N LYS C 15 -35.77 -29.16 23.99
CA LYS C 15 -36.52 -29.67 22.85
C LYS C 15 -36.70 -28.66 21.72
N PRO C 16 -36.85 -27.35 22.00
CA PRO C 16 -36.89 -26.38 20.89
C PRO C 16 -35.56 -26.28 20.18
N SER C 17 -35.28 -27.24 19.30
CA SER C 17 -34.12 -27.18 18.41
C SER C 17 -34.56 -26.97 16.96
N ALA C 18 -35.39 -27.87 16.43
CA ALA C 18 -36.19 -27.56 15.25
C ALA C 18 -37.52 -26.95 15.63
N LEU C 19 -37.81 -26.90 16.93
CA LEU C 19 -39.01 -26.39 17.57
C LEU C 19 -40.19 -27.33 17.33
N SER C 20 -40.04 -28.19 16.33
CA SER C 20 -40.86 -29.38 16.12
C SER C 20 -42.34 -29.09 15.91
N ARG C 21 -42.79 -27.88 16.25
CA ARG C 21 -44.16 -27.46 15.96
C ARG C 21 -44.28 -25.98 15.61
N ALA C 22 -43.36 -25.14 16.10
CA ALA C 22 -43.59 -23.70 16.13
C ALA C 22 -43.25 -23.01 14.82
N VAL C 23 -42.48 -23.66 13.95
CA VAL C 23 -42.31 -23.12 12.61
C VAL C 23 -43.66 -22.97 11.92
N LYS C 24 -44.61 -23.86 12.27
CA LYS C 24 -45.95 -23.78 11.68
C LYS C 24 -46.68 -22.54 12.19
N VAL C 25 -46.57 -22.25 13.49
CA VAL C 25 -47.25 -21.05 13.99
C VAL C 25 -46.54 -19.80 13.46
N PHE C 26 -45.25 -19.90 13.14
CA PHE C 26 -44.57 -18.80 12.47
C PHE C 26 -45.17 -18.57 11.09
N GLU C 27 -45.28 -19.63 10.29
CA GLU C 27 -45.69 -19.45 8.89
C GLU C 27 -47.18 -19.15 8.76
N THR C 28 -48.03 -19.71 9.63
CA THR C 28 -49.46 -19.48 9.53
C THR C 28 -49.81 -18.01 9.70
N PHE C 29 -48.89 -17.23 10.28
CA PHE C 29 -48.98 -15.78 10.35
C PHE C 29 -47.90 -15.16 9.48
N GLU C 30 -47.72 -15.72 8.28
CA GLU C 30 -46.83 -15.18 7.27
C GLU C 30 -45.39 -15.07 7.77
N ALA C 31 -44.76 -16.20 8.05
CA ALA C 31 -43.31 -16.20 8.22
C ALA C 31 -42.64 -16.23 6.85
N LYS C 32 -41.34 -16.53 6.86
CA LYS C 32 -40.48 -16.45 5.68
C LYS C 32 -39.81 -17.81 5.50
N ILE C 33 -39.29 -18.08 4.29
CA ILE C 33 -38.57 -19.32 4.01
C ILE C 33 -37.24 -19.00 3.33
N HIS C 34 -36.19 -18.83 4.13
CA HIS C 34 -34.83 -18.66 3.60
C HIS C 34 -34.11 -20.00 3.63
N HIS C 35 -32.79 -19.98 3.47
CA HIS C 35 -31.99 -21.20 3.59
C HIS C 35 -31.91 -21.63 5.06
N LEU C 36 -32.46 -22.83 5.31
CA LEU C 36 -32.44 -23.40 6.63
C LEU C 36 -31.12 -24.12 6.89
N GLU C 37 -30.51 -23.84 8.04
CA GLU C 37 -29.36 -24.59 8.54
C GLU C 37 -29.29 -24.52 10.06
N THR C 38 -29.90 -25.49 10.74
CA THR C 38 -29.72 -25.67 12.19
C THR C 38 -30.33 -27.02 12.58
N ARG C 39 -29.50 -27.90 13.15
CA ARG C 39 -29.94 -29.23 13.56
C ARG C 39 -29.41 -29.50 14.96
N PRO C 40 -29.79 -30.63 15.56
CA PRO C 40 -29.12 -31.05 16.80
C PRO C 40 -27.61 -31.00 16.67
N ALA C 41 -26.96 -30.43 17.68
CA ALA C 41 -25.53 -30.14 17.66
C ALA C 41 -24.93 -30.23 19.05
N GLN C 42 -23.76 -29.62 19.23
CA GLN C 42 -23.04 -29.59 20.51
C GLN C 42 -22.50 -30.98 20.86
N ARG C 43 -21.95 -31.65 19.85
CA ARG C 43 -21.36 -32.96 20.03
C ARG C 43 -19.99 -32.86 20.70
N PRO C 44 -19.01 -32.10 20.16
CA PRO C 44 -17.71 -32.00 20.85
C PRO C 44 -17.81 -31.11 22.08
N ARG C 45 -18.61 -30.07 21.98
CA ARG C 45 -18.91 -29.18 23.10
C ARG C 45 -20.18 -29.63 23.82
N ALA C 46 -20.08 -30.75 24.53
CA ALA C 46 -21.24 -31.41 25.12
C ALA C 46 -21.81 -30.57 26.27
N GLY C 47 -22.84 -31.10 26.90
CA GLY C 47 -23.57 -30.36 27.91
C GLY C 47 -24.41 -29.24 27.37
N GLY C 48 -25.06 -29.42 26.24
CA GLY C 48 -25.70 -28.34 25.52
C GLY C 48 -27.15 -28.12 25.86
N PRO C 49 -27.51 -26.87 26.12
CA PRO C 49 -28.92 -26.50 26.27
C PRO C 49 -29.60 -26.34 24.93
N HIS C 50 -30.81 -25.78 24.95
CA HIS C 50 -31.57 -25.51 23.73
C HIS C 50 -30.74 -24.66 22.78
N LEU C 51 -31.15 -24.62 21.51
CA LEU C 51 -30.41 -23.94 20.47
C LEU C 51 -31.01 -22.56 20.22
N GLU C 52 -30.14 -21.60 19.92
CA GLU C 52 -30.51 -20.21 19.69
C GLU C 52 -30.84 -20.03 18.21
N TYR C 53 -32.10 -20.22 17.86
CA TYR C 53 -32.58 -20.03 16.50
C TYR C 53 -33.18 -18.63 16.36
N PHE C 54 -33.09 -18.09 15.15
CA PHE C 54 -33.60 -16.75 14.87
C PHE C 54 -34.64 -16.88 13.75
N VAL C 55 -35.85 -17.26 14.15
CA VAL C 55 -36.94 -17.35 13.18
C VAL C 55 -37.53 -15.95 13.03
N ARG C 56 -36.97 -15.18 12.11
CA ARG C 56 -37.41 -13.80 11.93
C ARG C 56 -38.88 -13.77 11.50
N LEU C 57 -39.60 -12.78 12.02
CA LEU C 57 -41.04 -12.69 11.80
C LEU C 57 -41.41 -11.22 11.67
N GLU C 58 -41.91 -10.82 10.49
CA GLU C 58 -42.32 -9.44 10.25
C GLU C 58 -43.76 -9.45 9.72
N VAL C 59 -44.71 -9.44 10.64
CA VAL C 59 -46.11 -9.21 10.32
C VAL C 59 -46.66 -8.22 11.34
N ARG C 60 -47.97 -7.97 11.28
CA ARG C 60 -48.59 -7.06 12.23
C ARG C 60 -48.35 -7.55 13.66
N ARG C 61 -48.39 -6.61 14.60
CA ARG C 61 -48.05 -6.92 15.98
C ARG C 61 -48.93 -8.03 16.54
N GLY C 62 -50.21 -8.04 16.17
CA GLY C 62 -51.10 -9.06 16.66
C GLY C 62 -50.67 -10.46 16.27
N ASP C 63 -50.36 -10.66 14.98
CA ASP C 63 -49.98 -11.98 14.52
C ASP C 63 -48.64 -12.42 15.09
N LEU C 64 -47.64 -11.53 15.06
CA LEU C 64 -46.34 -11.90 15.61
C LEU C 64 -46.45 -12.25 17.09
N ALA C 65 -47.22 -11.45 17.84
CA ALA C 65 -47.38 -11.72 19.26
C ALA C 65 -48.13 -13.02 19.51
N ALA C 66 -49.19 -13.27 18.73
CA ALA C 66 -49.96 -14.50 18.91
C ALA C 66 -49.12 -15.72 18.58
N LEU C 67 -48.30 -15.65 17.54
CA LEU C 67 -47.49 -16.81 17.19
C LEU C 67 -46.36 -17.00 18.21
N LEU C 68 -45.78 -15.90 18.71
CA LEU C 68 -44.78 -16.02 19.76
C LEU C 68 -45.39 -16.63 21.01
N SER C 69 -46.66 -16.31 21.30
CA SER C 69 -47.36 -16.96 22.40
C SER C 69 -47.55 -18.45 22.12
N GLY C 70 -47.89 -18.78 20.88
CA GLY C 70 -47.96 -20.18 20.51
C GLY C 70 -46.66 -20.92 20.71
N VAL C 71 -45.54 -20.25 20.42
CA VAL C 71 -44.22 -20.86 20.64
C VAL C 71 -43.98 -21.03 22.14
N ARG C 72 -44.17 -19.96 22.91
CA ARG C 72 -44.00 -20.04 24.36
C ARG C 72 -44.94 -21.06 25.00
N GLN C 73 -46.01 -21.44 24.31
CA GLN C 73 -46.84 -22.53 24.80
C GLN C 73 -46.08 -23.86 24.77
N VAL C 74 -45.26 -24.08 23.74
CA VAL C 74 -44.43 -25.26 23.66
C VAL C 74 -42.97 -24.98 24.00
N SER C 75 -42.38 -23.92 23.46
CA SER C 75 -41.08 -23.45 23.88
C SER C 75 -41.25 -22.65 25.17
N GLU C 76 -40.21 -21.93 25.57
CA GLU C 76 -40.25 -21.14 26.79
C GLU C 76 -39.70 -19.74 26.55
N ASP C 77 -40.07 -19.12 25.43
CA ASP C 77 -39.54 -17.81 25.09
C ASP C 77 -40.42 -17.20 24.01
N VAL C 78 -40.25 -15.89 23.83
CA VAL C 78 -40.88 -15.14 22.74
C VAL C 78 -39.84 -14.18 22.17
N ARG C 79 -39.89 -13.98 20.86
CA ARG C 79 -38.91 -13.13 20.19
C ARG C 79 -39.16 -11.67 20.56
N SER C 80 -38.46 -11.18 21.57
CA SER C 80 -38.67 -9.80 22.02
C SER C 80 -38.11 -8.82 20.97
N PRO C 81 -38.85 -7.77 20.67
CA PRO C 81 -38.47 -6.87 19.57
C PRO C 81 -37.40 -5.85 19.94
N ALA C 82 -37.15 -4.94 19.01
CA ALA C 82 -36.34 -3.74 19.25
C ALA C 82 -34.92 -4.07 19.70
N GLY C 83 -34.14 -4.71 18.84
CA GLY C 83 -32.73 -4.91 19.10
C GLY C 83 -31.99 -3.59 19.05
N PRO C 84 -31.28 -3.26 20.13
CA PRO C 84 -30.58 -1.96 20.15
C PRO C 84 -29.47 -1.87 19.12
N LYS C 85 -28.63 -2.91 19.01
CA LYS C 85 -27.64 -3.01 17.94
C LYS C 85 -26.68 -1.82 17.96
N VAL C 86 -25.83 -1.81 19.00
CA VAL C 86 -24.79 -0.82 19.22
C VAL C 86 -25.41 0.57 19.13
N PRO C 87 -26.10 0.99 20.20
CA PRO C 87 -27.28 1.88 20.04
C PRO C 87 -27.21 2.85 18.88
N TRP C 88 -26.13 3.61 18.76
CA TRP C 88 -26.11 4.70 17.80
C TRP C 88 -24.72 5.31 17.77
N PHE C 89 -24.39 5.92 16.63
CA PHE C 89 -23.33 6.91 16.60
C PHE C 89 -23.47 7.76 15.35
N PRO C 90 -23.01 9.01 15.39
CA PRO C 90 -23.13 9.88 14.22
C PRO C 90 -22.20 9.42 13.11
N ARG C 91 -22.24 10.14 12.00
CA ARG C 91 -21.41 9.84 10.83
C ARG C 91 -20.64 11.02 10.30
N LYS C 92 -21.20 12.23 10.36
CA LYS C 92 -20.59 13.38 9.73
C LYS C 92 -20.41 14.50 10.74
N VAL C 93 -19.42 15.35 10.45
CA VAL C 93 -19.02 16.43 11.36
C VAL C 93 -20.20 17.20 11.92
N SER C 94 -21.14 17.64 11.09
CA SER C 94 -22.22 18.46 11.59
C SER C 94 -23.12 17.69 12.54
N GLU C 95 -23.42 16.44 12.20
CA GLU C 95 -24.28 15.59 13.01
C GLU C 95 -23.75 15.40 14.41
N LEU C 96 -22.51 15.80 14.66
CA LEU C 96 -21.98 15.76 16.01
C LEU C 96 -22.73 16.65 16.96
N ASP C 97 -23.73 17.39 16.48
CA ASP C 97 -24.41 18.36 17.32
C ASP C 97 -25.75 17.84 17.84
N LYS C 98 -26.68 17.53 16.94
CA LYS C 98 -28.07 17.38 17.38
C LYS C 98 -28.24 16.15 18.25
N CYS C 99 -27.72 15.01 17.82
CA CYS C 99 -27.75 13.81 18.63
C CYS C 99 -27.02 14.00 19.96
N HIS C 100 -26.12 14.96 20.03
CA HIS C 100 -25.27 15.13 21.19
C HIS C 100 -25.61 16.37 21.99
N HIS C 101 -26.15 17.41 21.36
CA HIS C 101 -26.79 18.47 22.10
C HIS C 101 -28.10 18.03 22.72
N LEU C 102 -28.89 17.24 22.00
CA LEU C 102 -30.15 16.74 22.56
C LEU C 102 -29.89 15.79 23.72
N VAL C 103 -28.66 15.32 23.88
CA VAL C 103 -28.32 14.43 24.97
C VAL C 103 -27.44 15.09 26.02
N THR C 104 -26.83 16.24 25.71
CA THR C 104 -25.90 16.88 26.62
C THR C 104 -26.27 18.32 26.97
N LYS C 105 -27.26 18.91 26.32
CA LYS C 105 -27.55 20.33 26.51
C LYS C 105 -28.95 20.53 27.09
N PHE C 106 -29.35 21.80 27.15
CA PHE C 106 -30.60 22.27 27.77
C PHE C 106 -30.88 21.53 29.08
N ASP C 107 -29.82 21.31 29.85
CA ASP C 107 -29.93 20.74 31.19
C ASP C 107 -29.39 21.77 32.17
N PRO C 108 -30.18 22.23 33.13
CA PRO C 108 -29.67 23.24 34.05
C PRO C 108 -28.63 22.66 35.00
N ASP C 109 -27.37 22.95 34.73
CA ASP C 109 -26.28 22.47 35.56
C ASP C 109 -26.18 23.32 36.81
N LEU C 110 -26.25 22.67 37.96
CA LEU C 110 -26.03 23.40 39.20
C LEU C 110 -24.61 23.95 39.23
N ASP C 111 -24.34 24.77 40.25
CA ASP C 111 -23.09 25.52 40.28
C ASP C 111 -21.87 24.59 40.23
N LEU C 112 -21.72 23.69 41.20
CA LEU C 112 -20.64 22.71 41.14
C LEU C 112 -21.17 21.34 41.52
N ASP C 113 -20.38 20.32 41.18
CA ASP C 113 -20.71 18.95 41.59
C ASP C 113 -20.93 18.85 43.09
N HIS C 114 -20.10 19.51 43.88
CA HIS C 114 -20.46 19.74 45.27
C HIS C 114 -21.73 20.56 45.32
N PRO C 115 -22.77 20.12 46.01
CA PRO C 115 -24.04 20.83 45.96
C PRO C 115 -23.97 22.20 46.60
N GLY C 116 -24.03 23.24 45.78
CA GLY C 116 -24.06 24.59 46.30
C GLY C 116 -22.70 25.24 46.42
N PHE C 117 -22.48 26.29 45.64
CA PHE C 117 -21.34 27.17 45.79
C PHE C 117 -21.85 28.60 45.90
N SER C 118 -21.29 29.36 46.83
CA SER C 118 -21.70 30.75 47.03
C SER C 118 -21.09 31.66 45.98
N ASP C 119 -21.32 31.30 44.72
CA ASP C 119 -20.67 31.95 43.58
C ASP C 119 -21.73 32.31 42.55
N GLN C 120 -22.78 32.99 43.00
CA GLN C 120 -23.85 33.39 42.09
C GLN C 120 -23.29 34.09 40.86
N VAL C 121 -22.22 34.87 41.03
CA VAL C 121 -21.57 35.45 39.86
C VAL C 121 -20.98 34.35 38.98
N TYR C 122 -20.35 33.34 39.56
CA TYR C 122 -19.92 32.22 38.76
C TYR C 122 -21.11 31.53 38.10
N ARG C 123 -22.24 31.50 38.79
CA ARG C 123 -23.43 30.91 38.19
C ARG C 123 -23.83 31.68 36.94
N GLN C 124 -23.81 33.01 37.02
CA GLN C 124 -24.06 33.82 35.84
C GLN C 124 -23.07 33.47 34.74
N ARG C 125 -21.79 33.39 35.10
CA ARG C 125 -20.76 33.07 34.13
C ARG C 125 -21.05 31.75 33.43
N ARG C 126 -21.30 30.70 34.20
CA ARG C 126 -21.45 29.39 33.61
C ARG C 126 -22.73 29.33 32.79
N LYS C 127 -23.79 29.98 33.27
CA LYS C 127 -25.04 30.01 32.52
C LYS C 127 -24.85 30.70 31.17
N LEU C 128 -24.20 31.86 31.17
CA LEU C 128 -24.00 32.56 29.92
C LEU C 128 -23.11 31.75 28.99
N ILE C 129 -22.03 31.17 29.52
CA ILE C 129 -21.16 30.36 28.69
C ILE C 129 -21.94 29.21 28.07
N ALA C 130 -22.77 28.54 28.86
CA ALA C 130 -23.61 27.48 28.33
C ALA C 130 -24.48 27.99 27.20
N GLU C 131 -25.23 29.07 27.45
CA GLU C 131 -26.07 29.64 26.42
C GLU C 131 -25.25 30.30 25.33
N ILE C 132 -23.92 30.14 25.35
CA ILE C 132 -23.14 30.31 24.13
C ILE C 132 -22.96 28.97 23.43
N ALA C 133 -22.37 28.01 24.14
CA ALA C 133 -22.09 26.71 23.56
C ALA C 133 -23.34 25.93 23.20
N PHE C 134 -24.44 26.17 23.92
CA PHE C 134 -25.67 25.43 23.66
C PHE C 134 -26.07 25.53 22.20
N GLN C 135 -26.31 26.76 21.74
CA GLN C 135 -26.77 27.01 20.39
C GLN C 135 -25.64 26.98 19.37
N TYR C 136 -24.49 26.43 19.72
CA TYR C 136 -23.40 26.33 18.77
C TYR C 136 -23.82 25.47 17.59
N ARG C 137 -23.67 25.99 16.39
CA ARG C 137 -23.85 25.21 15.17
C ARG C 137 -22.49 24.91 14.57
N HIS C 138 -22.31 23.67 14.14
CA HIS C 138 -21.02 23.25 13.61
C HIS C 138 -20.67 24.03 12.36
N GLY C 139 -19.37 24.22 12.14
CA GLY C 139 -18.87 24.99 11.04
C GLY C 139 -18.74 26.47 11.32
N ASP C 140 -19.69 27.04 12.03
CA ASP C 140 -19.53 28.44 12.38
C ASP C 140 -18.47 28.60 13.47
N PRO C 141 -17.59 29.56 13.34
CA PRO C 141 -16.58 29.81 14.36
C PRO C 141 -17.23 30.20 15.69
N ILE C 142 -16.38 30.36 16.69
CA ILE C 142 -16.88 30.62 18.04
C ILE C 142 -16.86 32.12 18.30
N PRO C 143 -17.93 32.69 18.83
CA PRO C 143 -17.89 34.09 19.25
C PRO C 143 -16.88 34.28 20.37
N ARG C 144 -16.33 35.49 20.44
CA ARG C 144 -15.32 35.80 21.45
C ARG C 144 -15.90 35.63 22.86
N VAL C 145 -15.02 35.32 23.79
CA VAL C 145 -15.38 35.13 25.20
C VAL C 145 -14.59 36.13 26.04
N GLU C 146 -15.30 37.05 26.67
CA GLU C 146 -14.64 37.96 27.58
C GLU C 146 -14.21 37.23 28.85
N TYR C 147 -13.34 37.88 29.62
CA TYR C 147 -12.90 37.36 30.91
C TYR C 147 -12.62 38.52 31.85
N THR C 148 -13.26 38.49 33.01
CA THR C 148 -13.08 39.53 34.01
C THR C 148 -11.68 39.41 34.62
N ALA C 149 -11.32 40.39 35.46
CA ALA C 149 -9.94 40.50 35.92
C ALA C 149 -9.57 39.38 36.87
N GLU C 150 -10.56 38.72 37.47
CA GLU C 150 -10.23 37.72 38.48
C GLU C 150 -9.76 36.42 37.85
N GLU C 151 -10.53 35.86 36.91
CA GLU C 151 -10.02 34.69 36.18
C GLU C 151 -8.75 35.04 35.43
N ILE C 152 -8.62 36.31 35.02
CA ILE C 152 -7.37 36.78 34.47
C ILE C 152 -6.24 36.58 35.45
N ALA C 153 -6.38 37.14 36.65
CA ALA C 153 -5.31 37.08 37.65
C ALA C 153 -5.01 35.63 38.02
N THR C 154 -6.03 34.79 38.05
CA THR C 154 -5.81 33.40 38.38
C THR C 154 -5.12 32.64 37.27
N TRP C 155 -5.57 32.83 36.03
CA TRP C 155 -4.81 32.36 34.89
C TRP C 155 -3.36 32.79 35.00
N LYS C 156 -3.12 34.02 35.46
CA LYS C 156 -1.76 34.50 35.59
C LYS C 156 -1.01 33.73 36.66
N GLU C 157 -1.64 33.58 37.83
CA GLU C 157 -1.04 32.83 38.91
C GLU C 157 -0.66 31.43 38.48
N VAL C 158 -1.59 30.77 37.79
CA VAL C 158 -1.35 29.39 37.39
C VAL C 158 -0.33 29.35 36.27
N TYR C 159 -0.39 30.31 35.36
CA TYR C 159 0.63 30.43 34.33
C TYR C 159 2.01 30.47 34.96
N THR C 160 2.20 31.37 35.91
CA THR C 160 3.47 31.45 36.63
C THR C 160 3.83 30.13 37.27
N THR C 161 3.02 29.66 38.22
CA THR C 161 3.29 28.42 38.94
C THR C 161 3.66 27.30 37.98
N LEU C 162 2.77 27.03 37.04
CA LEU C 162 2.96 25.97 36.07
C LEU C 162 4.23 26.15 35.26
N LYS C 163 4.33 27.26 34.50
CA LYS C 163 5.56 27.59 33.83
C LYS C 163 6.75 27.48 34.77
N GLY C 164 6.57 27.91 36.02
CA GLY C 164 7.58 27.64 37.03
C GLY C 164 7.91 26.18 37.14
N LEU C 165 6.92 25.31 37.12
CA LEU C 165 7.18 23.88 37.23
C LEU C 165 7.22 23.18 35.88
N TYR C 166 7.03 23.90 34.78
CA TYR C 166 6.99 23.23 33.49
C TYR C 166 8.28 22.51 33.15
N ALA C 167 9.41 23.20 33.14
CA ALA C 167 10.68 22.52 32.95
C ALA C 167 10.83 21.35 33.90
N THR C 168 10.23 21.44 35.09
CA THR C 168 10.33 20.39 36.09
C THR C 168 9.51 19.20 35.62
N HIS C 169 10.21 18.14 35.24
CA HIS C 169 9.70 16.78 35.13
C HIS C 169 8.65 16.60 34.05
N ALA C 170 8.32 17.64 33.31
CA ALA C 170 7.26 17.53 32.31
C ALA C 170 7.80 16.91 31.04
N CYS C 171 6.87 16.48 30.19
CA CYS C 171 7.21 15.98 28.87
C CYS C 171 7.86 17.07 28.03
N GLY C 172 9.13 16.85 27.68
CA GLY C 172 9.83 17.81 26.85
C GLY C 172 9.13 18.09 25.55
N GLU C 173 8.47 17.08 24.98
CA GLU C 173 7.68 17.32 23.79
C GLU C 173 6.52 18.26 24.10
N HIS C 174 5.77 17.96 25.16
CA HIS C 174 4.78 18.89 25.66
C HIS C 174 5.36 20.28 25.88
N LEU C 175 6.59 20.35 26.38
CA LEU C 175 7.15 21.64 26.79
C LEU C 175 7.52 22.48 25.58
N GLU C 176 8.15 21.86 24.57
CA GLU C 176 8.42 22.61 23.36
C GLU C 176 7.14 22.95 22.63
N ALA C 177 6.13 22.08 22.71
CA ALA C 177 4.82 22.47 22.22
C ALA C 177 4.35 23.74 22.91
N PHE C 178 4.42 23.76 24.24
CA PHE C 178 4.01 24.93 25.00
C PHE C 178 4.79 26.17 24.59
N ALA C 179 6.09 26.03 24.37
CA ALA C 179 6.86 27.18 23.89
C ALA C 179 6.33 27.66 22.55
N LEU C 180 6.07 26.72 21.65
CA LEU C 180 5.48 27.06 20.36
C LEU C 180 4.18 27.81 20.55
N LEU C 181 3.41 27.43 21.55
CA LEU C 181 2.15 28.13 21.79
C LEU C 181 2.40 29.51 22.33
N GLU C 182 3.14 29.59 23.44
CA GLU C 182 3.53 30.85 24.05
C GLU C 182 4.01 31.85 23.00
N ARG C 183 4.71 31.38 21.98
CA ARG C 183 5.13 32.27 20.91
C ARG C 183 4.10 32.40 19.80
N PHE C 184 3.14 31.48 19.74
CA PHE C 184 2.16 31.46 18.67
C PHE C 184 0.73 31.57 19.19
N SER C 185 0.37 30.74 20.17
CA SER C 185 -0.98 30.74 20.70
C SER C 185 -1.37 32.08 21.30
N GLY C 186 -0.50 32.65 22.12
CA GLY C 186 -0.86 33.80 22.92
C GLY C 186 -0.83 33.48 24.39
N TYR C 187 -0.18 32.36 24.74
CA TYR C 187 0.04 32.05 26.14
C TYR C 187 0.88 33.13 26.78
N ARG C 188 0.30 33.84 27.74
CA ARG C 188 1.08 34.76 28.56
C ARG C 188 0.49 34.75 29.96
N GLU C 189 1.31 35.16 30.92
CA GLU C 189 0.87 35.25 32.30
C GLU C 189 -0.35 36.15 32.40
N ASP C 190 -0.20 37.42 32.01
CA ASP C 190 -1.29 38.38 32.13
C ASP C 190 -2.54 37.94 31.38
N ASN C 191 -2.42 37.59 30.10
CA ASN C 191 -3.58 37.37 29.26
C ASN C 191 -3.78 35.89 28.98
N ILE C 192 -5.03 35.45 29.00
CA ILE C 192 -5.40 34.06 28.72
C ILE C 192 -5.92 33.97 27.29
N PRO C 193 -5.45 33.01 26.49
CA PRO C 193 -5.85 33.00 25.08
C PRO C 193 -7.30 32.57 24.92
N GLN C 194 -7.91 33.08 23.85
CA GLN C 194 -9.18 32.55 23.42
C GLN C 194 -8.99 31.10 22.96
N LEU C 195 -10.10 30.49 22.54
CA LEU C 195 -9.99 29.14 22.01
C LEU C 195 -9.96 29.13 20.49
N GLU C 196 -10.57 30.12 19.85
CA GLU C 196 -10.62 30.13 18.40
C GLU C 196 -9.22 30.22 17.81
N ASP C 197 -8.43 31.17 18.29
CA ASP C 197 -7.06 31.34 17.83
C ASP C 197 -6.27 30.05 17.97
N VAL C 198 -6.18 29.52 19.19
CA VAL C 198 -5.35 28.36 19.44
C VAL C 198 -5.87 27.17 18.67
N SER C 199 -7.19 27.07 18.52
CA SER C 199 -7.77 25.95 17.81
C SER C 199 -7.44 26.02 16.33
N ARG C 200 -7.49 27.21 15.76
CA ARG C 200 -7.04 27.37 14.38
C ARG C 200 -5.58 27.00 14.23
N PHE C 201 -4.75 27.44 15.18
CA PHE C 201 -3.36 27.01 15.20
C PHE C 201 -3.28 25.50 15.15
N LEU C 202 -4.05 24.83 15.99
CA LEU C 202 -3.99 23.39 16.07
C LEU C 202 -4.49 22.74 14.79
N LYS C 203 -5.52 23.32 14.18
CA LYS C 203 -5.96 22.87 12.88
C LYS C 203 -4.83 22.86 11.87
N GLU C 204 -4.12 23.96 11.75
CA GLU C 204 -2.93 23.90 10.90
C GLU C 204 -1.97 22.83 11.39
N ARG C 205 -1.80 22.73 12.70
CA ARG C 205 -0.91 21.72 13.26
C ARG C 205 -1.42 20.32 12.97
N THR C 206 -2.62 20.01 13.44
CA THR C 206 -3.13 18.65 13.39
C THR C 206 -4.49 18.52 12.74
N GLY C 207 -5.17 19.62 12.48
CA GLY C 207 -6.55 19.52 12.07
C GLY C 207 -7.52 19.33 13.20
N PHE C 208 -7.05 18.92 14.36
CA PHE C 208 -7.94 18.90 15.51
C PHE C 208 -8.47 20.29 15.77
N GLN C 209 -9.67 20.35 16.33
CA GLN C 209 -10.30 21.61 16.66
C GLN C 209 -11.06 21.46 17.95
N LEU C 210 -11.13 22.54 18.70
CA LEU C 210 -11.83 22.54 19.97
C LEU C 210 -13.33 22.60 19.74
N ARG C 211 -14.09 22.27 20.78
CA ARG C 211 -15.52 22.50 20.79
C ARG C 211 -15.92 22.97 22.18
N PRO C 212 -16.93 23.84 22.29
CA PRO C 212 -17.32 24.34 23.61
C PRO C 212 -18.45 23.51 24.21
N VAL C 213 -18.46 23.41 25.54
CA VAL C 213 -19.50 22.64 26.22
C VAL C 213 -19.54 23.07 27.67
N ALA C 214 -20.67 22.76 28.32
CA ALA C 214 -20.73 22.86 29.78
C ALA C 214 -20.45 21.52 30.44
N GLY C 215 -21.26 20.51 30.12
CA GLY C 215 -21.15 19.21 30.75
C GLY C 215 -20.61 18.15 29.80
N LEU C 216 -19.90 17.18 30.38
CA LEU C 216 -19.34 16.05 29.65
C LEU C 216 -20.37 14.98 29.37
N LEU C 217 -21.67 15.34 29.47
CA LEU C 217 -22.71 14.43 29.91
C LEU C 217 -22.52 13.00 29.44
N SER C 218 -22.08 12.80 28.20
CA SER C 218 -21.81 11.45 27.70
C SER C 218 -20.34 11.35 27.31
N ALA C 219 -19.53 10.82 28.21
CA ALA C 219 -18.20 10.39 27.83
C ALA C 219 -18.24 9.54 26.58
N ARG C 220 -19.24 8.66 26.48
CA ARG C 220 -19.51 7.98 25.22
C ARG C 220 -19.55 8.96 24.06
N ASP C 221 -20.49 9.90 24.09
CA ASP C 221 -20.57 10.86 23.00
C ASP C 221 -19.38 11.81 23.02
N PHE C 222 -18.81 12.07 24.19
CA PHE C 222 -17.56 12.80 24.25
C PHE C 222 -16.48 12.10 23.44
N LEU C 223 -16.26 10.82 23.71
CA LEU C 223 -15.24 10.09 22.97
C LEU C 223 -15.60 10.03 21.49
N ALA C 224 -16.89 9.99 21.19
CA ALA C 224 -17.32 10.05 19.81
C ALA C 224 -16.88 11.36 19.15
N SER C 225 -17.17 12.48 19.81
CA SER C 225 -16.74 13.77 19.29
C SER C 225 -15.25 13.75 19.02
N LEU C 226 -14.47 13.22 19.95
CA LEU C 226 -13.04 13.16 19.72
C LEU C 226 -12.68 12.25 18.56
N ALA C 227 -13.46 11.21 18.31
CA ALA C 227 -13.20 10.37 17.15
C ALA C 227 -13.11 11.21 15.89
N PHE C 228 -13.90 12.28 15.81
CA PHE C 228 -13.81 13.20 14.70
C PHE C 228 -12.62 14.12 14.79
N ARG C 229 -11.67 13.83 15.69
CA ARG C 229 -10.50 14.67 15.90
C ARG C 229 -10.90 16.03 16.44
N VAL C 230 -12.04 16.09 17.11
CA VAL C 230 -12.56 17.34 17.63
C VAL C 230 -12.62 17.21 19.14
N PHE C 231 -11.98 18.13 19.84
CA PHE C 231 -11.92 18.08 21.30
C PHE C 231 -12.96 19.02 21.87
N GLN C 232 -13.45 18.69 23.06
CA GLN C 232 -14.54 19.42 23.65
C GLN C 232 -14.03 20.23 24.84
N CYS C 233 -14.59 21.42 25.06
CA CYS C 233 -14.05 22.26 26.12
C CYS C 233 -15.15 22.94 26.92
N THR C 234 -14.81 23.31 28.15
CA THR C 234 -15.66 24.11 29.02
C THR C 234 -14.96 25.43 29.28
N GLN C 235 -15.41 26.47 28.61
CA GLN C 235 -14.74 27.76 28.58
C GLN C 235 -14.78 28.46 29.92
N TYR C 236 -15.40 27.84 30.92
CA TYR C 236 -15.43 28.38 32.26
C TYR C 236 -14.33 27.77 33.10
N ILE C 237 -14.11 28.37 34.27
CA ILE C 237 -12.91 28.16 35.05
C ILE C 237 -13.29 27.67 36.43
N ARG C 238 -12.35 27.00 37.09
CA ARG C 238 -12.49 26.65 38.49
C ARG C 238 -12.80 27.90 39.31
N HIS C 239 -13.30 27.68 40.51
CA HIS C 239 -13.36 28.76 41.47
C HIS C 239 -11.96 29.33 41.69
N ALA C 240 -11.88 30.65 41.70
CA ALA C 240 -10.63 31.31 42.06
C ALA C 240 -10.06 30.72 43.33
N SER C 241 -10.89 30.56 44.36
CA SER C 241 -10.42 29.97 45.62
C SER C 241 -9.96 28.54 45.44
N SER C 242 -10.15 27.94 44.27
CA SER C 242 -9.76 26.56 44.00
C SER C 242 -8.74 26.54 42.87
N PRO C 243 -7.66 27.28 42.99
CA PRO C 243 -6.76 27.42 41.84
C PRO C 243 -6.03 26.12 41.54
N MET C 244 -5.46 25.49 42.57
CA MET C 244 -4.63 24.32 42.38
C MET C 244 -5.47 23.06 42.18
N HIS C 245 -6.30 22.71 43.16
CA HIS C 245 -7.20 21.58 43.01
C HIS C 245 -8.36 21.98 42.12
N SER C 246 -8.65 21.14 41.15
CA SER C 246 -9.82 21.34 40.32
C SER C 246 -10.87 20.31 40.68
N PRO C 247 -11.97 20.70 41.31
CA PRO C 247 -13.09 19.76 41.49
C PRO C 247 -13.72 19.32 40.19
N GLU C 248 -13.30 19.89 39.07
CA GLU C 248 -13.89 19.62 37.77
C GLU C 248 -13.01 20.22 36.68
N PRO C 249 -12.89 19.54 35.54
CA PRO C 249 -12.02 20.02 34.47
C PRO C 249 -12.49 21.39 33.96
N ASP C 250 -11.56 22.36 33.96
CA ASP C 250 -11.84 23.71 33.50
C ASP C 250 -10.81 24.12 32.44
N CYS C 251 -10.84 25.40 32.07
CA CYS C 251 -9.83 25.93 31.16
C CYS C 251 -8.43 25.66 31.67
N CYS C 252 -8.17 25.95 32.95
CA CYS C 252 -6.88 25.60 33.52
C CYS C 252 -6.58 24.13 33.30
N HIS C 253 -7.59 23.27 33.40
CA HIS C 253 -7.39 21.88 33.05
C HIS C 253 -7.06 21.72 31.56
N GLU C 254 -8.00 22.11 30.71
CA GLU C 254 -7.90 21.72 29.31
C GLU C 254 -6.79 22.46 28.59
N LEU C 255 -6.88 23.78 28.53
CA LEU C 255 -5.91 24.60 27.81
C LEU C 255 -4.48 24.31 28.22
N LEU C 256 -4.29 23.68 29.37
CA LEU C 256 -2.95 23.52 29.91
C LEU C 256 -2.45 22.10 29.77
N GLY C 257 -3.31 21.11 29.95
CA GLY C 257 -2.85 19.76 29.76
C GLY C 257 -3.11 19.29 28.34
N HIS C 258 -4.37 19.36 27.92
CA HIS C 258 -4.80 18.69 26.71
C HIS C 258 -4.11 19.24 25.48
N VAL C 259 -4.37 20.48 25.14
CA VAL C 259 -3.88 21.04 23.88
C VAL C 259 -2.35 21.02 23.82
N PRO C 260 -1.61 21.47 24.83
CA PRO C 260 -0.15 21.52 24.65
C PRO C 260 0.46 20.13 24.57
N MET C 261 -0.37 19.09 24.66
CA MET C 261 0.03 17.78 24.21
C MET C 261 -0.57 17.43 22.86
N LEU C 262 -1.82 17.82 22.63
CA LEU C 262 -2.54 17.34 21.46
C LEU C 262 -1.86 17.74 20.16
N ALA C 263 -0.93 18.69 20.21
CA ALA C 263 -0.28 19.21 19.01
C ALA C 263 0.50 18.15 18.24
N ASP C 264 0.83 17.02 18.84
CA ASP C 264 1.62 16.04 18.13
C ASP C 264 0.79 15.36 17.05
N ARG C 265 1.44 15.06 15.93
CA ARG C 265 0.77 14.36 14.85
C ARG C 265 0.25 13.00 15.32
N THR C 266 1.16 12.10 15.66
CA THR C 266 0.75 10.72 15.91
C THR C 266 0.04 10.58 17.24
N PHE C 267 0.36 11.44 18.21
CA PHE C 267 -0.36 11.39 19.47
C PHE C 267 -1.81 11.80 19.30
N ALA C 268 -2.04 12.87 18.54
CA ALA C 268 -3.40 13.23 18.18
C ALA C 268 -4.06 12.10 17.41
N GLN C 269 -3.33 11.46 16.50
CA GLN C 269 -3.86 10.31 15.80
C GLN C 269 -4.37 9.26 16.78
N PHE C 270 -3.54 8.88 17.73
CA PHE C 270 -3.91 7.90 18.75
C PHE C 270 -5.15 8.35 19.49
N SER C 271 -5.16 9.60 19.92
CA SER C 271 -6.34 10.16 20.56
C SER C 271 -7.58 9.91 19.73
N GLN C 272 -7.53 10.28 18.46
CA GLN C 272 -8.64 10.02 17.57
C GLN C 272 -9.04 8.55 17.58
N ASP C 273 -8.06 7.68 17.38
CA ASP C 273 -8.31 6.25 17.32
C ASP C 273 -9.11 5.76 18.52
N ILE C 274 -8.82 6.30 19.69
CA ILE C 274 -9.63 5.98 20.86
C ILE C 274 -11.10 6.20 20.55
N GLY C 275 -11.45 7.43 20.15
CA GLY C 275 -12.82 7.68 19.77
C GLY C 275 -13.31 6.74 18.70
N LEU C 276 -12.48 6.50 17.68
CA LEU C 276 -12.87 5.62 16.59
C LEU C 276 -13.34 4.28 17.10
N ALA C 277 -12.71 3.79 18.17
CA ALA C 277 -13.25 2.60 18.80
C ALA C 277 -14.68 2.81 19.28
N SER C 278 -14.96 3.97 19.84
CA SER C 278 -16.16 4.17 20.65
C SER C 278 -17.45 4.21 19.84
N LEU C 279 -17.39 4.14 18.52
CA LEU C 279 -18.58 4.39 17.72
C LEU C 279 -19.62 3.33 18.00
N GLY C 280 -20.77 3.74 18.53
CA GLY C 280 -21.83 2.82 18.87
C GLY C 280 -21.48 1.83 19.95
N ALA C 281 -20.27 1.91 20.51
CA ALA C 281 -19.79 0.98 21.50
C ALA C 281 -20.80 0.80 22.62
N SER C 282 -20.87 -0.41 23.15
CA SER C 282 -21.88 -0.71 24.15
C SER C 282 -21.60 0.06 25.42
N ASP C 283 -22.66 0.23 26.20
CA ASP C 283 -22.58 0.92 27.48
C ASP C 283 -21.36 0.50 28.27
N GLU C 284 -21.20 -0.80 28.51
CA GLU C 284 -20.04 -1.23 29.27
C GLU C 284 -18.77 -1.18 28.44
N GLU C 285 -18.85 -1.42 27.14
CA GLU C 285 -17.69 -1.16 26.30
C GLU C 285 -17.29 0.30 26.37
N ILE C 286 -18.28 1.19 26.26
CA ILE C 286 -18.03 2.61 26.42
C ILE C 286 -17.33 2.88 27.74
N GLU C 287 -17.83 2.26 28.81
CA GLU C 287 -17.21 2.46 30.11
C GLU C 287 -15.77 2.01 30.09
N LYS C 288 -15.50 0.87 29.47
CA LYS C 288 -14.13 0.38 29.37
C LYS C 288 -13.25 1.39 28.65
N LEU C 289 -13.73 1.91 27.53
CA LEU C 289 -12.94 2.83 26.75
C LEU C 289 -12.66 4.11 27.52
N SER C 290 -13.70 4.68 28.11
CA SER C 290 -13.55 5.85 28.94
C SER C 290 -12.60 5.59 30.09
N THR C 291 -12.67 4.40 30.67
CA THR C 291 -11.76 4.04 31.74
C THR C 291 -10.33 4.08 31.24
N LEU C 292 -10.08 3.46 30.09
CA LEU C 292 -8.79 3.57 29.45
C LEU C 292 -8.37 5.03 29.33
N TYR C 293 -9.20 5.84 28.69
CA TYR C 293 -8.95 7.26 28.55
C TYR C 293 -8.52 7.87 29.87
N TRP C 294 -9.17 7.50 30.96
CA TRP C 294 -8.78 7.99 32.26
C TRP C 294 -7.29 7.79 32.49
N PHE C 295 -6.86 6.54 32.55
CA PHE C 295 -5.47 6.24 32.87
C PHE C 295 -4.51 6.53 31.73
N THR C 296 -4.99 7.04 30.60
CA THR C 296 -4.08 7.20 29.48
C THR C 296 -4.04 8.59 28.89
N VAL C 297 -4.96 9.49 29.23
CA VAL C 297 -4.96 10.80 28.60
C VAL C 297 -4.86 11.90 29.65
N GLU C 298 -5.91 12.02 30.45
CA GLU C 298 -5.85 12.97 31.56
C GLU C 298 -4.70 12.62 32.47
N PHE C 299 -4.48 11.32 32.65
CA PHE C 299 -3.48 10.80 33.56
C PHE C 299 -2.57 9.91 32.74
N GLY C 300 -1.61 10.53 32.07
CA GLY C 300 -0.67 9.84 31.20
C GLY C 300 0.77 10.15 31.58
N LEU C 301 1.58 9.11 31.67
CA LEU C 301 2.92 9.22 32.22
C LEU C 301 3.94 8.72 31.21
N CYS C 302 4.63 9.67 30.59
CA CYS C 302 5.60 9.39 29.54
C CYS C 302 6.96 9.08 30.14
N LYS C 303 7.97 9.05 29.28
CA LYS C 303 9.33 8.74 29.70
C LYS C 303 10.30 9.40 28.72
N GLN C 304 10.82 10.56 29.11
CA GLN C 304 11.65 11.37 28.24
C GLN C 304 13.12 11.24 28.64
N ASN C 305 13.98 11.09 27.65
CA ASN C 305 15.42 11.02 27.87
C ASN C 305 15.78 9.79 28.68
N GLY C 306 15.00 8.73 28.56
CA GLY C 306 15.19 7.50 29.32
C GLY C 306 14.53 7.53 30.67
N GLU C 307 14.63 8.66 31.38
CA GLU C 307 13.92 8.83 32.63
C GLU C 307 12.46 9.13 32.34
N VAL C 308 11.62 8.94 33.34
CA VAL C 308 10.19 9.14 33.17
C VAL C 308 9.86 10.62 33.35
N LYS C 309 9.06 11.16 32.44
CA LYS C 309 8.43 12.47 32.60
C LYS C 309 6.92 12.29 32.47
N ALA C 310 6.18 13.37 32.69
CA ALA C 310 4.74 13.30 32.72
C ALA C 310 4.17 13.95 31.46
N TYR C 311 3.08 13.39 30.95
CA TYR C 311 2.36 14.00 29.84
C TYR C 311 0.85 13.93 29.98
N GLY C 312 0.33 13.57 31.15
CA GLY C 312 -1.12 13.45 31.29
C GLY C 312 -1.80 14.80 31.34
N ALA C 313 -2.94 14.87 30.63
CA ALA C 313 -3.65 16.13 30.50
C ALA C 313 -3.97 16.73 31.85
N GLY C 314 -4.79 16.03 32.65
CA GLY C 314 -5.00 16.46 34.01
C GLY C 314 -3.73 16.60 34.81
N LEU C 315 -2.82 15.64 34.68
CA LEU C 315 -1.51 15.79 35.31
C LEU C 315 -0.87 17.09 34.90
N LEU C 316 -0.85 17.37 33.59
CA LEU C 316 -0.26 18.58 33.06
C LEU C 316 -1.20 19.76 33.21
N SER C 317 -2.19 19.61 34.08
CA SER C 317 -3.08 20.70 34.43
C SER C 317 -3.09 20.85 35.94
N SER C 318 -2.81 19.76 36.65
CA SER C 318 -2.74 19.75 38.09
C SER C 318 -1.47 20.45 38.53
N TYR C 319 -1.54 21.13 39.68
CA TYR C 319 -0.36 21.77 40.22
C TYR C 319 0.31 20.90 41.27
N GLY C 320 -0.39 20.61 42.35
CA GLY C 320 0.16 19.78 43.41
C GLY C 320 0.01 18.31 43.16
N GLU C 321 -1.12 17.89 42.60
CA GLU C 321 -1.23 16.52 42.12
C GLU C 321 -0.14 16.22 41.11
N LEU C 322 0.20 17.20 40.27
CA LEU C 322 1.34 17.04 39.38
C LEU C 322 2.57 16.60 40.16
N LEU C 323 2.87 17.27 41.25
CA LEU C 323 4.00 16.87 42.07
C LEU C 323 3.80 15.52 42.71
N HIS C 324 2.57 15.25 43.15
CA HIS C 324 2.20 13.96 43.72
C HIS C 324 2.58 12.81 42.81
N CYS C 325 2.03 12.79 41.60
CA CYS C 325 2.29 11.67 40.69
C CYS C 325 3.77 11.55 40.38
N LEU C 326 4.44 12.68 40.14
CA LEU C 326 5.88 12.67 39.95
C LEU C 326 6.60 11.97 41.08
N SER C 327 6.16 12.16 42.32
CA SER C 327 6.81 11.50 43.43
C SER C 327 6.60 9.99 43.34
N GLU C 328 7.30 9.28 44.22
CA GLU C 328 7.36 7.82 44.16
C GLU C 328 6.17 7.15 44.81
N GLU C 329 5.61 7.72 45.88
CA GLU C 329 4.57 7.06 46.64
C GLU C 329 3.32 6.71 45.81
N PRO C 330 3.04 7.37 44.68
CA PRO C 330 2.03 6.83 43.77
C PRO C 330 2.61 5.75 42.86
N GLU C 331 1.84 4.68 42.72
CA GLU C 331 2.26 3.49 41.98
C GLU C 331 2.14 3.75 40.49
N ILE C 332 3.07 3.19 39.72
CA ILE C 332 3.03 3.30 38.27
C ILE C 332 3.35 1.93 37.69
N ARG C 333 2.31 1.19 37.30
CA ARG C 333 2.53 0.13 36.34
C ARG C 333 2.76 0.73 34.95
N ALA C 334 2.84 -0.15 33.96
CA ALA C 334 2.91 0.29 32.57
C ALA C 334 1.54 0.28 31.93
N PHE C 335 1.46 0.87 30.74
CA PHE C 335 0.19 0.94 30.04
C PHE C 335 -0.15 -0.41 29.42
N ASP C 336 -1.39 -0.83 29.58
CA ASP C 336 -1.99 -1.95 28.87
C ASP C 336 -3.50 -1.81 28.86
N PRO C 337 -4.14 -1.99 27.71
CA PRO C 337 -5.59 -1.79 27.64
C PRO C 337 -6.32 -2.73 28.59
N GLU C 338 -6.06 -4.02 28.45
CA GLU C 338 -6.64 -5.00 29.35
C GLU C 338 -6.34 -4.70 30.81
N ALA C 339 -5.06 -4.51 31.14
CA ALA C 339 -4.71 -4.10 32.49
C ALA C 339 -5.42 -2.83 32.91
N ALA C 340 -5.67 -1.92 31.98
CA ALA C 340 -6.48 -0.76 32.25
C ALA C 340 -7.96 -1.01 32.00
N ALA C 341 -8.32 -2.13 31.38
CA ALA C 341 -9.72 -2.37 31.06
C ALA C 341 -10.58 -2.36 32.32
N VAL C 342 -10.08 -2.89 33.42
CA VAL C 342 -10.81 -2.87 34.67
C VAL C 342 -9.93 -2.36 35.83
N GLN C 343 -8.88 -1.64 35.51
CA GLN C 343 -8.05 -1.07 36.56
C GLN C 343 -8.87 -0.06 37.36
N PRO C 344 -9.04 -0.28 38.67
CA PRO C 344 -9.85 0.65 39.47
C PRO C 344 -9.22 2.03 39.56
N TYR C 345 -10.01 2.98 40.07
CA TYR C 345 -9.56 4.34 40.30
C TYR C 345 -10.63 5.10 41.06
N GLN C 346 -10.20 6.15 41.75
CA GLN C 346 -11.06 7.14 42.35
C GLN C 346 -10.99 8.42 41.53
N ASP C 347 -11.60 9.48 42.03
CA ASP C 347 -11.65 10.74 41.31
C ASP C 347 -11.06 11.93 42.06
N GLN C 348 -11.29 12.04 43.37
CA GLN C 348 -10.92 13.24 44.10
C GLN C 348 -9.50 13.18 44.65
N THR C 349 -9.22 12.16 45.46
CA THR C 349 -7.93 12.05 46.11
C THR C 349 -6.83 11.97 45.06
N TYR C 350 -5.61 12.34 45.47
CA TYR C 350 -4.49 12.29 44.55
C TYR C 350 -4.23 10.85 44.13
N GLN C 351 -4.61 10.55 42.89
CA GLN C 351 -4.54 9.18 42.38
C GLN C 351 -3.12 8.66 42.49
N SER C 352 -3.02 7.36 42.77
CA SER C 352 -1.69 6.79 42.97
C SER C 352 -1.29 5.89 41.80
N VAL C 353 -2.09 4.88 41.51
CA VAL C 353 -1.71 3.85 40.56
C VAL C 353 -1.72 4.43 39.15
N TYR C 354 -0.67 4.16 38.38
CA TYR C 354 -0.51 4.71 37.04
C TYR C 354 0.01 3.64 36.09
N PHE C 355 -0.18 3.92 34.79
CA PHE C 355 0.20 3.03 33.70
C PHE C 355 1.27 3.73 32.88
N VAL C 356 2.55 3.55 33.22
CA VAL C 356 3.60 4.34 32.61
C VAL C 356 3.64 4.08 31.11
N SER C 357 3.97 5.12 30.34
CA SER C 357 4.01 5.06 28.90
C SER C 357 5.41 5.41 28.43
N GLU C 358 5.85 4.78 27.34
CA GLU C 358 7.19 5.00 26.83
C GLU C 358 7.15 5.52 25.39
N SER C 359 6.13 5.15 24.63
CA SER C 359 6.02 5.57 23.24
C SER C 359 4.56 5.67 22.85
N PHE C 360 4.22 6.82 22.28
CA PHE C 360 2.88 7.01 21.74
C PHE C 360 2.54 5.92 20.74
N SER C 361 3.52 5.55 19.92
CA SER C 361 3.31 4.45 18.98
C SER C 361 2.87 3.19 19.70
N ASP C 362 3.52 2.86 20.81
CA ASP C 362 3.15 1.67 21.55
C ASP C 362 1.72 1.76 22.03
N ALA C 363 1.32 2.95 22.50
CA ALA C 363 -0.07 3.17 22.86
C ALA C 363 -0.98 2.90 21.67
N LYS C 364 -0.61 3.40 20.50
CA LYS C 364 -1.39 3.13 19.30
C LYS C 364 -1.50 1.64 19.05
N ASP C 365 -0.41 0.90 19.27
CA ASP C 365 -0.43 -0.52 18.99
C ASP C 365 -1.38 -1.26 19.93
N LYS C 366 -1.28 -0.99 21.22
CA LYS C 366 -2.18 -1.63 22.16
C LYS C 366 -3.62 -1.22 21.91
N LEU C 367 -3.83 0.03 21.47
CA LEU C 367 -5.14 0.43 21.02
C LEU C 367 -5.62 -0.42 19.86
N ARG C 368 -4.80 -0.53 18.83
CA ARG C 368 -5.15 -1.33 17.67
C ARG C 368 -5.58 -2.71 18.10
N SER C 369 -4.77 -3.35 18.94
CA SER C 369 -5.11 -4.66 19.47
C SER C 369 -6.47 -4.64 20.14
N TYR C 370 -6.62 -3.86 21.21
CA TYR C 370 -7.83 -3.93 22.01
C TYR C 370 -9.06 -3.58 21.18
N ALA C 371 -8.97 -2.53 20.37
CA ALA C 371 -10.05 -2.18 19.47
C ALA C 371 -10.41 -3.33 18.55
N SER C 372 -9.46 -3.81 17.75
CA SER C 372 -9.68 -5.04 17.01
C SER C 372 -10.21 -6.12 17.94
N ARG C 373 -9.60 -6.26 19.10
CA ARG C 373 -10.11 -7.18 20.10
C ARG C 373 -11.52 -6.82 20.54
N ILE C 374 -11.87 -5.53 20.56
CA ILE C 374 -13.23 -5.15 20.88
C ILE C 374 -14.16 -5.71 19.81
N GLN C 375 -15.06 -6.59 20.22
CA GLN C 375 -16.07 -7.10 19.32
C GLN C 375 -16.88 -5.95 18.74
N ARG C 376 -17.34 -6.13 17.51
CA ARG C 376 -17.98 -5.04 16.79
C ARG C 376 -18.78 -5.62 15.65
N PRO C 377 -20.03 -5.23 15.46
CA PRO C 377 -20.80 -5.72 14.31
C PRO C 377 -20.38 -5.09 13.01
N PHE C 378 -19.30 -4.31 13.00
CA PHE C 378 -18.95 -3.48 11.86
C PHE C 378 -17.53 -2.99 12.07
N SER C 379 -17.12 -2.04 11.22
CA SER C 379 -15.94 -1.25 11.47
C SER C 379 -16.17 0.14 10.90
N VAL C 380 -15.26 1.05 11.20
CA VAL C 380 -15.38 2.43 10.75
C VAL C 380 -14.00 2.95 10.36
N LYS C 381 -13.99 4.00 9.56
CA LYS C 381 -12.77 4.72 9.23
C LYS C 381 -13.12 6.19 9.09
N PHE C 382 -12.13 7.06 9.22
CA PHE C 382 -12.37 8.49 9.12
C PHE C 382 -11.84 8.98 7.79
N ASP C 383 -12.70 9.56 6.96
CA ASP C 383 -12.17 10.23 5.79
C ASP C 383 -11.67 11.62 6.14
N PRO C 384 -10.45 11.96 5.72
CA PRO C 384 -9.94 13.31 5.95
C PRO C 384 -10.59 14.35 5.06
N TYR C 385 -10.86 14.03 3.80
CA TYR C 385 -11.41 15.03 2.89
C TYR C 385 -12.78 15.47 3.38
N THR C 386 -13.68 14.51 3.55
CA THR C 386 -15.01 14.77 4.06
C THR C 386 -15.01 15.10 5.54
N LEU C 387 -13.90 14.86 6.23
CA LEU C 387 -13.81 15.01 7.67
C LEU C 387 -14.79 14.08 8.38
N ALA C 388 -15.41 13.18 7.65
CA ALA C 388 -16.47 12.35 8.20
C ALA C 388 -16.01 10.90 8.27
N ILE C 389 -16.82 10.07 8.91
CA ILE C 389 -16.50 8.67 9.15
C ILE C 389 -16.69 7.90 7.86
N ASP C 390 -16.13 6.70 7.81
CA ASP C 390 -16.26 5.80 6.68
C ASP C 390 -16.79 4.48 7.20
N VAL C 391 -18.06 4.20 6.94
CA VAL C 391 -18.68 3.00 7.46
C VAL C 391 -18.04 1.77 6.82
N LEU C 392 -17.59 0.85 7.66
CA LEU C 392 -16.90 -0.34 7.18
C LEU C 392 -17.69 -1.56 7.64
N ASP C 393 -18.49 -2.07 6.72
CA ASP C 393 -19.40 -3.18 6.99
C ASP C 393 -19.41 -4.21 5.86
N SER C 394 -18.69 -3.95 4.79
CA SER C 394 -18.75 -4.82 3.62
C SER C 394 -17.39 -4.81 2.95
N PRO C 395 -17.01 -5.91 2.31
CA PRO C 395 -15.84 -5.86 1.42
C PRO C 395 -15.90 -4.68 0.47
N GLN C 396 -17.09 -4.30 0.03
CA GLN C 396 -17.21 -3.24 -0.95
C GLN C 396 -16.74 -1.90 -0.39
N ALA C 397 -17.10 -1.61 0.86
CA ALA C 397 -16.62 -0.38 1.48
C ALA C 397 -15.11 -0.38 1.58
N VAL C 398 -14.54 -1.52 1.95
CA VAL C 398 -13.10 -1.64 1.99
C VAL C 398 -12.52 -1.33 0.63
N ARG C 399 -13.13 -1.85 -0.43
CA ARG C 399 -12.65 -1.56 -1.76
C ARG C 399 -12.70 -0.08 -2.04
N ARG C 400 -13.83 0.54 -1.72
CA ARG C 400 -14.01 1.97 -1.87
C ARG C 400 -12.89 2.75 -1.21
N SER C 401 -12.44 2.32 -0.04
CA SER C 401 -11.37 3.02 0.64
C SER C 401 -10.03 2.77 -0.02
N LEU C 402 -9.67 1.50 -0.19
CA LEU C 402 -8.36 1.18 -0.75
C LEU C 402 -8.20 1.73 -2.15
N GLU C 403 -9.29 2.01 -2.86
CA GLU C 403 -9.16 2.68 -4.14
C GLU C 403 -8.38 3.97 -4.00
N GLY C 404 -8.90 4.92 -3.22
CA GLY C 404 -8.18 6.15 -2.99
C GLY C 404 -6.84 5.92 -2.33
N VAL C 405 -6.75 4.90 -1.48
CA VAL C 405 -5.45 4.55 -0.91
C VAL C 405 -4.43 4.35 -2.01
N GLN C 406 -4.71 3.41 -2.91
CA GLN C 406 -3.81 3.14 -4.02
C GLN C 406 -3.61 4.38 -4.88
N ASP C 407 -4.62 5.23 -4.96
CA ASP C 407 -4.45 6.50 -5.64
C ASP C 407 -3.29 7.28 -5.05
N GLU C 408 -3.33 7.50 -3.74
CA GLU C 408 -2.21 8.21 -3.13
C GLU C 408 -0.91 7.45 -3.32
N LEU C 409 -0.96 6.12 -3.33
CA LEU C 409 0.25 5.37 -3.59
C LEU C 409 0.89 5.70 -4.91
N ASP C 410 0.13 5.63 -6.01
CA ASP C 410 0.72 5.99 -7.29
C ASP C 410 1.09 7.47 -7.31
N THR C 411 0.39 8.29 -6.54
CA THR C 411 0.81 9.68 -6.41
C THR C 411 2.24 9.75 -5.88
N LEU C 412 2.51 9.02 -4.80
CA LEU C 412 3.87 8.95 -4.28
C LEU C 412 4.82 8.37 -5.30
N ALA C 413 4.35 7.40 -6.07
CA ALA C 413 5.18 6.79 -7.10
C ALA C 413 5.66 7.83 -8.10
N HIS C 414 4.71 8.55 -8.70
CA HIS C 414 5.05 9.61 -9.64
C HIS C 414 5.91 10.66 -8.98
N ALA C 415 5.60 11.04 -7.75
CA ALA C 415 6.42 12.02 -7.05
C ALA C 415 7.85 11.54 -6.97
N LEU C 416 8.06 10.33 -6.46
CA LEU C 416 9.40 9.77 -6.36
C LEU C 416 10.10 9.73 -7.71
N SER C 417 9.46 9.19 -8.74
CA SER C 417 10.07 9.21 -10.07
C SER C 417 10.50 10.61 -10.45
N ALA C 418 9.69 11.61 -10.10
CA ALA C 418 10.06 12.98 -10.40
C ALA C 418 11.29 13.39 -9.61
N ILE C 419 11.30 13.14 -8.32
CA ILE C 419 12.44 13.56 -7.50
C ILE C 419 13.67 12.80 -7.97
N GLY C 420 14.80 13.48 -7.93
CA GLY C 420 16.01 12.96 -8.54
C GLY C 420 15.95 13.07 -10.05
N GLY D 1 -21.66 -37.71 7.26
CA GLY D 1 -22.66 -38.54 7.92
C GLY D 1 -23.89 -38.77 7.06
N LYS D 2 -24.64 -37.69 6.82
CA LYS D 2 -25.83 -37.78 5.99
C LYS D 2 -25.50 -37.51 4.53
N ALA D 3 -26.52 -37.36 3.69
CA ALA D 3 -26.31 -37.11 2.27
C ALA D 3 -26.86 -35.73 1.95
N MET D 4 -25.96 -34.81 1.61
CA MET D 4 -26.32 -33.43 1.31
C MET D 4 -26.56 -33.26 -0.19
N LEU D 5 -27.38 -32.26 -0.53
CA LEU D 5 -27.65 -31.96 -1.93
C LEU D 5 -27.17 -30.56 -2.26
N ASN D 6 -27.47 -30.08 -3.46
CA ASN D 6 -27.13 -28.72 -3.84
C ASN D 6 -28.38 -28.04 -4.41
N LEU D 7 -28.39 -26.72 -4.33
CA LEU D 7 -29.59 -25.97 -4.70
C LEU D 7 -29.82 -26.01 -6.20
N LEU D 8 -30.70 -26.91 -6.64
CA LEU D 8 -31.20 -26.93 -8.02
C LEU D 8 -32.67 -27.26 -7.93
N PHE D 9 -33.50 -26.21 -7.81
CA PHE D 9 -34.94 -26.39 -7.66
C PHE D 9 -35.64 -25.22 -8.34
N SER D 10 -36.26 -25.50 -9.49
CA SER D 10 -37.08 -24.53 -10.21
C SER D 10 -38.41 -25.19 -10.54
N PRO D 11 -39.44 -24.98 -9.72
CA PRO D 11 -40.76 -25.55 -10.02
C PRO D 11 -41.38 -24.91 -11.25
N ARG D 12 -42.63 -25.26 -11.55
CA ARG D 12 -43.32 -24.65 -12.68
C ARG D 12 -44.42 -23.69 -12.24
N ALA D 13 -45.26 -24.11 -11.28
CA ALA D 13 -46.27 -23.22 -10.74
C ALA D 13 -45.60 -22.20 -9.81
N THR D 14 -46.34 -21.13 -9.49
CA THR D 14 -45.82 -20.03 -8.70
C THR D 14 -46.19 -20.12 -7.22
N LYS D 15 -47.14 -21.01 -6.86
CA LYS D 15 -47.57 -21.20 -5.48
C LYS D 15 -46.45 -21.60 -4.54
N PRO D 16 -45.45 -22.40 -4.97
CA PRO D 16 -44.32 -22.69 -4.07
C PRO D 16 -43.47 -21.46 -3.79
N SER D 17 -43.94 -20.61 -2.87
CA SER D 17 -43.16 -19.50 -2.37
C SER D 17 -42.67 -19.78 -0.95
N ALA D 18 -43.58 -20.08 -0.03
CA ALA D 18 -43.22 -20.72 1.23
C ALA D 18 -43.20 -22.24 1.10
N LEU D 19 -43.40 -22.73 -0.12
CA LEU D 19 -43.56 -24.14 -0.50
C LEU D 19 -44.92 -24.65 -0.03
N SER D 20 -45.52 -23.91 0.89
CA SER D 20 -46.94 -23.97 1.26
C SER D 20 -47.37 -25.33 1.80
N ARG D 21 -46.58 -26.39 1.54
CA ARG D 21 -46.75 -27.67 2.20
C ARG D 21 -45.44 -28.43 2.37
N ALA D 22 -44.41 -28.06 1.62
CA ALA D 22 -43.25 -28.93 1.43
C ALA D 22 -42.17 -28.72 2.48
N VAL D 23 -42.19 -27.60 3.20
CA VAL D 23 -41.32 -27.47 4.35
C VAL D 23 -41.61 -28.58 5.35
N LYS D 24 -42.86 -29.05 5.39
CA LYS D 24 -43.21 -30.14 6.29
C LYS D 24 -42.57 -31.45 5.86
N VAL D 25 -42.57 -31.73 4.55
CA VAL D 25 -41.91 -32.95 4.11
C VAL D 25 -40.39 -32.82 4.23
N PHE D 26 -39.88 -31.59 4.19
CA PHE D 26 -38.47 -31.36 4.48
C PHE D 26 -38.15 -31.77 5.91
N GLU D 27 -38.96 -31.27 6.87
CA GLU D 27 -38.62 -31.47 8.27
C GLU D 27 -38.95 -32.88 8.76
N THR D 28 -40.00 -33.51 8.22
CA THR D 28 -40.37 -34.85 8.67
C THR D 28 -39.26 -35.86 8.41
N PHE D 29 -38.33 -35.52 7.51
CA PHE D 29 -37.14 -36.31 7.27
C PHE D 29 -35.90 -35.55 7.72
N GLU D 30 -35.98 -34.93 8.89
CA GLU D 30 -34.87 -34.26 9.54
C GLU D 30 -34.30 -33.13 8.69
N ALA D 31 -35.09 -32.08 8.46
CA ALA D 31 -34.55 -30.84 7.95
C ALA D 31 -33.94 -30.04 9.10
N LYS D 32 -33.69 -28.76 8.84
CA LYS D 32 -32.99 -27.87 9.76
C LYS D 32 -33.80 -26.59 9.92
N ILE D 33 -33.65 -25.90 11.06
CA ILE D 33 -34.41 -24.68 11.33
C ILE D 33 -33.47 -23.55 11.73
N HIS D 34 -33.01 -22.79 10.74
CA HIS D 34 -32.21 -21.60 10.97
C HIS D 34 -33.04 -20.34 10.74
N HIS D 35 -32.37 -19.19 10.69
CA HIS D 35 -33.03 -17.92 10.37
C HIS D 35 -33.69 -17.99 8.99
N LEU D 36 -35.00 -17.78 9.00
CA LEU D 36 -35.77 -17.72 7.77
C LEU D 36 -36.08 -16.26 7.40
N GLU D 37 -35.75 -15.90 6.15
CA GLU D 37 -36.07 -14.59 5.60
C GLU D 37 -36.20 -14.70 4.08
N THR D 38 -37.42 -14.98 3.60
CA THR D 38 -37.77 -14.89 2.18
C THR D 38 -39.29 -15.02 2.07
N ARG D 39 -39.91 -14.08 1.37
CA ARG D 39 -41.37 -14.03 1.24
C ARG D 39 -41.73 -13.78 -0.21
N PRO D 40 -43.02 -13.78 -0.55
CA PRO D 40 -43.43 -13.29 -1.87
C PRO D 40 -42.80 -11.93 -2.19
N ALA D 41 -42.37 -11.79 -3.44
CA ALA D 41 -41.56 -10.66 -3.86
C ALA D 41 -41.82 -10.29 -5.31
N GLN D 42 -40.88 -9.57 -5.92
CA GLN D 42 -40.96 -9.12 -7.32
C GLN D 42 -42.04 -8.06 -7.50
N ARG D 43 -42.05 -7.10 -6.58
CA ARG D 43 -42.97 -5.97 -6.65
C ARG D 43 -42.51 -4.97 -7.71
N PRO D 44 -41.27 -4.42 -7.66
CA PRO D 44 -40.86 -3.48 -8.70
C PRO D 44 -40.50 -4.19 -9.99
N ARG D 45 -39.92 -5.38 -9.86
CA ARG D 45 -39.63 -6.25 -10.99
C ARG D 45 -40.75 -7.25 -11.22
N ALA D 46 -41.90 -6.73 -11.66
CA ALA D 46 -43.12 -7.52 -11.75
C ALA D 46 -43.01 -8.56 -12.87
N GLY D 47 -44.09 -9.31 -13.06
CA GLY D 47 -44.09 -10.41 -14.00
C GLY D 47 -43.25 -11.60 -13.59
N GLY D 48 -43.26 -11.94 -12.31
CA GLY D 48 -42.33 -12.91 -11.78
C GLY D 48 -42.88 -14.32 -11.65
N PRO D 49 -42.05 -15.30 -11.98
CA PRO D 49 -42.42 -16.70 -11.74
C PRO D 49 -42.24 -17.10 -10.29
N HIS D 50 -42.31 -18.40 -10.03
CA HIS D 50 -42.12 -18.96 -8.69
C HIS D 50 -40.78 -18.48 -8.11
N LEU D 51 -40.64 -18.63 -6.80
CA LEU D 51 -39.47 -18.12 -6.08
C LEU D 51 -38.48 -19.26 -5.84
N GLU D 52 -37.20 -18.90 -5.81
CA GLU D 52 -36.11 -19.84 -5.60
C GLU D 52 -35.78 -19.90 -4.13
N TYR D 53 -36.41 -20.82 -3.41
CA TYR D 53 -36.09 -21.09 -2.02
C TYR D 53 -34.99 -22.15 -1.95
N PHE D 54 -34.09 -21.98 -0.99
CA PHE D 54 -32.99 -22.90 -0.79
C PHE D 54 -33.22 -23.61 0.53
N VAL D 55 -34.06 -24.63 0.51
CA VAL D 55 -34.27 -25.46 1.69
C VAL D 55 -33.31 -26.64 1.58
N ARG D 56 -32.12 -26.48 2.13
CA ARG D 56 -31.13 -27.53 2.06
C ARG D 56 -31.62 -28.76 2.82
N LEU D 57 -31.20 -29.93 2.35
CA LEU D 57 -31.67 -31.20 2.90
C LEU D 57 -30.50 -32.17 2.91
N GLU D 58 -30.01 -32.51 4.11
CA GLU D 58 -28.90 -33.45 4.27
C GLU D 58 -29.35 -34.58 5.19
N VAL D 59 -30.00 -35.58 4.60
CA VAL D 59 -30.31 -36.83 5.29
C VAL D 59 -30.03 -37.97 4.34
N ARG D 60 -30.36 -39.19 4.76
CA ARG D 60 -30.10 -40.36 3.93
C ARG D 60 -30.77 -40.20 2.56
N ARG D 61 -30.20 -40.89 1.57
CA ARG D 61 -30.67 -40.73 0.19
C ARG D 61 -32.15 -41.06 0.07
N GLY D 62 -32.60 -42.11 0.76
CA GLY D 62 -34.01 -42.45 0.73
C GLY D 62 -34.88 -41.32 1.25
N ASP D 63 -34.48 -40.72 2.37
CA ASP D 63 -35.30 -39.65 2.96
C ASP D 63 -35.32 -38.42 2.05
N LEU D 64 -34.16 -37.97 1.59
CA LEU D 64 -34.12 -36.78 0.75
C LEU D 64 -34.89 -37.03 -0.54
N ALA D 65 -34.75 -38.22 -1.13
CA ALA D 65 -35.47 -38.53 -2.36
C ALA D 65 -36.96 -38.57 -2.13
N ALA D 66 -37.40 -39.20 -1.03
CA ALA D 66 -38.84 -39.29 -0.76
C ALA D 66 -39.44 -37.91 -0.49
N LEU D 67 -38.70 -37.04 0.22
CA LEU D 67 -39.26 -35.73 0.50
C LEU D 67 -39.26 -34.86 -0.76
N LEU D 68 -38.23 -35.00 -1.60
CA LEU D 68 -38.22 -34.29 -2.87
C LEU D 68 -39.37 -34.76 -3.76
N SER D 69 -39.70 -36.05 -3.69
CA SER D 69 -40.85 -36.56 -4.41
C SER D 69 -42.14 -35.96 -3.85
N GLY D 70 -42.23 -35.86 -2.53
CA GLY D 70 -43.37 -35.19 -1.93
C GLY D 70 -43.51 -33.75 -2.39
N VAL D 71 -42.39 -33.04 -2.53
CA VAL D 71 -42.43 -31.67 -3.05
C VAL D 71 -42.90 -31.67 -4.49
N ARG D 72 -42.27 -32.48 -5.34
CA ARG D 72 -42.66 -32.55 -6.75
C ARG D 72 -44.11 -32.98 -6.92
N GLN D 73 -44.70 -33.61 -5.91
CA GLN D 73 -46.13 -33.89 -5.96
C GLN D 73 -46.95 -32.61 -5.92
N VAL D 74 -46.56 -31.65 -5.07
CA VAL D 74 -47.23 -30.36 -5.02
C VAL D 74 -46.49 -29.29 -5.80
N SER D 75 -45.17 -29.19 -5.67
CA SER D 75 -44.36 -28.34 -6.52
C SER D 75 -44.13 -29.08 -7.84
N GLU D 76 -43.19 -28.57 -8.63
CA GLU D 76 -42.89 -29.17 -9.92
C GLU D 76 -41.38 -29.33 -10.11
N ASP D 77 -40.68 -29.72 -9.05
CA ASP D 77 -39.23 -29.82 -9.12
C ASP D 77 -38.73 -30.67 -7.95
N VAL D 78 -37.46 -31.04 -8.03
CA VAL D 78 -36.75 -31.75 -6.97
C VAL D 78 -35.37 -31.14 -6.83
N ARG D 79 -34.88 -31.05 -5.60
CA ARG D 79 -33.60 -30.39 -5.36
C ARG D 79 -32.48 -31.24 -5.93
N SER D 80 -32.08 -30.96 -7.16
CA SER D 80 -31.11 -31.81 -7.84
C SER D 80 -29.74 -31.71 -7.15
N PRO D 81 -29.14 -32.84 -6.82
CA PRO D 81 -27.88 -32.84 -6.08
C PRO D 81 -26.66 -32.63 -6.96
N ALA D 82 -25.48 -32.81 -6.37
CA ALA D 82 -24.21 -32.82 -7.09
C ALA D 82 -23.95 -31.52 -7.84
N GLY D 83 -23.83 -30.42 -7.10
CA GLY D 83 -23.42 -29.17 -7.68
C GLY D 83 -21.99 -29.23 -8.14
N PRO D 84 -21.76 -28.95 -9.44
CA PRO D 84 -20.38 -29.00 -9.95
C PRO D 84 -19.47 -27.94 -9.33
N LYS D 85 -19.96 -26.70 -9.23
CA LYS D 85 -19.28 -25.66 -8.45
C LYS D 85 -17.86 -25.42 -8.98
N VAL D 86 -17.81 -24.80 -10.16
CA VAL D 86 -16.58 -24.37 -10.84
C VAL D 86 -15.60 -25.54 -10.86
N PRO D 87 -15.80 -26.48 -11.79
CA PRO D 87 -15.47 -27.89 -11.51
C PRO D 87 -14.26 -28.13 -10.63
N TRP D 88 -13.12 -27.54 -10.97
CA TRP D 88 -11.88 -27.89 -10.27
C TRP D 88 -10.78 -26.96 -10.69
N PHE D 89 -9.81 -26.78 -9.81
CA PHE D 89 -8.51 -26.25 -10.19
C PHE D 89 -7.49 -26.64 -9.14
N PRO D 90 -6.21 -26.66 -9.48
CA PRO D 90 -5.18 -26.99 -8.49
C PRO D 90 -4.92 -25.82 -7.56
N ARG D 91 -3.96 -26.02 -6.67
CA ARG D 91 -3.51 -24.99 -5.74
C ARG D 91 -2.01 -24.80 -5.73
N LYS D 92 -1.24 -25.86 -5.91
CA LYS D 92 0.21 -25.81 -5.77
C LYS D 92 0.87 -26.37 -7.02
N VAL D 93 2.11 -25.89 -7.25
CA VAL D 93 2.89 -26.28 -8.41
C VAL D 93 2.88 -27.79 -8.66
N SER D 94 3.26 -28.59 -7.68
CA SER D 94 3.30 -30.04 -7.88
C SER D 94 1.93 -30.58 -8.22
N GLU D 95 0.89 -30.00 -7.66
CA GLU D 95 -0.47 -30.45 -7.89
C GLU D 95 -0.90 -30.27 -9.33
N LEU D 96 -0.13 -29.53 -10.11
CA LEU D 96 -0.44 -29.40 -11.52
C LEU D 96 -0.36 -30.72 -12.27
N ASP D 97 -0.03 -31.81 -11.58
CA ASP D 97 0.30 -33.05 -12.25
C ASP D 97 -0.85 -34.04 -12.20
N LYS D 98 -1.26 -34.43 -11.00
CA LYS D 98 -2.10 -35.62 -10.85
C LYS D 98 -3.45 -35.44 -11.53
N CYS D 99 -4.24 -34.46 -11.07
CA CYS D 99 -5.55 -34.24 -11.63
C CYS D 99 -5.51 -33.77 -13.07
N HIS D 100 -4.40 -33.19 -13.52
CA HIS D 100 -4.30 -32.64 -14.85
C HIS D 100 -3.73 -33.62 -15.85
N HIS D 101 -2.97 -34.62 -15.40
CA HIS D 101 -2.55 -35.66 -16.31
C HIS D 101 -3.44 -36.89 -16.23
N LEU D 102 -4.22 -37.02 -15.15
CA LEU D 102 -5.35 -37.95 -15.19
C LEU D 102 -6.30 -37.59 -16.31
N VAL D 103 -6.27 -36.33 -16.75
CA VAL D 103 -7.09 -35.88 -17.86
C VAL D 103 -6.27 -35.58 -19.11
N THR D 104 -4.95 -35.38 -18.99
CA THR D 104 -4.13 -35.04 -20.13
C THR D 104 -2.99 -36.02 -20.40
N LYS D 105 -2.87 -37.10 -19.64
CA LYS D 105 -1.85 -38.12 -19.88
C LYS D 105 -2.50 -39.44 -20.21
N PHE D 106 -1.65 -40.44 -20.45
CA PHE D 106 -2.03 -41.80 -20.86
C PHE D 106 -3.16 -41.79 -21.88
N ASP D 107 -3.06 -40.88 -22.85
CA ASP D 107 -3.92 -40.87 -24.02
C ASP D 107 -3.05 -41.14 -25.24
N PRO D 108 -3.21 -42.28 -25.90
CA PRO D 108 -2.35 -42.56 -27.06
C PRO D 108 -2.69 -41.67 -28.25
N ASP D 109 -1.85 -40.68 -28.49
CA ASP D 109 -2.06 -39.73 -29.56
C ASP D 109 -1.62 -40.34 -30.88
N LEU D 110 -2.49 -40.30 -31.88
CA LEU D 110 -2.09 -40.67 -33.21
C LEU D 110 -1.06 -39.67 -33.73
N ASP D 111 -0.55 -39.93 -34.93
CA ASP D 111 0.54 -39.11 -35.46
C ASP D 111 0.18 -37.63 -35.51
N LEU D 112 -0.84 -37.28 -36.28
CA LEU D 112 -1.26 -35.87 -36.34
C LEU D 112 -2.77 -35.76 -36.32
N ASP D 113 -3.24 -34.52 -36.13
CA ASP D 113 -4.66 -34.23 -36.24
C ASP D 113 -5.22 -34.65 -37.60
N HIS D 114 -4.47 -34.40 -38.66
CA HIS D 114 -4.79 -35.03 -39.93
C HIS D 114 -4.65 -36.53 -39.78
N PRO D 115 -5.60 -37.32 -40.25
CA PRO D 115 -5.53 -38.77 -40.01
C PRO D 115 -4.41 -39.42 -40.81
N GLY D 116 -3.33 -39.75 -40.11
CA GLY D 116 -2.28 -40.55 -40.72
C GLY D 116 -1.17 -39.76 -41.38
N PHE D 117 0.03 -39.85 -40.81
CA PHE D 117 1.25 -39.46 -41.50
C PHE D 117 2.11 -40.69 -41.72
N SER D 118 2.80 -40.72 -42.84
CA SER D 118 3.74 -41.81 -43.15
C SER D 118 5.13 -41.48 -42.60
N ASP D 119 5.16 -41.14 -41.31
CA ASP D 119 6.37 -40.69 -40.63
C ASP D 119 6.60 -41.54 -39.40
N GLN D 120 6.62 -42.87 -39.60
CA GLN D 120 6.84 -43.80 -38.50
C GLN D 120 8.00 -43.35 -37.61
N VAL D 121 9.03 -42.76 -38.20
CA VAL D 121 10.07 -42.13 -37.41
C VAL D 121 9.49 -41.07 -36.49
N TYR D 122 8.62 -40.19 -37.00
CA TYR D 122 8.00 -39.21 -36.14
C TYR D 122 7.15 -39.88 -35.09
N ARG D 123 6.53 -41.01 -35.43
CA ARG D 123 5.75 -41.73 -34.44
C ARG D 123 6.65 -42.19 -33.29
N GLN D 124 7.81 -42.73 -33.62
CA GLN D 124 8.76 -43.13 -32.59
C GLN D 124 9.15 -41.93 -31.74
N ARG D 125 9.48 -40.82 -32.40
CA ARG D 125 9.88 -39.62 -31.69
C ARG D 125 8.78 -39.16 -30.74
N ARG D 126 7.54 -39.10 -31.22
CA ARG D 126 6.45 -38.63 -30.38
C ARG D 126 6.22 -39.58 -29.22
N LYS D 127 6.25 -40.88 -29.49
CA LYS D 127 6.04 -41.84 -28.42
C LYS D 127 7.10 -41.70 -27.34
N LEU D 128 8.37 -41.59 -27.75
CA LEU D 128 9.43 -41.47 -26.76
C LEU D 128 9.32 -40.15 -25.99
N ILE D 129 9.05 -39.06 -26.70
CA ILE D 129 8.88 -37.78 -26.01
C ILE D 129 7.78 -37.87 -24.98
N ALA D 130 6.64 -38.45 -25.37
CA ALA D 130 5.54 -38.64 -24.43
C ALA D 130 6.00 -39.43 -23.22
N GLU D 131 6.53 -40.62 -23.45
CA GLU D 131 7.00 -41.45 -22.36
C GLU D 131 8.20 -40.84 -21.64
N ILE D 132 8.60 -39.63 -22.03
CA ILE D 132 9.37 -38.79 -21.12
C ILE D 132 8.44 -37.86 -20.35
N ALA D 133 7.67 -37.05 -21.07
CA ALA D 133 6.73 -36.13 -20.46
C ALA D 133 5.70 -36.84 -19.60
N PHE D 134 5.39 -38.09 -19.92
CA PHE D 134 4.38 -38.84 -19.18
C PHE D 134 4.71 -38.85 -17.69
N GLN D 135 5.82 -39.48 -17.35
CA GLN D 135 6.22 -39.71 -15.98
C GLN D 135 6.93 -38.53 -15.36
N TYR D 136 6.85 -37.36 -15.96
CA TYR D 136 7.49 -36.19 -15.39
C TYR D 136 6.88 -35.89 -14.03
N ARG D 137 7.73 -35.83 -13.01
CA ARG D 137 7.32 -35.36 -11.70
C ARG D 137 7.79 -33.92 -11.52
N HIS D 138 6.90 -33.09 -11.00
CA HIS D 138 7.19 -31.68 -10.87
C HIS D 138 8.42 -31.44 -10.00
N GLY D 139 9.13 -30.36 -10.32
CA GLY D 139 10.33 -30.00 -9.61
C GLY D 139 11.57 -30.69 -10.11
N ASP D 140 11.47 -31.94 -10.50
CA ASP D 140 12.64 -32.58 -11.06
C ASP D 140 12.94 -32.01 -12.43
N PRO D 141 14.20 -31.71 -12.70
CA PRO D 141 14.57 -31.15 -14.00
C PRO D 141 14.25 -32.13 -15.13
N ILE D 142 14.30 -31.60 -16.34
CA ILE D 142 13.93 -32.41 -17.50
C ILE D 142 15.16 -33.17 -17.97
N PRO D 143 15.03 -34.46 -18.26
CA PRO D 143 16.15 -35.18 -18.88
C PRO D 143 16.50 -34.59 -20.24
N ARG D 144 17.73 -34.79 -20.65
CA ARG D 144 18.19 -34.28 -21.94
C ARG D 144 17.40 -34.92 -23.07
N VAL D 145 17.28 -34.17 -24.17
CA VAL D 145 16.58 -34.62 -25.36
C VAL D 145 17.52 -34.56 -26.55
N GLU D 146 17.71 -35.69 -27.21
CA GLU D 146 18.50 -35.71 -28.43
C GLU D 146 17.67 -35.21 -29.60
N TYR D 147 18.35 -34.88 -30.69
CA TYR D 147 17.71 -34.44 -31.91
C TYR D 147 18.54 -34.88 -33.11
N THR D 148 17.91 -35.62 -34.01
CA THR D 148 18.58 -36.12 -35.20
C THR D 148 18.93 -34.96 -36.13
N ALA D 149 19.66 -35.26 -37.21
CA ALA D 149 20.23 -34.19 -38.03
C ALA D 149 19.17 -33.48 -38.84
N GLU D 150 18.00 -34.09 -39.02
CA GLU D 150 17.02 -33.47 -39.90
C GLU D 150 16.27 -32.34 -39.21
N GLU D 151 15.76 -32.56 -38.00
CA GLU D 151 15.18 -31.44 -37.27
C GLU D 151 16.25 -30.39 -37.01
N ILE D 152 17.50 -30.80 -36.91
CA ILE D 152 18.59 -29.84 -36.84
C ILE D 152 18.62 -28.97 -38.09
N ALA D 153 18.68 -29.60 -39.25
CA ALA D 153 18.76 -28.85 -40.51
C ALA D 153 17.56 -27.94 -40.66
N THR D 154 16.40 -28.41 -40.23
CA THR D 154 15.19 -27.60 -40.33
C THR D 154 15.19 -26.44 -39.35
N TRP D 155 15.58 -26.69 -38.11
CA TRP D 155 15.83 -25.60 -37.17
C TRP D 155 16.74 -24.56 -37.79
N LYS D 156 17.80 -25.00 -38.47
CA LYS D 156 18.70 -24.07 -39.13
C LYS D 156 17.99 -23.29 -40.22
N GLU D 157 17.27 -24.01 -41.07
CA GLU D 157 16.53 -23.40 -42.16
C GLU D 157 15.60 -22.33 -41.63
N VAL D 158 14.81 -22.67 -40.62
CA VAL D 158 13.83 -21.73 -40.11
C VAL D 158 14.51 -20.59 -39.39
N TYR D 159 15.59 -20.87 -38.65
CA TYR D 159 16.41 -19.84 -38.05
C TYR D 159 16.76 -18.80 -39.10
N THR D 160 17.39 -19.23 -40.19
CA THR D 160 17.69 -18.34 -41.30
C THR D 160 16.47 -17.59 -41.77
N THR D 161 15.44 -18.31 -42.23
CA THR D 161 14.26 -17.68 -42.78
C THR D 161 13.75 -16.56 -41.90
N LEU D 162 13.42 -16.89 -40.65
CA LEU D 162 12.94 -15.87 -39.74
C LEU D 162 13.95 -14.76 -39.57
N LYS D 163 15.22 -15.10 -39.34
CA LYS D 163 16.20 -14.12 -38.92
C LYS D 163 16.27 -12.95 -39.90
N GLY D 164 16.22 -13.24 -41.19
CA GLY D 164 16.13 -12.17 -42.17
C GLY D 164 14.89 -11.33 -41.97
N LEU D 165 13.72 -11.96 -41.93
CA LEU D 165 12.49 -11.21 -41.71
C LEU D 165 12.24 -10.93 -40.24
N TYR D 166 13.08 -11.47 -39.36
CA TYR D 166 12.86 -11.30 -37.93
C TYR D 166 12.82 -9.83 -37.53
N ALA D 167 13.92 -9.11 -37.72
CA ALA D 167 13.92 -7.68 -37.43
C ALA D 167 12.79 -6.96 -38.15
N THR D 168 12.34 -7.51 -39.27
CA THR D 168 11.29 -6.89 -40.06
C THR D 168 9.96 -7.10 -39.35
N HIS D 169 9.26 -6.00 -39.10
CA HIS D 169 7.84 -5.97 -38.75
C HIS D 169 7.55 -6.55 -37.38
N ALA D 170 8.54 -7.08 -36.68
CA ALA D 170 8.31 -7.75 -35.42
C ALA D 170 8.35 -6.77 -34.26
N CYS D 171 8.06 -7.29 -33.07
CA CYS D 171 8.18 -6.50 -31.86
C CYS D 171 9.64 -6.33 -31.46
N GLY D 172 10.10 -5.08 -31.44
CA GLY D 172 11.48 -4.81 -31.06
C GLY D 172 11.85 -5.41 -29.72
N GLU D 173 10.90 -5.43 -28.78
CA GLU D 173 11.19 -6.05 -27.49
C GLU D 173 11.48 -7.54 -27.68
N HIS D 174 10.62 -8.24 -28.41
CA HIS D 174 10.88 -9.63 -28.75
C HIS D 174 12.18 -9.78 -29.52
N LEU D 175 12.51 -8.79 -30.35
CA LEU D 175 13.73 -8.84 -31.13
C LEU D 175 14.97 -8.83 -30.22
N GLU D 176 15.08 -7.81 -29.38
CA GLU D 176 16.20 -7.76 -28.45
C GLU D 176 16.16 -8.93 -27.48
N ALA D 177 14.97 -9.43 -27.18
CA ALA D 177 14.88 -10.67 -26.43
C ALA D 177 15.69 -11.76 -27.13
N PHE D 178 15.34 -12.08 -28.37
CA PHE D 178 16.10 -13.09 -29.09
C PHE D 178 17.57 -12.75 -29.18
N ALA D 179 17.91 -11.47 -29.23
CA ALA D 179 19.32 -11.11 -29.16
C ALA D 179 19.94 -11.66 -27.88
N LEU D 180 19.31 -11.35 -26.75
CA LEU D 180 19.78 -11.85 -25.46
C LEU D 180 19.82 -13.37 -25.46
N LEU D 181 18.93 -14.00 -26.20
CA LEU D 181 18.89 -15.45 -26.22
C LEU D 181 20.04 -16.02 -27.03
N GLU D 182 20.07 -15.68 -28.32
CA GLU D 182 21.17 -16.04 -29.20
C GLU D 182 22.52 -15.81 -28.52
N ARG D 183 22.64 -14.79 -27.69
CA ARG D 183 23.89 -14.62 -26.97
C ARG D 183 23.93 -15.41 -25.66
N PHE D 184 22.78 -15.83 -25.15
CA PHE D 184 22.72 -16.52 -23.87
C PHE D 184 22.04 -17.88 -23.96
N SER D 185 20.89 -17.94 -24.62
CA SER D 185 20.12 -19.18 -24.67
C SER D 185 20.89 -20.31 -25.32
N GLY D 186 21.62 -20.02 -26.39
CA GLY D 186 22.19 -21.05 -27.22
C GLY D 186 21.43 -21.11 -28.54
N TYR D 187 20.63 -20.08 -28.79
CA TYR D 187 19.95 -19.96 -30.07
C TYR D 187 20.97 -19.81 -31.17
N ARG D 188 21.08 -20.82 -32.03
CA ARG D 188 21.97 -20.72 -33.17
C ARG D 188 21.37 -21.48 -34.33
N GLU D 189 21.79 -21.09 -35.53
CA GLU D 189 21.34 -21.77 -36.74
C GLU D 189 21.66 -23.25 -36.67
N ASP D 190 22.94 -23.57 -36.45
CA ASP D 190 23.38 -24.96 -36.43
C ASP D 190 22.63 -25.78 -35.40
N ASN D 191 22.77 -25.46 -34.12
CA ASN D 191 22.27 -26.31 -33.05
C ASN D 191 20.91 -25.82 -32.56
N ILE D 192 20.10 -26.75 -32.07
CA ILE D 192 18.77 -26.43 -31.55
C ILE D 192 18.88 -26.31 -30.02
N PRO D 193 18.14 -25.40 -29.40
CA PRO D 193 18.28 -25.23 -27.95
C PRO D 193 17.63 -26.37 -27.21
N GLN D 194 18.27 -26.75 -26.11
CA GLN D 194 17.54 -27.53 -25.14
C GLN D 194 16.46 -26.66 -24.50
N LEU D 195 15.73 -27.23 -23.56
CA LEU D 195 14.64 -26.50 -22.96
C LEU D 195 14.92 -26.14 -21.51
N GLU D 196 15.68 -26.98 -20.81
CA GLU D 196 16.01 -26.69 -19.42
C GLU D 196 16.93 -25.48 -19.31
N ASP D 197 17.85 -25.35 -20.26
CA ASP D 197 18.74 -24.19 -20.31
C ASP D 197 17.94 -22.90 -20.36
N VAL D 198 17.15 -22.73 -21.42
CA VAL D 198 16.35 -21.52 -21.56
C VAL D 198 15.37 -21.42 -20.42
N SER D 199 14.93 -22.55 -19.87
CA SER D 199 14.03 -22.50 -18.73
C SER D 199 14.69 -21.81 -17.55
N ARG D 200 15.90 -22.24 -17.20
CA ARG D 200 16.68 -21.54 -16.19
C ARG D 200 16.86 -20.08 -16.56
N PHE D 201 17.12 -19.81 -17.84
CA PHE D 201 17.26 -18.43 -18.26
C PHE D 201 16.02 -17.63 -17.92
N LEU D 202 14.85 -18.25 -18.04
CA LEU D 202 13.61 -17.55 -17.73
C LEU D 202 13.41 -17.42 -16.22
N LYS D 203 13.69 -18.48 -15.47
CA LYS D 203 13.59 -18.37 -14.02
C LYS D 203 14.44 -17.22 -13.51
N GLU D 204 15.65 -17.06 -14.01
CA GLU D 204 16.38 -15.85 -13.69
C GLU D 204 15.67 -14.63 -14.24
N ARG D 205 15.23 -14.70 -15.49
CA ARG D 205 14.58 -13.56 -16.12
C ARG D 205 13.27 -13.22 -15.45
N THR D 206 12.33 -14.17 -15.46
CA THR D 206 10.99 -13.89 -14.99
C THR D 206 10.42 -14.95 -14.08
N GLY D 207 11.10 -16.05 -13.86
CA GLY D 207 10.53 -17.12 -13.09
C GLY D 207 9.63 -18.04 -13.87
N PHE D 208 9.17 -17.63 -15.05
CA PHE D 208 8.46 -18.58 -15.88
C PHE D 208 9.37 -19.75 -16.21
N GLN D 209 8.75 -20.89 -16.41
CA GLN D 209 9.48 -22.11 -16.71
C GLN D 209 8.64 -23.03 -17.57
N LEU D 210 9.31 -23.95 -18.24
CA LEU D 210 8.65 -24.79 -19.21
C LEU D 210 8.02 -25.99 -18.53
N ARG D 211 7.26 -26.75 -19.31
CA ARG D 211 6.78 -28.06 -18.89
C ARG D 211 6.47 -28.85 -20.15
N PRO D 212 6.88 -30.11 -20.24
CA PRO D 212 6.67 -30.86 -21.48
C PRO D 212 5.21 -31.23 -21.66
N VAL D 213 4.70 -31.02 -22.87
CA VAL D 213 3.30 -31.34 -23.15
C VAL D 213 3.23 -32.05 -24.49
N ALA D 214 2.43 -33.10 -24.54
CA ALA D 214 2.16 -33.80 -25.79
C ALA D 214 0.88 -33.28 -26.43
N GLY D 215 -0.24 -33.39 -25.72
CA GLY D 215 -1.51 -32.88 -26.18
C GLY D 215 -1.98 -31.73 -25.32
N LEU D 216 -2.67 -30.78 -25.94
CA LEU D 216 -3.22 -29.61 -25.26
C LEU D 216 -4.47 -29.94 -24.48
N LEU D 217 -4.68 -31.22 -24.18
CA LEU D 217 -6.01 -31.81 -24.04
C LEU D 217 -7.03 -30.87 -23.41
N SER D 218 -6.63 -30.12 -22.40
CA SER D 218 -7.53 -29.15 -21.78
C SER D 218 -6.91 -27.78 -21.84
N ALA D 219 -7.34 -26.97 -22.81
CA ALA D 219 -7.05 -25.55 -22.75
C ALA D 219 -7.37 -24.98 -21.40
N ARG D 220 -8.47 -25.43 -20.78
CA ARG D 220 -8.74 -25.10 -19.39
C ARG D 220 -7.54 -25.38 -18.51
N ASP D 221 -7.13 -26.65 -18.42
CA ASP D 221 -5.97 -26.97 -17.61
C ASP D 221 -4.71 -26.38 -18.19
N PHE D 222 -4.67 -26.19 -19.50
CA PHE D 222 -3.54 -25.50 -20.11
C PHE D 222 -3.41 -24.09 -19.57
N LEU D 223 -4.48 -23.31 -19.66
CA LEU D 223 -4.46 -21.96 -19.08
C LEU D 223 -4.18 -22.01 -17.59
N ALA D 224 -4.64 -23.06 -16.93
CA ALA D 224 -4.32 -23.23 -15.52
C ALA D 224 -2.83 -23.33 -15.29
N SER D 225 -2.19 -24.30 -15.94
CA SER D 225 -0.74 -24.41 -15.92
C SER D 225 -0.10 -23.05 -16.13
N LEU D 226 -0.59 -22.29 -17.11
CA LEU D 226 -0.05 -20.96 -17.31
C LEU D 226 -0.19 -20.08 -16.09
N ALA D 227 -1.35 -20.12 -15.43
CA ALA D 227 -1.56 -19.29 -14.24
C ALA D 227 -0.40 -19.42 -13.26
N PHE D 228 0.18 -20.61 -13.19
CA PHE D 228 1.34 -20.82 -12.34
C PHE D 228 2.61 -20.27 -12.94
N ARG D 229 2.50 -19.42 -13.96
CA ARG D 229 3.66 -18.87 -14.65
C ARG D 229 4.47 -19.97 -15.32
N VAL D 230 3.84 -21.11 -15.54
CA VAL D 230 4.50 -22.25 -16.14
C VAL D 230 3.82 -22.47 -17.48
N PHE D 231 4.62 -22.48 -18.55
CA PHE D 231 4.07 -22.69 -19.88
C PHE D 231 4.42 -24.10 -20.33
N GLN D 232 3.38 -24.87 -20.65
CA GLN D 232 3.59 -26.22 -21.16
C GLN D 232 4.25 -26.14 -22.53
N CYS D 233 5.30 -26.93 -22.73
CA CYS D 233 6.07 -26.83 -23.96
C CYS D 233 6.02 -28.14 -24.72
N THR D 234 6.12 -28.02 -26.04
CA THR D 234 6.18 -29.17 -26.94
C THR D 234 7.64 -29.49 -27.20
N GLN D 235 8.00 -30.75 -27.03
CA GLN D 235 9.37 -31.18 -27.22
C GLN D 235 9.58 -31.79 -28.58
N TYR D 236 8.64 -31.57 -29.49
CA TYR D 236 8.62 -32.22 -30.79
C TYR D 236 8.42 -31.18 -31.87
N ILE D 237 8.70 -31.59 -33.10
CA ILE D 237 8.84 -30.67 -34.22
C ILE D 237 7.82 -31.01 -35.29
N ARG D 238 7.43 -29.99 -36.04
CA ARG D 238 6.63 -30.18 -37.23
C ARG D 238 7.33 -31.15 -38.18
N HIS D 239 6.57 -31.65 -39.14
CA HIS D 239 7.18 -32.42 -40.20
C HIS D 239 8.21 -31.57 -40.94
N ALA D 240 9.36 -32.19 -41.21
CA ALA D 240 10.34 -31.55 -42.08
C ALA D 240 9.70 -31.03 -43.35
N SER D 241 8.89 -31.87 -44.01
CA SER D 241 8.20 -31.43 -45.22
C SER D 241 7.20 -30.33 -44.93
N SER D 242 6.95 -30.02 -43.66
CA SER D 242 6.01 -28.96 -43.26
C SER D 242 6.79 -27.88 -42.51
N PRO D 243 7.79 -27.29 -43.13
CA PRO D 243 8.64 -26.37 -42.38
C PRO D 243 7.93 -25.07 -42.05
N MET D 244 7.27 -24.48 -43.06
CA MET D 244 6.70 -23.14 -42.91
C MET D 244 5.33 -23.20 -42.25
N HIS D 245 4.38 -23.89 -42.86
CA HIS D 245 3.10 -24.12 -42.21
C HIS D 245 3.22 -25.31 -41.28
N SER D 246 2.84 -25.11 -40.03
CA SER D 246 2.75 -26.20 -39.10
C SER D 246 1.29 -26.48 -38.81
N PRO D 247 0.80 -27.69 -39.08
CA PRO D 247 -0.55 -28.06 -38.66
C PRO D 247 -0.74 -28.08 -37.15
N GLU D 248 0.31 -27.86 -36.39
CA GLU D 248 0.25 -27.93 -34.94
C GLU D 248 1.46 -27.22 -34.35
N PRO D 249 1.27 -26.52 -33.23
CA PRO D 249 2.40 -25.82 -32.60
C PRO D 249 3.49 -26.80 -32.16
N ASP D 250 4.72 -26.49 -32.52
CA ASP D 250 5.88 -27.33 -32.22
C ASP D 250 6.97 -26.50 -31.55
N CYS D 251 8.11 -27.15 -31.29
CA CYS D 251 9.27 -26.44 -30.78
C CYS D 251 9.57 -25.21 -31.63
N CYS D 252 9.56 -25.35 -32.94
CA CYS D 252 9.72 -24.18 -33.79
C CYS D 252 8.69 -23.12 -33.45
N HIS D 253 7.45 -23.52 -33.20
CA HIS D 253 6.42 -22.56 -32.87
C HIS D 253 6.74 -21.84 -31.58
N GLU D 254 6.77 -22.58 -30.48
CA GLU D 254 6.88 -21.95 -29.18
C GLU D 254 8.25 -21.32 -28.97
N LEU D 255 9.31 -22.10 -29.18
CA LEU D 255 10.67 -21.62 -29.06
C LEU D 255 10.90 -20.28 -29.72
N LEU D 256 10.08 -19.95 -30.71
CA LEU D 256 10.31 -18.74 -31.49
C LEU D 256 9.31 -17.64 -31.17
N GLY D 257 8.06 -17.99 -30.88
CA GLY D 257 7.13 -16.95 -30.52
C GLY D 257 7.03 -16.76 -29.02
N HIS D 258 6.73 -17.84 -28.32
CA HIS D 258 6.39 -17.77 -26.91
C HIS D 258 7.56 -17.28 -26.07
N VAL D 259 8.63 -18.07 -26.00
CA VAL D 259 9.71 -17.77 -25.09
C VAL D 259 10.35 -16.42 -25.41
N PRO D 260 10.70 -16.08 -26.65
CA PRO D 260 11.31 -14.76 -26.86
C PRO D 260 10.31 -13.65 -26.65
N MET D 261 9.06 -14.00 -26.34
CA MET D 261 8.13 -13.03 -25.80
C MET D 261 8.04 -13.10 -24.28
N LEU D 262 8.02 -14.30 -23.71
CA LEU D 262 7.88 -14.41 -22.26
C LEU D 262 8.99 -13.69 -21.52
N ALA D 263 10.04 -13.26 -22.21
CA ALA D 263 11.15 -12.57 -21.57
C ALA D 263 10.73 -11.34 -20.79
N ASP D 264 9.64 -10.70 -21.16
CA ASP D 264 9.26 -9.47 -20.49
C ASP D 264 8.68 -9.75 -19.12
N ARG D 265 9.02 -8.89 -18.17
CA ARG D 265 8.46 -8.98 -16.82
C ARG D 265 6.94 -8.84 -16.85
N THR D 266 6.46 -7.66 -17.24
CA THR D 266 5.04 -7.36 -17.07
C THR D 266 4.20 -8.14 -18.06
N PHE D 267 4.73 -8.43 -19.24
CA PHE D 267 3.98 -9.23 -20.19
C PHE D 267 3.83 -10.66 -19.70
N ALA D 268 4.88 -11.21 -19.08
CA ALA D 268 4.76 -12.49 -18.43
C ALA D 268 3.70 -12.44 -17.33
N GLN D 269 3.74 -11.41 -16.50
CA GLN D 269 2.72 -11.27 -15.45
C GLN D 269 1.32 -11.24 -16.05
N PHE D 270 1.17 -10.54 -17.16
CA PHE D 270 -0.09 -10.47 -17.87
C PHE D 270 -0.55 -11.86 -18.31
N SER D 271 0.33 -12.58 -18.99
CA SER D 271 0.05 -13.96 -19.35
C SER D 271 -0.43 -14.74 -18.14
N GLN D 272 0.29 -14.62 -17.03
CA GLN D 272 -0.11 -15.29 -15.81
C GLN D 272 -1.53 -14.94 -15.42
N ASP D 273 -1.85 -13.64 -15.42
CA ASP D 273 -3.19 -13.21 -15.07
C ASP D 273 -4.24 -13.90 -15.93
N ILE D 274 -3.96 -14.03 -17.22
CA ILE D 274 -4.88 -14.76 -18.07
C ILE D 274 -5.14 -16.15 -17.51
N GLY D 275 -4.07 -16.85 -17.12
CA GLY D 275 -4.25 -18.10 -16.43
C GLY D 275 -5.11 -17.94 -15.19
N LEU D 276 -4.85 -16.89 -14.42
CA LEU D 276 -5.58 -16.70 -13.17
C LEU D 276 -7.07 -16.60 -13.44
N ALA D 277 -7.46 -16.17 -14.63
CA ALA D 277 -8.86 -16.25 -14.99
C ALA D 277 -9.37 -17.69 -14.95
N SER D 278 -8.56 -18.64 -15.38
CA SER D 278 -9.02 -19.99 -15.66
C SER D 278 -9.38 -20.80 -14.41
N LEU D 279 -9.09 -20.29 -13.22
CA LEU D 279 -9.21 -21.10 -12.02
C LEU D 279 -10.64 -21.60 -11.86
N GLY D 280 -10.84 -22.90 -12.08
CA GLY D 280 -12.15 -23.51 -12.00
C GLY D 280 -13.17 -22.91 -12.94
N ALA D 281 -12.75 -21.99 -13.81
CA ALA D 281 -13.64 -21.24 -14.68
C ALA D 281 -14.55 -22.18 -15.46
N SER D 282 -15.77 -21.73 -15.70
CA SER D 282 -16.77 -22.61 -16.29
C SER D 282 -16.39 -22.96 -17.72
N ASP D 283 -16.88 -24.13 -18.14
CA ASP D 283 -16.56 -24.66 -19.46
C ASP D 283 -16.69 -23.61 -20.55
N GLU D 284 -17.82 -22.92 -20.61
CA GLU D 284 -17.95 -21.87 -21.61
C GLU D 284 -17.12 -20.65 -21.24
N GLU D 285 -16.97 -20.34 -19.96
CA GLU D 285 -16.00 -19.32 -19.58
C GLU D 285 -14.60 -19.74 -20.01
N ILE D 286 -14.27 -21.02 -19.81
CA ILE D 286 -13.00 -21.54 -20.30
C ILE D 286 -12.87 -21.28 -21.79
N GLU D 287 -13.92 -21.58 -22.55
CA GLU D 287 -13.85 -21.36 -23.99
C GLU D 287 -13.61 -19.90 -24.29
N LYS D 288 -14.28 -19.01 -23.56
CA LYS D 288 -14.08 -17.59 -23.75
C LYS D 288 -12.63 -17.21 -23.50
N LEU D 289 -12.07 -17.70 -22.40
CA LEU D 289 -10.70 -17.36 -22.06
C LEU D 289 -9.73 -17.88 -23.10
N SER D 290 -9.91 -19.13 -23.50
CA SER D 290 -9.08 -19.69 -24.56
C SER D 290 -9.19 -18.88 -25.83
N THR D 291 -10.40 -18.47 -26.18
CA THR D 291 -10.59 -17.60 -27.33
C THR D 291 -9.78 -16.33 -27.17
N LEU D 292 -9.84 -15.74 -25.98
CA LEU D 292 -9.03 -14.56 -25.70
C LEU D 292 -7.56 -14.84 -25.97
N TYR D 293 -7.05 -15.92 -25.39
CA TYR D 293 -5.68 -16.35 -25.64
C TYR D 293 -5.39 -16.41 -27.13
N TRP D 294 -6.34 -16.93 -27.90
CA TRP D 294 -6.14 -17.04 -29.33
C TRP D 294 -5.77 -15.69 -29.93
N PHE D 295 -6.69 -14.74 -29.87
CA PHE D 295 -6.47 -13.44 -30.47
C PHE D 295 -5.48 -12.58 -29.70
N THR D 296 -4.91 -13.07 -28.62
CA THR D 296 -4.03 -12.23 -27.82
C THR D 296 -2.60 -12.72 -27.72
N VAL D 297 -2.33 -13.99 -27.92
CA VAL D 297 -1.04 -14.52 -27.50
C VAL D 297 -0.29 -15.09 -28.69
N GLU D 298 -0.83 -16.17 -29.26
CA GLU D 298 -0.23 -16.68 -30.47
C GLU D 298 -0.44 -15.71 -31.61
N PHE D 299 -1.54 -14.96 -31.55
CA PHE D 299 -1.96 -14.08 -32.63
C PHE D 299 -2.26 -12.71 -32.04
N GLY D 300 -1.22 -11.89 -31.92
CA GLY D 300 -1.36 -10.53 -31.42
C GLY D 300 -0.44 -9.56 -32.13
N LEU D 301 -0.90 -8.33 -32.29
CA LEU D 301 -0.14 -7.30 -32.99
C LEU D 301 0.18 -6.15 -32.05
N CYS D 302 1.46 -5.88 -31.89
CA CYS D 302 1.95 -4.75 -31.12
C CYS D 302 2.01 -3.51 -32.00
N LYS D 303 2.59 -2.45 -31.45
CA LYS D 303 2.68 -1.18 -32.18
C LYS D 303 3.88 -0.42 -31.66
N GLN D 304 5.01 -0.57 -32.36
CA GLN D 304 6.28 0.02 -31.96
C GLN D 304 6.50 1.32 -32.70
N ASN D 305 6.93 2.35 -31.97
CA ASN D 305 7.19 3.68 -32.52
C ASN D 305 5.92 4.28 -33.13
N GLY D 306 4.75 3.84 -32.67
CA GLY D 306 3.49 4.27 -33.23
C GLY D 306 3.04 3.45 -34.43
N GLU D 307 3.99 2.93 -35.20
CA GLU D 307 3.64 2.02 -36.28
C GLU D 307 3.44 0.62 -35.72
N VAL D 308 2.43 -0.06 -36.22
CA VAL D 308 2.09 -1.39 -35.72
C VAL D 308 3.23 -2.35 -36.04
N LYS D 309 3.51 -3.25 -35.09
CA LYS D 309 4.46 -4.34 -35.29
C LYS D 309 3.83 -5.63 -34.81
N ALA D 310 4.50 -6.75 -35.08
CA ALA D 310 3.97 -8.05 -34.74
C ALA D 310 4.52 -8.51 -33.41
N TYR D 311 3.65 -9.08 -32.57
CA TYR D 311 4.10 -9.67 -31.33
C TYR D 311 3.42 -10.99 -31.01
N GLY D 312 2.50 -11.46 -31.85
CA GLY D 312 1.82 -12.71 -31.57
C GLY D 312 2.72 -13.92 -31.70
N ALA D 313 2.59 -14.82 -30.72
CA ALA D 313 3.53 -15.93 -30.62
C ALA D 313 3.54 -16.76 -31.90
N GLY D 314 2.40 -17.35 -32.26
CA GLY D 314 2.31 -18.04 -33.53
C GLY D 314 2.70 -17.19 -34.70
N LEU D 315 2.24 -15.94 -34.74
CA LEU D 315 2.73 -15.02 -35.75
C LEU D 315 4.25 -14.93 -35.70
N LEU D 316 4.79 -14.77 -34.50
CA LEU D 316 6.24 -14.75 -34.30
C LEU D 316 6.82 -16.14 -34.39
N SER D 317 6.05 -17.08 -34.91
CA SER D 317 6.50 -18.44 -35.13
C SER D 317 6.22 -18.83 -36.59
N SER D 318 5.18 -18.25 -37.16
CA SER D 318 4.82 -18.52 -38.55
C SER D 318 5.79 -17.79 -39.46
N TYR D 319 5.96 -18.33 -40.66
CA TYR D 319 6.79 -17.64 -41.64
C TYR D 319 5.93 -16.92 -42.68
N GLY D 320 5.11 -17.66 -43.41
CA GLY D 320 4.27 -17.07 -44.43
C GLY D 320 3.03 -16.43 -43.88
N GLU D 321 2.36 -17.09 -42.95
CA GLU D 321 1.29 -16.42 -42.20
C GLU D 321 1.83 -15.16 -41.54
N LEU D 322 3.08 -15.18 -41.10
CA LEU D 322 3.67 -13.96 -40.57
C LEU D 322 3.59 -12.83 -41.59
N LEU D 323 3.98 -13.09 -42.83
CA LEU D 323 3.84 -12.10 -43.88
C LEU D 323 2.40 -11.73 -44.12
N HIS D 324 1.50 -12.71 -44.05
CA HIS D 324 0.07 -12.48 -44.20
C HIS D 324 -0.44 -11.43 -43.22
N CYS D 325 -0.24 -11.66 -41.92
CA CYS D 325 -0.84 -10.78 -40.92
C CYS D 325 -0.29 -9.37 -41.01
N LEU D 326 1.02 -9.22 -41.06
CA LEU D 326 1.61 -7.90 -41.22
C LEU D 326 1.13 -7.20 -42.47
N SER D 327 0.78 -7.95 -43.51
CA SER D 327 0.21 -7.34 -44.70
C SER D 327 -1.16 -6.75 -44.37
N GLU D 328 -1.68 -5.99 -45.33
CA GLU D 328 -2.88 -5.21 -45.11
C GLU D 328 -4.17 -6.01 -45.23
N GLU D 329 -4.22 -6.99 -46.12
CA GLU D 329 -5.44 -7.71 -46.42
C GLU D 329 -6.09 -8.39 -45.22
N PRO D 330 -5.37 -8.78 -44.16
CA PRO D 330 -6.06 -9.22 -42.95
C PRO D 330 -6.57 -8.06 -42.11
N GLU D 331 -7.71 -8.27 -41.48
CA GLU D 331 -8.37 -7.24 -40.68
C GLU D 331 -7.64 -7.09 -39.35
N ILE D 332 -7.59 -5.87 -38.84
CA ILE D 332 -6.93 -5.59 -37.58
C ILE D 332 -7.82 -4.64 -36.79
N ARG D 333 -8.58 -5.17 -35.85
CA ARG D 333 -9.15 -4.32 -34.82
C ARG D 333 -8.17 -4.18 -33.66
N ALA D 334 -8.66 -3.62 -32.57
CA ALA D 334 -7.85 -3.50 -31.36
C ALA D 334 -8.33 -4.49 -30.31
N PHE D 335 -7.50 -4.68 -29.29
CA PHE D 335 -7.78 -5.65 -28.25
C PHE D 335 -8.96 -5.21 -27.40
N ASP D 336 -9.88 -6.12 -27.13
CA ASP D 336 -10.96 -6.00 -26.17
C ASP D 336 -11.49 -7.38 -25.82
N PRO D 337 -11.41 -7.79 -24.55
CA PRO D 337 -11.89 -9.12 -24.16
C PRO D 337 -13.32 -9.35 -24.61
N GLU D 338 -14.20 -8.40 -24.28
CA GLU D 338 -15.57 -8.50 -24.73
C GLU D 338 -15.68 -8.56 -26.24
N ALA D 339 -15.02 -7.64 -26.96
CA ALA D 339 -14.99 -7.76 -28.41
C ALA D 339 -14.34 -9.06 -28.86
N ALA D 340 -13.39 -9.57 -28.09
CA ALA D 340 -12.82 -10.88 -28.37
C ALA D 340 -13.60 -12.01 -27.72
N ALA D 341 -14.60 -11.70 -26.90
CA ALA D 341 -15.31 -12.75 -26.18
C ALA D 341 -15.90 -13.77 -27.14
N VAL D 342 -16.65 -13.32 -28.13
CA VAL D 342 -17.20 -14.24 -29.12
C VAL D 342 -16.74 -13.86 -30.52
N GLN D 343 -15.62 -13.19 -30.62
CA GLN D 343 -15.07 -12.86 -31.93
C GLN D 343 -14.73 -14.14 -32.68
N PRO D 344 -15.34 -14.38 -33.83
CA PRO D 344 -15.10 -15.65 -34.54
C PRO D 344 -13.67 -15.79 -35.01
N TYR D 345 -13.33 -17.01 -35.41
CA TYR D 345 -12.01 -17.32 -35.94
C TYR D 345 -12.01 -18.72 -36.52
N GLN D 346 -11.13 -18.95 -37.49
CA GLN D 346 -10.79 -20.26 -37.98
C GLN D 346 -9.43 -20.64 -37.43
N ASP D 347 -8.91 -21.78 -37.87
CA ASP D 347 -7.61 -22.24 -37.41
C ASP D 347 -6.60 -22.51 -38.50
N GLN D 348 -7.03 -23.01 -39.67
CA GLN D 348 -6.09 -23.55 -40.64
C GLN D 348 -5.48 -22.49 -41.54
N THR D 349 -6.30 -21.81 -42.32
CA THR D 349 -5.75 -20.87 -43.29
C THR D 349 -5.29 -19.59 -42.60
N TYR D 350 -5.01 -18.59 -43.41
CA TYR D 350 -4.36 -17.40 -42.89
C TYR D 350 -5.36 -16.49 -42.21
N GLN D 351 -5.28 -16.45 -40.88
CA GLN D 351 -6.22 -15.69 -40.07
C GLN D 351 -6.24 -14.24 -40.51
N SER D 352 -7.43 -13.65 -40.54
CA SER D 352 -7.52 -12.27 -40.99
C SER D 352 -7.64 -11.30 -39.83
N VAL D 353 -8.70 -11.41 -39.05
CA VAL D 353 -9.06 -10.40 -38.06
C VAL D 353 -8.10 -10.49 -36.88
N TYR D 354 -7.59 -9.32 -36.46
CA TYR D 354 -6.69 -9.24 -35.31
C TYR D 354 -7.13 -8.10 -34.41
N PHE D 355 -6.76 -8.23 -33.13
CA PHE D 355 -7.09 -7.28 -32.08
C PHE D 355 -5.81 -6.57 -31.69
N VAL D 356 -5.46 -5.50 -32.41
CA VAL D 356 -4.14 -4.89 -32.26
C VAL D 356 -3.93 -4.46 -30.82
N SER D 357 -2.67 -4.44 -30.40
CA SER D 357 -2.29 -4.14 -29.04
C SER D 357 -1.45 -2.88 -29.01
N GLU D 358 -1.81 -1.95 -28.11
CA GLU D 358 -1.04 -0.73 -27.97
C GLU D 358 0.10 -0.91 -26.99
N SER D 359 -0.21 -1.38 -25.78
CA SER D 359 0.80 -1.65 -24.77
C SER D 359 0.33 -2.79 -23.91
N PHE D 360 1.29 -3.59 -23.45
CA PHE D 360 0.99 -4.72 -22.59
C PHE D 360 0.17 -4.29 -21.38
N SER D 361 0.43 -3.08 -20.90
CA SER D 361 -0.36 -2.54 -19.79
C SER D 361 -1.83 -2.57 -20.12
N ASP D 362 -2.22 -2.04 -21.29
CA ASP D 362 -3.61 -2.05 -21.71
C ASP D 362 -4.21 -3.44 -21.65
N ALA D 363 -3.44 -4.42 -22.14
CA ALA D 363 -3.87 -5.80 -22.06
C ALA D 363 -4.15 -6.20 -20.63
N LYS D 364 -3.18 -5.99 -19.74
CA LYS D 364 -3.37 -6.27 -18.33
C LYS D 364 -4.64 -5.59 -17.81
N ASP D 365 -4.89 -4.38 -18.26
CA ASP D 365 -6.01 -3.61 -17.72
C ASP D 365 -7.33 -4.25 -18.10
N LYS D 366 -7.55 -4.47 -19.39
CA LYS D 366 -8.83 -5.04 -19.79
C LYS D 366 -8.93 -6.49 -19.34
N LEU D 367 -7.80 -7.12 -19.06
CA LEU D 367 -7.84 -8.43 -18.43
C LEU D 367 -8.40 -8.35 -17.03
N ARG D 368 -7.86 -7.44 -16.22
CA ARG D 368 -8.43 -7.20 -14.90
C ARG D 368 -9.92 -6.91 -15.03
N SER D 369 -10.27 -6.08 -16.00
CA SER D 369 -11.66 -5.77 -16.24
C SER D 369 -12.50 -7.02 -16.42
N TYR D 370 -12.18 -7.82 -17.42
CA TYR D 370 -13.02 -8.98 -17.69
C TYR D 370 -13.01 -9.95 -16.52
N ALA D 371 -11.82 -10.31 -16.05
CA ALA D 371 -11.71 -11.17 -14.88
C ALA D 371 -12.62 -10.73 -13.75
N SER D 372 -12.63 -9.44 -13.43
CA SER D 372 -13.58 -8.93 -12.47
C SER D 372 -15.01 -9.26 -12.91
N ARG D 373 -15.42 -8.74 -14.06
CA ARG D 373 -16.76 -9.02 -14.55
C ARG D 373 -16.93 -10.48 -14.93
N ILE D 374 -15.85 -11.25 -15.03
CA ILE D 374 -16.00 -12.69 -15.05
C ILE D 374 -16.57 -13.13 -13.72
N GLN D 375 -17.77 -13.67 -13.74
CA GLN D 375 -18.38 -14.15 -12.52
C GLN D 375 -17.54 -15.27 -11.93
N ARG D 376 -17.48 -15.31 -10.60
CA ARG D 376 -16.67 -16.32 -9.92
C ARG D 376 -17.15 -16.43 -8.49
N PRO D 377 -17.33 -17.64 -7.96
CA PRO D 377 -17.72 -17.77 -6.55
C PRO D 377 -16.60 -17.48 -5.57
N PHE D 378 -15.48 -16.94 -6.04
CA PHE D 378 -14.28 -16.83 -5.23
C PHE D 378 -13.32 -15.89 -5.96
N SER D 379 -12.08 -15.86 -5.48
CA SER D 379 -10.99 -15.27 -6.22
C SER D 379 -9.72 -16.03 -5.87
N VAL D 380 -8.67 -15.76 -6.62
CA VAL D 380 -7.40 -16.47 -6.45
C VAL D 380 -6.27 -15.48 -6.58
N LYS D 381 -5.19 -15.73 -5.85
CA LYS D 381 -3.96 -14.98 -5.98
C LYS D 381 -2.82 -15.98 -5.99
N PHE D 382 -1.64 -15.54 -6.41
CA PHE D 382 -0.51 -16.44 -6.53
C PHE D 382 0.55 -16.05 -5.50
N ASP D 383 0.94 -17.00 -4.66
CA ASP D 383 2.03 -16.69 -3.74
C ASP D 383 3.35 -16.83 -4.46
N PRO D 384 4.13 -15.75 -4.55
CA PRO D 384 5.44 -15.85 -5.21
C PRO D 384 6.45 -16.64 -4.42
N TYR D 385 6.33 -16.69 -3.10
CA TYR D 385 7.32 -17.40 -2.31
C TYR D 385 7.17 -18.89 -2.53
N THR D 386 5.98 -19.41 -2.26
CA THR D 386 5.70 -20.83 -2.38
C THR D 386 5.28 -21.23 -3.77
N LEU D 387 5.20 -20.27 -4.70
CA LEU D 387 4.79 -20.55 -6.06
C LEU D 387 3.39 -21.15 -6.12
N ALA D 388 2.62 -21.00 -5.06
CA ALA D 388 1.31 -21.61 -5.00
C ALA D 388 0.23 -20.55 -5.19
N ILE D 389 -1.02 -21.01 -5.27
CA ILE D 389 -2.16 -20.12 -5.45
C ILE D 389 -2.62 -19.66 -4.08
N ASP D 390 -3.28 -18.51 -4.04
CA ASP D 390 -3.78 -17.94 -2.81
C ASP D 390 -5.29 -17.88 -2.91
N VAL D 391 -5.97 -18.76 -2.17
CA VAL D 391 -7.41 -18.86 -2.27
C VAL D 391 -8.04 -17.61 -1.66
N LEU D 392 -8.92 -16.97 -2.43
CA LEU D 392 -9.56 -15.75 -1.98
C LEU D 392 -11.07 -15.98 -1.95
N ASP D 393 -11.57 -16.21 -0.75
CA ASP D 393 -12.98 -16.51 -0.51
C ASP D 393 -13.53 -15.78 0.69
N SER D 394 -12.66 -15.20 1.51
CA SER D 394 -13.09 -14.58 2.76
C SER D 394 -12.30 -13.31 2.96
N PRO D 395 -12.86 -12.33 3.66
CA PRO D 395 -12.05 -11.19 4.09
C PRO D 395 -10.79 -11.63 4.79
N GLN D 396 -10.81 -12.78 5.45
CA GLN D 396 -9.65 -13.21 6.22
C GLN D 396 -8.46 -13.53 5.33
N ALA D 397 -8.71 -14.18 4.19
CA ALA D 397 -7.62 -14.47 3.27
C ALA D 397 -7.03 -13.18 2.72
N VAL D 398 -7.89 -12.25 2.32
CA VAL D 398 -7.41 -10.94 1.90
C VAL D 398 -6.55 -10.35 2.99
N ARG D 399 -6.97 -10.49 4.24
CA ARG D 399 -6.24 -9.89 5.35
C ARG D 399 -4.85 -10.48 5.45
N ARG D 400 -4.78 -11.81 5.51
CA ARG D 400 -3.48 -12.46 5.63
C ARG D 400 -2.57 -12.13 4.45
N SER D 401 -3.13 -11.91 3.27
CA SER D 401 -2.29 -11.51 2.14
C SER D 401 -1.78 -10.10 2.30
N LEU D 402 -2.69 -9.16 2.54
CA LEU D 402 -2.27 -7.78 2.66
C LEU D 402 -1.34 -7.57 3.84
N GLU D 403 -1.36 -8.47 4.81
CA GLU D 403 -0.38 -8.40 5.88
C GLU D 403 1.04 -8.43 5.31
N GLY D 404 1.38 -9.50 4.60
CA GLY D 404 2.66 -9.55 3.94
C GLY D 404 2.87 -8.41 2.98
N VAL D 405 1.79 -7.96 2.33
CA VAL D 405 1.91 -6.78 1.48
C VAL D 405 2.48 -5.61 2.27
N GLN D 406 1.84 -5.25 3.38
CA GLN D 406 2.36 -4.19 4.23
C GLN D 406 3.77 -4.49 4.69
N ASP D 407 4.09 -5.76 4.91
CA ASP D 407 5.44 -6.11 5.30
C ASP D 407 6.44 -5.65 4.27
N GLU D 408 6.27 -6.10 3.03
CA GLU D 408 7.16 -5.62 1.98
C GLU D 408 7.11 -4.11 1.85
N LEU D 409 5.95 -3.53 2.08
CA LEU D 409 5.83 -2.08 2.01
C LEU D 409 6.76 -1.38 2.98
N ASP D 410 6.67 -1.69 4.27
CA ASP D 410 7.57 -1.05 5.21
C ASP D 410 9.00 -1.47 4.97
N THR D 411 9.22 -2.62 4.35
CA THR D 411 10.57 -2.94 3.90
C THR D 411 11.07 -1.87 2.94
N LEU D 412 10.26 -1.55 1.94
CA LEU D 412 10.60 -0.45 1.04
C LEU D 412 10.79 0.84 1.80
N ALA D 413 9.95 1.08 2.80
CA ALA D 413 10.03 2.31 3.57
C ALA D 413 11.35 2.44 4.30
N HIS D 414 11.74 1.40 5.03
CA HIS D 414 13.03 1.39 5.70
C HIS D 414 14.16 1.52 4.71
N ALA D 415 14.09 0.81 3.58
CA ALA D 415 15.11 0.99 2.56
C ALA D 415 15.21 2.44 2.15
N LEU D 416 14.07 3.07 1.86
CA LEU D 416 14.04 4.46 1.47
C LEU D 416 14.68 5.36 2.51
N SER D 417 14.28 5.23 3.77
CA SER D 417 14.94 5.99 4.82
C SER D 417 16.43 5.75 4.82
N ALA D 418 16.85 4.52 4.56
CA ALA D 418 18.28 4.23 4.51
C ALA D 418 18.93 4.92 3.33
N ILE D 419 18.35 4.78 2.14
CA ILE D 419 18.97 5.34 0.95
C ILE D 419 19.02 6.85 1.11
N GLY D 420 20.11 7.44 0.65
CA GLY D 420 20.38 8.84 0.90
C GLY D 420 20.86 9.04 2.32
#